data_9FJO
#
_entry.id   9FJO
#
_cell.length_a   1.00
_cell.length_b   1.00
_cell.length_c   1.00
_cell.angle_alpha   90.00
_cell.angle_beta   90.00
_cell.angle_gamma   90.00
#
_symmetry.space_group_name_H-M   'P 1'
#
loop_
_entity.id
_entity.type
_entity.pdbx_description
1 polymer 'Actin, alpha skeletal muscle'
2 non-polymer "ADENOSINE-5'-DIPHOSPHATE"
3 non-polymer 'MAGNESIUM ION'
#
_entity_poly.entity_id   1
_entity_poly.type   'polypeptide(L)'
_entity_poly.pdbx_seq_one_letter_code
;DEDETTALVCDNGSGLVKAGFAGDDAPRAVFPSIVGRPRHQGVMVGMGQKDSYVGDEAQSKRGILTLKYPIE(HIC)GII
TNWDDMEKIWHHTFYNELRVAPEEHPTLLTEAPLNPKANREKMTQIMFETFNVPAMYVAIQAVLSLYASGRTTGIVLDSG
DGVTHNVPIYEGYALPHAIMRLDLAGRDLTDYLMKILTERGYSFVTTAEREIVRDIKEKLCYVALDFENEMATAASSSSL
EKSYELPDGQVITIGNERFRCPETLFQPSFIGMESAGIHETTYNSIMKCDIDIRKDLYANNVMSGGTTMYPGIADRMQKE
ITALAPSTMKIKIIAPPERKYSVWIGGSILASLSTFQQMWITKQEYDEAGPSIVHRKCF
;
_entity_poly.pdbx_strand_id   A,B,C,D
#
loop_
_chem_comp.id
_chem_comp.type
_chem_comp.name
_chem_comp.formula
ADP non-polymer ADENOSINE-5'-DIPHOSPHATE 'C10 H15 N5 O10 P2'
MG non-polymer 'MAGNESIUM ION' 'Mg 2'
#
# COMPACT_ATOMS: atom_id res chain seq x y z
N THR A 6 -14.67 -19.63 -49.50
CA THR A 6 -14.65 -18.21 -49.10
C THR A 6 -15.63 -17.95 -47.97
N ALA A 7 -15.66 -16.71 -47.50
CA ALA A 7 -16.55 -16.28 -46.43
C ALA A 7 -17.33 -15.06 -46.87
N LEU A 8 -18.22 -14.58 -45.99
CA LEU A 8 -19.05 -13.42 -46.25
C LEU A 8 -18.70 -12.35 -45.22
N VAL A 9 -18.24 -11.19 -45.68
CA VAL A 9 -17.85 -10.09 -44.81
C VAL A 9 -18.89 -8.98 -44.97
N CYS A 10 -19.58 -8.66 -43.88
CA CYS A 10 -20.62 -7.64 -43.88
C CYS A 10 -20.33 -6.63 -42.77
N ASP A 11 -20.50 -5.36 -43.09
CA ASP A 11 -20.28 -4.27 -42.14
C ASP A 11 -21.62 -3.64 -41.79
N ASN A 12 -21.95 -3.63 -40.50
CA ASN A 12 -23.22 -3.09 -40.02
C ASN A 12 -23.05 -1.61 -39.69
N GLY A 13 -22.95 -0.82 -40.75
CA GLY A 13 -22.77 0.60 -40.59
C GLY A 13 -24.05 1.32 -40.22
N SER A 14 -23.88 2.52 -39.65
CA SER A 14 -25.03 3.33 -39.26
C SER A 14 -25.84 3.76 -40.48
N GLY A 15 -25.16 4.22 -41.53
CA GLY A 15 -25.85 4.70 -42.71
C GLY A 15 -25.69 3.82 -43.92
N LEU A 16 -24.52 3.20 -44.07
CA LEU A 16 -24.23 2.35 -45.21
C LEU A 16 -23.84 0.95 -44.72
N VAL A 17 -24.36 -0.07 -45.41
CA VAL A 17 -24.06 -1.46 -45.09
C VAL A 17 -23.25 -2.03 -46.25
N LYS A 18 -22.06 -2.52 -45.95
CA LYS A 18 -21.18 -3.10 -46.95
C LYS A 18 -21.31 -4.62 -46.94
N ALA A 19 -21.04 -5.23 -48.09
CA ALA A 19 -21.10 -6.68 -48.22
C ALA A 19 -20.12 -7.11 -49.29
N GLY A 20 -19.71 -8.37 -49.22
CA GLY A 20 -18.76 -8.91 -50.18
C GLY A 20 -18.21 -10.24 -49.71
N PHE A 21 -17.09 -10.62 -50.32
CA PHE A 21 -16.42 -11.87 -50.01
C PHE A 21 -15.01 -11.60 -49.52
N ALA A 22 -14.45 -12.57 -48.81
CA ALA A 22 -13.08 -12.45 -48.34
C ALA A 22 -12.10 -12.67 -49.48
N GLY A 23 -11.33 -11.63 -49.80
CA GLY A 23 -10.38 -11.72 -50.89
C GLY A 23 -10.43 -10.54 -51.84
N ASP A 24 -11.56 -9.84 -51.85
CA ASP A 24 -11.72 -8.66 -52.70
C ASP A 24 -10.99 -7.47 -52.09
N ASP A 25 -10.70 -6.49 -52.94
CA ASP A 25 -10.11 -5.24 -52.50
C ASP A 25 -11.16 -4.16 -52.22
N ALA A 26 -12.44 -4.48 -52.41
CA ALA A 26 -13.53 -3.53 -52.16
C ALA A 26 -14.81 -4.33 -52.01
N PRO A 27 -15.76 -3.85 -51.19
CA PRO A 27 -17.05 -4.53 -51.07
C PRO A 27 -17.77 -4.59 -52.41
N ARG A 28 -18.43 -5.72 -52.67
CA ARG A 28 -19.15 -5.88 -53.93
C ARG A 28 -20.42 -5.04 -53.96
N ALA A 29 -21.19 -5.05 -52.87
CA ALA A 29 -22.46 -4.34 -52.82
C ALA A 29 -22.52 -3.52 -51.53
N VAL A 30 -22.61 -2.20 -51.69
CA VAL A 30 -22.81 -1.27 -50.57
C VAL A 30 -24.05 -0.45 -50.86
N PHE A 31 -24.98 -0.41 -49.91
CA PHE A 31 -26.25 0.28 -50.08
C PHE A 31 -26.58 1.07 -48.83
N PRO A 32 -27.29 2.19 -48.97
CA PRO A 32 -27.71 2.96 -47.79
C PRO A 32 -28.87 2.27 -47.09
N SER A 33 -28.55 1.31 -46.22
CA SER A 33 -29.57 0.43 -45.67
C SER A 33 -30.57 1.21 -44.83
N ILE A 34 -31.84 1.13 -45.23
CA ILE A 34 -32.95 1.74 -44.51
C ILE A 34 -34.13 0.78 -44.58
N VAL A 35 -34.91 0.71 -43.52
CA VAL A 35 -36.07 -0.19 -43.49
C VAL A 35 -37.33 0.61 -43.78
N GLY A 36 -38.28 -0.03 -44.46
CA GLY A 36 -39.52 0.64 -44.83
C GLY A 36 -40.74 -0.20 -44.57
N ARG A 37 -41.74 0.39 -43.90
CA ARG A 37 -42.98 -0.28 -43.59
C ARG A 37 -44.14 0.62 -44.00
N PRO A 38 -45.20 0.07 -44.59
CA PRO A 38 -46.34 0.91 -45.00
C PRO A 38 -46.99 1.59 -43.79
N ARG A 39 -47.45 2.82 -44.02
CA ARG A 39 -48.10 3.59 -42.96
C ARG A 39 -49.60 3.62 -43.16
N LYS A 50 -44.32 -5.76 -51.46
CA LYS A 50 -44.65 -4.44 -50.95
C LYS A 50 -44.86 -4.47 -49.44
N ASP A 51 -44.70 -5.66 -48.85
CA ASP A 51 -44.85 -5.80 -47.40
C ASP A 51 -43.79 -5.01 -46.66
N SER A 52 -42.55 -5.06 -47.14
CA SER A 52 -41.45 -4.33 -46.52
C SER A 52 -40.49 -3.86 -47.60
N TYR A 53 -39.79 -2.76 -47.31
CA TYR A 53 -38.83 -2.17 -48.22
C TYR A 53 -37.50 -1.97 -47.49
N VAL A 54 -36.40 -2.26 -48.18
CA VAL A 54 -35.07 -2.15 -47.59
C VAL A 54 -34.09 -1.74 -48.67
N GLY A 55 -33.23 -0.78 -48.36
CA GLY A 55 -32.20 -0.34 -49.27
C GLY A 55 -32.58 0.86 -50.11
N ASP A 56 -32.01 0.96 -51.31
CA ASP A 56 -32.32 2.07 -52.20
C ASP A 56 -33.78 2.06 -52.65
N GLU A 57 -34.43 0.90 -52.66
CA GLU A 57 -35.84 0.83 -53.05
C GLU A 57 -36.71 1.59 -52.06
N ALA A 58 -36.39 1.49 -50.76
CA ALA A 58 -37.16 2.19 -49.74
C ALA A 58 -36.97 3.69 -49.81
N GLN A 59 -35.89 4.17 -50.43
CA GLN A 59 -35.73 5.61 -50.63
C GLN A 59 -36.85 6.18 -51.49
N SER A 60 -37.19 5.47 -52.57
CA SER A 60 -38.36 5.84 -53.36
C SER A 60 -39.64 5.51 -52.60
N LYS A 61 -40.72 6.20 -52.97
CA LYS A 61 -42.04 6.08 -52.32
C LYS A 61 -41.95 6.10 -50.80
N ARG A 62 -40.94 6.82 -50.27
CA ARG A 62 -40.74 6.88 -48.83
C ARG A 62 -41.89 7.57 -48.11
N GLY A 63 -42.70 8.35 -48.84
CA GLY A 63 -43.80 9.06 -48.20
C GLY A 63 -44.83 8.11 -47.60
N ILE A 64 -45.07 6.98 -48.27
CA ILE A 64 -46.06 6.02 -47.80
C ILE A 64 -45.38 4.94 -46.96
N LEU A 65 -44.09 5.14 -46.67
CA LEU A 65 -43.30 4.17 -45.90
C LEU A 65 -42.79 4.82 -44.63
N THR A 66 -42.52 3.98 -43.63
CA THR A 66 -41.97 4.41 -42.35
C THR A 66 -40.46 4.19 -42.40
N LEU A 67 -39.73 5.28 -42.62
CA LEU A 67 -38.27 5.23 -42.70
C LEU A 67 -37.68 5.50 -41.32
N LYS A 68 -36.96 4.53 -40.77
CA LYS A 68 -36.31 4.67 -39.48
C LYS A 68 -34.93 4.07 -39.55
N TYR A 69 -34.04 4.53 -38.66
CA TYR A 69 -32.66 4.08 -38.64
C TYR A 69 -32.53 2.93 -37.66
N PRO A 70 -32.29 1.69 -38.11
CA PRO A 70 -32.08 0.59 -37.16
C PRO A 70 -30.77 0.72 -36.41
N ILE A 71 -29.66 0.84 -37.15
CA ILE A 71 -28.33 0.75 -36.58
C ILE A 71 -27.87 2.06 -35.95
N GLU A 72 -28.65 3.13 -36.09
CA GLU A 72 -28.31 4.47 -35.58
C GLU A 72 -27.62 4.45 -34.22
N HIC A 73 -26.62 5.31 -34.07
CA HIC A 73 -25.76 5.36 -32.88
C HIC A 73 -25.02 4.04 -32.68
O HIC A 73 -24.61 3.71 -31.57
CB HIC A 73 -26.58 5.71 -31.63
CG HIC A 73 -27.26 7.03 -31.76
ND1 HIC A 73 -26.59 8.15 -32.18
CD2 HIC A 73 -28.56 7.35 -31.49
CE1 HIC A 73 -27.47 9.11 -32.17
NE2 HIC A 73 -28.69 8.68 -31.75
CZ HIC A 73 -29.88 9.49 -31.62
N GLY A 74 -24.83 3.29 -33.76
CA GLY A 74 -23.96 2.12 -33.76
C GLY A 74 -24.42 0.90 -32.98
N ILE A 75 -25.67 0.90 -32.52
CA ILE A 75 -26.21 -0.19 -31.72
C ILE A 75 -27.56 -0.59 -32.31
N ILE A 76 -27.85 -1.89 -32.30
CA ILE A 76 -28.93 -2.45 -33.11
C ILE A 76 -30.28 -1.86 -32.70
N THR A 77 -30.68 -2.06 -31.45
CA THR A 77 -31.88 -1.46 -30.86
C THR A 77 -33.18 -1.92 -31.51
N ASN A 78 -33.09 -2.75 -32.56
CA ASN A 78 -34.31 -3.20 -33.25
C ASN A 78 -33.96 -4.48 -34.00
N TRP A 79 -34.38 -5.63 -33.46
CA TRP A 79 -33.98 -6.91 -34.03
C TRP A 79 -34.87 -7.34 -35.18
N ASP A 80 -36.13 -6.90 -35.20
CA ASP A 80 -36.99 -7.21 -36.33
C ASP A 80 -36.50 -6.55 -37.61
N ASP A 81 -36.10 -5.27 -37.52
CA ASP A 81 -35.58 -4.57 -38.69
C ASP A 81 -34.20 -5.07 -39.09
N MET A 82 -33.39 -5.50 -38.12
CA MET A 82 -32.04 -5.96 -38.43
C MET A 82 -32.06 -7.23 -39.26
N GLU A 83 -32.98 -8.15 -38.96
CA GLU A 83 -33.07 -9.39 -39.74
C GLU A 83 -33.48 -9.10 -41.18
N LYS A 84 -34.25 -8.04 -41.41
CA LYS A 84 -34.62 -7.68 -42.78
C LYS A 84 -33.39 -7.24 -43.58
N ILE A 85 -32.50 -6.49 -42.94
CA ILE A 85 -31.30 -5.99 -43.63
C ILE A 85 -30.40 -7.15 -44.03
N TRP A 86 -30.17 -8.09 -43.11
CA TRP A 86 -29.33 -9.24 -43.42
C TRP A 86 -29.97 -10.12 -44.49
N HIS A 87 -31.30 -10.23 -44.48
CA HIS A 87 -31.98 -10.97 -45.54
C HIS A 87 -31.79 -10.29 -46.89
N HIS A 88 -31.81 -8.95 -46.91
CA HIS A 88 -31.63 -8.22 -48.15
C HIS A 88 -30.20 -8.34 -48.68
N THR A 89 -29.21 -8.28 -47.79
CA THR A 89 -27.82 -8.20 -48.21
C THR A 89 -27.28 -9.53 -48.71
N PHE A 90 -27.99 -10.64 -48.50
CA PHE A 90 -27.54 -11.94 -48.97
C PHE A 90 -28.34 -12.44 -50.17
N TYR A 91 -29.67 -12.48 -50.05
CA TYR A 91 -30.50 -12.99 -51.13
C TYR A 91 -30.59 -12.01 -52.30
N ASN A 92 -30.67 -10.72 -52.00
CA ASN A 92 -30.96 -9.71 -53.03
C ASN A 92 -29.72 -8.94 -53.47
N GLU A 93 -28.70 -8.84 -52.62
CA GLU A 93 -27.54 -8.01 -52.95
C GLU A 93 -26.41 -8.85 -53.55
N LEU A 94 -26.32 -10.12 -53.17
CA LEU A 94 -25.23 -10.98 -53.63
C LEU A 94 -25.68 -12.25 -54.33
N ARG A 95 -26.99 -12.55 -54.34
CA ARG A 95 -27.51 -13.84 -54.83
C ARG A 95 -26.79 -15.00 -54.16
N VAL A 96 -26.58 -14.89 -52.85
CA VAL A 96 -25.76 -15.83 -52.09
C VAL A 96 -26.61 -16.49 -51.01
N ALA A 97 -26.55 -17.81 -50.95
CA ALA A 97 -27.26 -18.55 -49.91
C ALA A 97 -26.46 -18.50 -48.62
N PRO A 98 -27.01 -17.95 -47.54
CA PRO A 98 -26.23 -17.81 -46.30
C PRO A 98 -25.79 -19.13 -45.68
N GLU A 99 -26.58 -20.19 -45.83
CA GLU A 99 -26.26 -21.45 -45.16
C GLU A 99 -25.09 -22.19 -45.79
N GLU A 100 -24.60 -21.75 -46.94
CA GLU A 100 -23.51 -22.45 -47.62
C GLU A 100 -22.14 -21.86 -47.37
N HIS A 101 -22.05 -20.60 -46.95
CA HIS A 101 -20.77 -19.96 -46.72
C HIS A 101 -20.76 -19.27 -45.36
N PRO A 102 -19.60 -19.25 -44.69
CA PRO A 102 -19.52 -18.57 -43.40
C PRO A 102 -19.69 -17.07 -43.54
N THR A 103 -20.18 -16.45 -42.47
CA THR A 103 -20.43 -15.02 -42.43
C THR A 103 -19.66 -14.39 -41.28
N LEU A 104 -18.97 -13.29 -41.57
CA LEU A 104 -18.21 -12.54 -40.56
C LEU A 104 -18.86 -11.17 -40.41
N LEU A 105 -19.41 -10.91 -39.24
CA LEU A 105 -20.05 -9.63 -38.93
C LEU A 105 -19.11 -8.73 -38.14
N THR A 106 -19.42 -7.44 -38.13
CA THR A 106 -18.65 -6.45 -37.39
C THR A 106 -19.53 -5.84 -36.31
N GLU A 107 -19.02 -5.85 -35.07
CA GLU A 107 -19.72 -5.26 -33.94
C GLU A 107 -19.31 -3.80 -33.81
N ALA A 108 -19.66 -3.19 -32.68
CA ALA A 108 -19.28 -1.81 -32.40
C ALA A 108 -18.58 -1.75 -31.05
N PRO A 109 -17.66 -0.80 -30.87
CA PRO A 109 -16.98 -0.68 -29.57
C PRO A 109 -17.99 -0.33 -28.47
N LEU A 110 -17.72 -0.86 -27.27
CA LEU A 110 -18.59 -0.70 -26.11
C LEU A 110 -20.01 -1.18 -26.42
N ASN A 111 -20.09 -2.45 -26.79
CA ASN A 111 -21.35 -3.11 -27.11
C ASN A 111 -21.75 -4.06 -26.00
N PRO A 112 -23.03 -4.12 -25.64
CA PRO A 112 -23.46 -5.04 -24.58
C PRO A 112 -23.22 -6.49 -24.98
N LYS A 113 -22.91 -7.31 -23.98
CA LYS A 113 -22.72 -8.74 -24.24
C LYS A 113 -23.99 -9.39 -24.74
N ALA A 114 -25.14 -8.97 -24.21
CA ALA A 114 -26.42 -9.51 -24.69
C ALA A 114 -26.69 -9.09 -26.12
N ASN A 115 -26.21 -7.92 -26.54
CA ASN A 115 -26.36 -7.51 -27.93
C ASN A 115 -25.61 -8.44 -28.86
N ARG A 116 -24.38 -8.81 -28.49
CA ARG A 116 -23.63 -9.81 -29.26
C ARG A 116 -24.26 -11.19 -29.10
N GLU A 117 -24.91 -11.43 -27.96
CA GLU A 117 -25.54 -12.73 -27.70
C GLU A 117 -26.66 -12.99 -28.70
N LYS A 118 -27.50 -11.98 -28.96
CA LYS A 118 -28.62 -12.15 -29.88
C LYS A 118 -28.13 -12.30 -31.32
N MET A 119 -27.06 -11.59 -31.68
CA MET A 119 -26.55 -11.65 -33.04
C MET A 119 -26.11 -13.06 -33.40
N THR A 120 -25.51 -13.78 -32.46
CA THR A 120 -25.11 -15.16 -32.70
C THR A 120 -26.33 -16.06 -32.93
N GLN A 121 -27.39 -15.86 -32.15
CA GLN A 121 -28.55 -16.73 -32.25
C GLN A 121 -29.31 -16.52 -33.56
N ILE A 122 -29.37 -15.28 -34.05
CA ILE A 122 -30.25 -14.96 -35.16
C ILE A 122 -29.81 -15.69 -36.43
N MET A 123 -28.52 -15.60 -36.76
CA MET A 123 -28.06 -16.24 -38.00
C MET A 123 -27.92 -17.75 -37.84
N PHE A 124 -27.59 -18.23 -36.63
CA PHE A 124 -27.49 -19.67 -36.42
C PHE A 124 -28.84 -20.37 -36.46
N GLU A 125 -29.95 -19.64 -36.37
CA GLU A 125 -31.28 -20.22 -36.40
C GLU A 125 -32.05 -19.79 -37.64
N THR A 126 -32.21 -18.48 -37.87
CA THR A 126 -32.97 -18.02 -39.02
C THR A 126 -32.21 -18.27 -40.32
N PHE A 127 -30.91 -18.00 -40.34
CA PHE A 127 -30.11 -18.15 -41.55
C PHE A 127 -29.34 -19.45 -41.61
N ASN A 128 -29.03 -20.04 -40.46
CA ASN A 128 -28.32 -21.32 -40.37
C ASN A 128 -26.97 -21.25 -41.10
N VAL A 129 -26.22 -20.19 -40.83
CA VAL A 129 -24.88 -20.06 -41.43
C VAL A 129 -23.97 -21.12 -40.84
N PRO A 130 -23.02 -21.67 -41.62
CA PRO A 130 -22.16 -22.74 -41.08
C PRO A 130 -21.21 -22.25 -39.99
N ALA A 131 -20.56 -21.12 -40.23
CA ALA A 131 -19.58 -20.58 -39.30
C ALA A 131 -19.86 -19.11 -39.05
N MET A 132 -19.52 -18.65 -37.84
CA MET A 132 -19.80 -17.29 -37.42
C MET A 132 -18.61 -16.72 -36.67
N TYR A 133 -18.39 -15.41 -36.83
CA TYR A 133 -17.44 -14.68 -36.01
C TYR A 133 -17.78 -13.20 -36.09
N VAL A 134 -17.69 -12.51 -34.96
CA VAL A 134 -17.96 -11.08 -34.87
C VAL A 134 -16.71 -10.39 -34.35
N ALA A 135 -16.42 -9.21 -34.91
CA ALA A 135 -15.22 -8.47 -34.56
C ALA A 135 -15.57 -7.00 -34.37
N ILE A 136 -14.82 -6.34 -33.49
CA ILE A 136 -15.01 -4.92 -33.26
C ILE A 136 -14.61 -4.15 -34.51
N GLN A 137 -15.40 -3.13 -34.87
CA GLN A 137 -15.14 -2.37 -36.08
C GLN A 137 -13.81 -1.64 -36.00
N ALA A 138 -13.46 -1.11 -34.82
CA ALA A 138 -12.21 -0.37 -34.67
C ALA A 138 -11.00 -1.30 -34.78
N VAL A 139 -11.14 -2.54 -34.30
CA VAL A 139 -10.04 -3.50 -34.40
C VAL A 139 -9.74 -3.81 -35.87
N LEU A 140 -10.78 -4.03 -36.67
CA LEU A 140 -10.57 -4.35 -38.08
C LEU A 140 -9.93 -3.19 -38.82
N SER A 141 -10.29 -1.96 -38.46
CA SER A 141 -9.64 -0.80 -39.06
C SER A 141 -8.15 -0.77 -38.71
N LEU A 142 -7.80 -1.27 -37.52
CA LEU A 142 -6.40 -1.38 -37.16
C LEU A 142 -5.72 -2.52 -37.91
N TYR A 143 -6.46 -3.60 -38.17
CA TYR A 143 -5.91 -4.73 -38.92
C TYR A 143 -5.59 -4.32 -40.37
N ALA A 144 -6.44 -3.47 -40.96
CA ALA A 144 -6.27 -3.09 -42.35
C ALA A 144 -4.93 -2.41 -42.58
N SER A 145 -4.55 -1.51 -41.67
CA SER A 145 -3.24 -0.87 -41.76
C SER A 145 -2.11 -1.82 -41.39
N GLY A 146 -2.41 -3.00 -40.88
CA GLY A 146 -1.37 -3.94 -40.48
C GLY A 146 -0.67 -3.57 -39.20
N ARG A 147 -1.29 -2.74 -38.38
CA ARG A 147 -0.69 -2.27 -37.14
C ARG A 147 -1.18 -3.07 -35.95
N THR A 148 -0.45 -2.97 -34.84
CA THR A 148 -0.81 -3.61 -33.59
C THR A 148 -1.16 -2.63 -32.48
N THR A 149 -0.51 -1.49 -32.41
CA THR A 149 -0.73 -0.49 -31.39
C THR A 149 -1.17 0.81 -32.03
N GLY A 150 -2.20 1.42 -31.47
CA GLY A 150 -2.68 2.70 -31.97
C GLY A 150 -4.08 2.98 -31.46
N ILE A 151 -4.48 4.24 -31.60
CA ILE A 151 -5.81 4.70 -31.24
C ILE A 151 -6.56 5.00 -32.54
N VAL A 152 -7.73 4.41 -32.69
CA VAL A 152 -8.49 4.45 -33.94
C VAL A 152 -9.60 5.48 -33.79
N LEU A 153 -9.57 6.50 -34.63
CA LEU A 153 -10.64 7.50 -34.68
C LEU A 153 -11.64 7.05 -35.73
N ASP A 154 -12.66 6.31 -35.30
CA ASP A 154 -13.67 5.75 -36.19
C ASP A 154 -14.83 6.73 -36.28
N SER A 155 -14.82 7.57 -37.31
CA SER A 155 -15.89 8.54 -37.54
C SER A 155 -16.76 8.03 -38.68
N GLY A 156 -17.99 7.65 -38.36
CA GLY A 156 -18.89 7.10 -39.35
C GLY A 156 -20.04 8.02 -39.70
N ASP A 157 -21.25 7.46 -39.79
CA ASP A 157 -22.43 8.23 -40.12
C ASP A 157 -23.25 8.64 -38.91
N GLY A 158 -23.19 7.88 -37.82
CA GLY A 158 -23.96 8.20 -36.64
C GLY A 158 -23.14 8.45 -35.39
N VAL A 159 -21.97 7.84 -35.30
CA VAL A 159 -21.13 7.93 -34.11
C VAL A 159 -19.69 8.24 -34.51
N THR A 160 -18.91 8.71 -33.54
CA THR A 160 -17.50 9.00 -33.72
C THR A 160 -16.77 8.47 -32.48
N HIS A 161 -16.17 7.29 -32.61
CA HIS A 161 -15.52 6.60 -31.50
C HIS A 161 -14.03 6.86 -31.50
N ASN A 162 -13.42 6.66 -30.33
CA ASN A 162 -11.97 6.73 -30.14
C ASN A 162 -11.56 5.50 -29.33
N VAL A 163 -11.02 4.49 -30.01
CA VAL A 163 -10.74 3.20 -29.41
C VAL A 163 -9.22 3.03 -29.35
N PRO A 164 -8.60 3.14 -28.16
CA PRO A 164 -7.16 2.91 -28.06
C PRO A 164 -6.82 1.44 -27.85
N ILE A 165 -5.88 0.92 -28.64
CA ILE A 165 -5.47 -0.47 -28.57
C ILE A 165 -3.96 -0.52 -28.39
N TYR A 166 -3.50 -1.33 -27.45
CA TYR A 166 -2.07 -1.50 -27.19
C TYR A 166 -1.73 -2.98 -27.15
N GLU A 167 -0.88 -3.41 -28.08
CA GLU A 167 -0.40 -4.79 -28.14
C GLU A 167 -1.54 -5.78 -28.24
N GLY A 168 -2.62 -5.38 -28.91
CA GLY A 168 -3.78 -6.24 -29.04
C GLY A 168 -4.67 -6.29 -27.83
N TYR A 169 -4.45 -5.44 -26.83
CA TYR A 169 -5.27 -5.39 -25.62
C TYR A 169 -6.01 -4.06 -25.61
N ALA A 170 -7.30 -4.10 -25.94
CA ALA A 170 -8.11 -2.90 -25.93
C ALA A 170 -8.32 -2.41 -24.50
N LEU A 171 -8.53 -1.10 -24.36
CA LEU A 171 -8.77 -0.47 -23.07
C LEU A 171 -10.22 0.03 -23.04
N PRO A 172 -11.17 -0.79 -22.59
CA PRO A 172 -12.59 -0.37 -22.64
C PRO A 172 -12.90 0.83 -21.77
N HIS A 173 -12.09 1.12 -20.76
CA HIS A 173 -12.33 2.29 -19.91
C HIS A 173 -11.89 3.60 -20.55
N ALA A 174 -11.07 3.54 -21.60
CA ALA A 174 -10.59 4.72 -22.29
C ALA A 174 -11.26 4.93 -23.65
N ILE A 175 -12.32 4.17 -23.93
CA ILE A 175 -13.02 4.29 -25.22
C ILE A 175 -13.99 5.46 -25.12
N MET A 176 -13.86 6.41 -26.04
CA MET A 176 -14.76 7.55 -26.08
C MET A 176 -15.92 7.28 -27.02
N ARG A 177 -16.83 8.25 -27.11
CA ARG A 177 -17.98 8.13 -27.99
C ARG A 177 -18.55 9.52 -28.21
N LEU A 178 -18.77 9.87 -29.48
CA LEU A 178 -19.34 11.16 -29.85
C LEU A 178 -20.52 10.94 -30.78
N ASP A 179 -21.50 11.84 -30.69
CA ASP A 179 -22.71 11.74 -31.49
C ASP A 179 -22.70 12.66 -32.70
N LEU A 180 -21.55 13.24 -33.03
CA LEU A 180 -21.39 14.08 -34.21
C LEU A 180 -20.71 13.26 -35.31
N ALA A 181 -21.36 13.19 -36.46
CA ALA A 181 -20.85 12.39 -37.58
C ALA A 181 -21.32 13.02 -38.88
N GLY A 182 -21.20 12.25 -39.97
CA GLY A 182 -21.54 12.78 -41.28
C GLY A 182 -23.00 13.16 -41.44
N ARG A 183 -23.90 12.43 -40.78
CA ARG A 183 -25.33 12.72 -40.92
C ARG A 183 -25.65 14.11 -40.39
N ASP A 184 -25.08 14.48 -39.24
CA ASP A 184 -25.33 15.80 -38.69
C ASP A 184 -24.60 16.89 -39.45
N LEU A 185 -23.46 16.55 -40.08
CA LEU A 185 -22.76 17.52 -40.91
C LEU A 185 -23.60 17.92 -42.12
N THR A 186 -24.22 16.94 -42.77
CA THR A 186 -25.06 17.23 -43.93
C THR A 186 -26.28 18.06 -43.52
N ASP A 187 -26.92 17.72 -42.40
CA ASP A 187 -28.07 18.49 -41.94
C ASP A 187 -27.66 19.91 -41.56
N TYR A 188 -26.47 20.07 -40.97
CA TYR A 188 -25.98 21.41 -40.64
C TYR A 188 -25.69 22.21 -41.90
N LEU A 189 -25.24 21.56 -42.96
CA LEU A 189 -24.97 22.26 -44.22
C LEU A 189 -26.25 22.90 -44.76
N MET A 190 -27.38 22.22 -44.62
CA MET A 190 -28.66 22.79 -45.04
C MET A 190 -28.98 24.06 -44.26
N LYS A 191 -28.78 24.02 -42.93
CA LYS A 191 -29.12 25.16 -42.09
C LYS A 191 -28.25 26.38 -42.38
N ILE A 192 -27.11 26.19 -43.03
CA ILE A 192 -26.26 27.31 -43.43
C ILE A 192 -26.31 27.58 -44.94
N LEU A 193 -27.05 26.78 -45.70
CA LEU A 193 -27.23 27.04 -47.12
C LEU A 193 -28.52 27.79 -47.43
N THR A 194 -29.47 27.82 -46.48
CA THR A 194 -30.72 28.54 -46.72
C THR A 194 -30.51 30.04 -46.76
N GLU A 195 -29.53 30.57 -46.02
CA GLU A 195 -29.26 32.00 -46.05
C GLU A 195 -28.68 32.46 -47.38
N ARG A 196 -28.19 31.53 -48.19
CA ARG A 196 -27.71 31.87 -49.53
C ARG A 196 -28.83 31.94 -50.56
N GLY A 197 -30.07 31.67 -50.15
CA GLY A 197 -31.21 31.71 -51.04
C GLY A 197 -31.67 30.35 -51.52
N TYR A 198 -30.85 29.31 -51.38
CA TYR A 198 -31.22 27.98 -51.81
C TYR A 198 -32.08 27.29 -50.76
N SER A 199 -33.11 26.59 -51.21
CA SER A 199 -33.99 25.82 -50.33
C SER A 199 -33.74 24.34 -50.56
N PHE A 200 -33.43 23.62 -49.49
CA PHE A 200 -33.13 22.20 -49.53
C PHE A 200 -33.92 21.44 -48.47
N VAL A 201 -35.18 21.81 -48.27
CA VAL A 201 -36.01 21.13 -47.28
C VAL A 201 -36.33 19.71 -47.77
N THR A 202 -36.63 19.57 -49.06
CA THR A 202 -37.09 18.30 -49.59
C THR A 202 -35.99 17.26 -49.57
N THR A 203 -36.36 16.01 -49.25
CA THR A 203 -35.38 14.92 -49.15
C THR A 203 -34.78 14.55 -50.50
N ALA A 204 -35.48 14.82 -51.60
CA ALA A 204 -34.88 14.62 -52.92
C ALA A 204 -33.67 15.52 -53.11
N GLU A 205 -33.70 16.70 -52.52
CA GLU A 205 -32.57 17.63 -52.51
C GLU A 205 -31.59 17.36 -51.38
N ARG A 206 -31.90 16.44 -50.47
CA ARG A 206 -30.94 16.03 -49.45
C ARG A 206 -29.74 15.31 -50.07
N GLU A 207 -29.99 14.44 -51.04
CA GLU A 207 -28.89 13.72 -51.69
C GLU A 207 -27.96 14.68 -52.41
N ILE A 208 -28.50 15.76 -52.98
CA ILE A 208 -27.67 16.76 -53.61
C ILE A 208 -26.78 17.46 -52.58
N VAL A 209 -27.34 17.78 -51.42
CA VAL A 209 -26.57 18.40 -50.35
C VAL A 209 -25.48 17.44 -49.87
N ARG A 210 -25.81 16.15 -49.73
CA ARG A 210 -24.79 15.16 -49.41
C ARG A 210 -23.75 15.06 -50.52
N ASP A 211 -24.20 15.09 -51.78
CA ASP A 211 -23.27 15.03 -52.90
C ASP A 211 -22.39 16.27 -52.97
N ILE A 212 -22.97 17.45 -52.70
CA ILE A 212 -22.18 18.68 -52.68
C ILE A 212 -21.22 18.69 -51.49
N LYS A 213 -21.52 17.92 -50.44
CA LYS A 213 -20.62 17.83 -49.30
C LYS A 213 -19.42 16.93 -49.59
N GLU A 214 -19.60 15.89 -50.40
CA GLU A 214 -18.52 14.97 -50.71
C GLU A 214 -17.63 15.45 -51.85
N LYS A 215 -17.92 16.61 -52.42
CA LYS A 215 -17.17 17.11 -53.58
C LYS A 215 -16.38 18.37 -53.30
N LEU A 216 -16.94 19.33 -52.56
CA LEU A 216 -16.35 20.65 -52.40
C LEU A 216 -16.25 21.03 -50.94
N CYS A 217 -15.86 20.09 -50.08
CA CYS A 217 -15.72 20.36 -48.66
C CYS A 217 -14.31 19.98 -48.21
N TYR A 218 -13.66 20.88 -47.49
CA TYR A 218 -12.31 20.65 -46.98
C TYR A 218 -12.20 21.25 -45.59
N VAL A 219 -11.21 20.76 -44.84
CA VAL A 219 -10.96 21.23 -43.48
C VAL A 219 -9.78 22.20 -43.52
N ALA A 220 -9.98 23.39 -42.95
CA ALA A 220 -8.97 24.43 -42.97
C ALA A 220 -8.08 24.34 -41.72
N LEU A 221 -6.78 24.56 -41.93
CA LEU A 221 -5.85 24.56 -40.80
C LEU A 221 -6.14 25.69 -39.84
N ASP A 222 -6.43 26.88 -40.35
CA ASP A 222 -6.76 28.05 -39.54
C ASP A 222 -8.14 28.52 -39.95
N PHE A 223 -9.12 28.32 -39.06
CA PHE A 223 -10.49 28.70 -39.37
C PHE A 223 -10.63 30.21 -39.56
N GLU A 224 -9.99 31.00 -38.69
CA GLU A 224 -10.09 32.44 -38.79
C GLU A 224 -9.47 32.96 -40.07
N ASN A 225 -8.31 32.42 -40.45
CA ASN A 225 -7.65 32.86 -41.68
C ASN A 225 -8.47 32.48 -42.91
N GLU A 226 -9.05 31.26 -42.91
CA GLU A 226 -9.84 30.83 -44.05
C GLU A 226 -11.12 31.65 -44.19
N MET A 227 -11.73 32.02 -43.07
CA MET A 227 -12.94 32.85 -43.13
C MET A 227 -12.64 34.22 -43.73
N ALA A 228 -11.51 34.82 -43.37
CA ALA A 228 -11.13 36.11 -43.93
C ALA A 228 -10.87 36.01 -45.43
N THR A 229 -10.20 34.94 -45.86
CA THR A 229 -9.89 34.77 -47.28
C THR A 229 -11.17 34.62 -48.11
N ALA A 230 -12.12 33.83 -47.61
CA ALA A 230 -13.35 33.60 -48.36
C ALA A 230 -14.22 34.85 -48.47
N ALA A 231 -14.01 35.84 -47.61
CA ALA A 231 -14.80 37.06 -47.64
C ALA A 231 -14.13 38.18 -48.44
N SER A 232 -12.83 38.39 -48.23
CA SER A 232 -12.13 39.47 -48.93
C SER A 232 -12.09 39.22 -50.44
N SER A 233 -11.86 37.98 -50.85
CA SER A 233 -11.75 37.63 -52.26
C SER A 233 -12.56 36.38 -52.55
N SER A 234 -12.92 36.22 -53.82
CA SER A 234 -13.73 35.10 -54.29
C SER A 234 -12.88 33.95 -54.81
N SER A 235 -11.61 33.88 -54.41
CA SER A 235 -10.74 32.80 -54.86
C SER A 235 -11.23 31.44 -54.37
N LEU A 236 -11.69 31.37 -53.12
CA LEU A 236 -12.14 30.12 -52.54
C LEU A 236 -13.47 29.66 -53.10
N GLU A 237 -14.22 30.55 -53.75
CA GLU A 237 -15.54 30.20 -54.27
C GLU A 237 -15.43 29.18 -55.40
N LYS A 238 -16.34 28.21 -55.39
CA LYS A 238 -16.41 27.18 -56.42
C LYS A 238 -17.87 26.98 -56.80
N SER A 239 -18.08 26.50 -58.03
CA SER A 239 -19.42 26.35 -58.57
C SER A 239 -19.75 24.88 -58.77
N TYR A 240 -20.98 24.51 -58.41
CA TYR A 240 -21.49 23.15 -58.58
C TYR A 240 -22.82 23.23 -59.32
N GLU A 241 -23.02 22.29 -60.25
CA GLU A 241 -24.22 22.28 -61.09
C GLU A 241 -25.21 21.26 -60.57
N LEU A 242 -26.43 21.70 -60.29
CA LEU A 242 -27.49 20.81 -59.85
C LEU A 242 -27.97 19.95 -61.02
N PRO A 243 -28.55 18.78 -60.73
CA PRO A 243 -29.00 17.91 -61.83
C PRO A 243 -30.03 18.55 -62.75
N ASP A 244 -30.88 19.43 -62.23
CA ASP A 244 -31.90 20.06 -63.07
C ASP A 244 -31.32 21.07 -64.05
N GLY A 245 -30.04 21.41 -63.93
CA GLY A 245 -29.40 22.34 -64.84
C GLY A 245 -29.04 23.69 -64.25
N GLN A 246 -29.19 23.87 -62.94
CA GLN A 246 -28.88 25.13 -62.27
C GLN A 246 -27.53 25.01 -61.57
N VAL A 247 -26.69 26.04 -61.73
CA VAL A 247 -25.35 26.06 -61.15
C VAL A 247 -25.36 27.03 -59.98
N ILE A 248 -24.90 26.55 -58.82
CA ILE A 248 -24.82 27.35 -57.61
C ILE A 248 -23.36 27.45 -57.18
N THR A 249 -23.03 28.54 -56.49
CA THR A 249 -21.69 28.80 -56.02
C THR A 249 -21.68 28.85 -54.51
N ILE A 250 -20.78 28.09 -53.88
CA ILE A 250 -20.65 28.03 -52.43
C ILE A 250 -19.37 28.74 -52.02
N GLY A 251 -19.48 29.60 -51.02
CA GLY A 251 -18.34 30.39 -50.58
C GLY A 251 -17.65 29.81 -49.36
N ASN A 252 -17.89 30.42 -48.19
CA ASN A 252 -17.28 29.94 -46.96
C ASN A 252 -17.90 28.63 -46.47
N GLU A 253 -19.00 28.19 -47.07
CA GLU A 253 -19.64 26.95 -46.66
C GLU A 253 -18.77 25.72 -46.93
N ARG A 254 -17.72 25.86 -47.75
CA ARG A 254 -16.87 24.72 -48.07
C ARG A 254 -16.14 24.20 -46.83
N PHE A 255 -15.67 25.10 -45.97
CA PHE A 255 -14.90 24.72 -44.80
C PHE A 255 -15.65 24.91 -43.48
N ARG A 256 -16.73 25.69 -43.46
CA ARG A 256 -17.46 25.88 -42.22
C ARG A 256 -18.22 24.62 -41.82
N CYS A 257 -18.78 23.90 -42.80
CA CYS A 257 -19.50 22.67 -42.48
C CYS A 257 -18.61 21.59 -41.89
N PRO A 258 -17.43 21.26 -42.46
CA PRO A 258 -16.56 20.29 -41.79
C PRO A 258 -15.97 20.79 -40.49
N GLU A 259 -15.99 22.10 -40.24
CA GLU A 259 -15.46 22.64 -39.00
C GLU A 259 -16.27 22.22 -37.79
N THR A 260 -17.50 21.73 -37.99
CA THR A 260 -18.34 21.35 -36.86
C THR A 260 -17.71 20.22 -36.05
N LEU A 261 -16.89 19.38 -36.69
CA LEU A 261 -16.26 18.28 -35.97
C LEU A 261 -15.33 18.80 -34.88
N PHE A 262 -14.56 19.83 -35.18
CA PHE A 262 -13.64 20.41 -34.20
C PHE A 262 -14.31 21.39 -33.27
N GLN A 263 -15.43 21.98 -33.68
CA GLN A 263 -16.20 22.92 -32.86
C GLN A 263 -17.65 22.46 -32.84
N PRO A 264 -17.97 21.48 -31.99
CA PRO A 264 -19.36 20.97 -31.95
C PRO A 264 -20.38 22.00 -31.48
N SER A 265 -19.93 23.15 -30.94
CA SER A 265 -20.87 24.19 -30.53
C SER A 265 -21.57 24.86 -31.69
N PHE A 266 -21.14 24.60 -32.93
CA PHE A 266 -21.81 25.17 -34.09
C PHE A 266 -23.25 24.66 -34.20
N ILE A 267 -23.45 23.38 -33.91
CA ILE A 267 -24.78 22.77 -33.98
C ILE A 267 -25.44 22.74 -32.60
N GLY A 268 -24.96 23.54 -31.65
CA GLY A 268 -25.54 23.60 -30.33
C GLY A 268 -25.12 22.51 -29.38
N MET A 269 -24.25 21.59 -29.81
CA MET A 269 -23.77 20.54 -28.93
C MET A 269 -22.80 21.09 -27.90
N GLU A 270 -22.71 20.39 -26.76
CA GLU A 270 -21.83 20.78 -25.67
C GLU A 270 -20.53 19.97 -25.64
N SER A 271 -20.50 18.81 -26.29
CA SER A 271 -19.34 17.93 -26.23
C SER A 271 -18.13 18.57 -26.92
N ALA A 272 -16.96 18.06 -26.58
CA ALA A 272 -15.72 18.56 -27.13
C ALA A 272 -15.48 18.01 -28.53
N GLY A 273 -14.55 18.63 -29.24
CA GLY A 273 -14.23 18.24 -30.60
C GLY A 273 -13.45 16.95 -30.65
N ILE A 274 -13.19 16.50 -31.88
CA ILE A 274 -12.47 15.24 -32.06
C ILE A 274 -11.02 15.35 -31.59
N HIS A 275 -10.43 16.54 -31.67
CA HIS A 275 -9.06 16.70 -31.21
C HIS A 275 -8.97 16.63 -29.70
N GLU A 276 -9.96 17.17 -28.99
CA GLU A 276 -9.99 17.05 -27.54
C GLU A 276 -10.43 15.67 -27.10
N THR A 277 -11.32 15.04 -27.87
CA THR A 277 -11.75 13.68 -27.54
C THR A 277 -10.59 12.69 -27.65
N THR A 278 -9.76 12.83 -28.68
CA THR A 278 -8.62 11.94 -28.85
C THR A 278 -7.62 12.11 -27.71
N TYR A 279 -7.33 13.35 -27.31
CA TYR A 279 -6.38 13.58 -26.24
C TYR A 279 -6.90 13.05 -24.91
N ASN A 280 -8.20 13.22 -24.65
CA ASN A 280 -8.78 12.71 -23.41
C ASN A 280 -8.68 11.20 -23.32
N SER A 281 -8.89 10.51 -24.45
CA SER A 281 -8.78 9.06 -24.45
C SER A 281 -7.35 8.61 -24.18
N ILE A 282 -6.37 9.32 -24.72
CA ILE A 282 -4.97 8.98 -24.49
C ILE A 282 -4.62 9.16 -23.01
N MET A 283 -5.03 10.29 -22.43
CA MET A 283 -4.73 10.57 -21.03
C MET A 283 -5.40 9.60 -20.07
N LYS A 284 -6.44 8.90 -20.50
CA LYS A 284 -7.11 7.91 -19.66
C LYS A 284 -6.45 6.55 -19.73
N CYS A 285 -5.43 6.37 -20.57
CA CYS A 285 -4.71 5.12 -20.67
C CYS A 285 -3.54 5.11 -19.71
N ASP A 286 -2.83 3.98 -19.66
CA ASP A 286 -1.66 3.87 -18.81
C ASP A 286 -0.53 4.75 -19.32
N ILE A 287 0.25 5.29 -18.39
CA ILE A 287 1.28 6.26 -18.75
C ILE A 287 2.37 5.62 -19.60
N ASP A 288 2.58 4.31 -19.46
CA ASP A 288 3.63 3.63 -20.20
C ASP A 288 3.27 3.38 -21.65
N ILE A 289 1.99 3.47 -22.02
CA ILE A 289 1.55 3.18 -23.37
C ILE A 289 1.13 4.43 -24.13
N ARG A 290 1.15 5.59 -23.49
CA ARG A 290 0.70 6.82 -24.16
C ARG A 290 1.63 7.21 -25.30
N LYS A 291 2.93 6.94 -25.16
CA LYS A 291 3.87 7.32 -26.22
C LYS A 291 3.59 6.55 -27.51
N ASP A 292 3.24 5.27 -27.40
CA ASP A 292 2.98 4.47 -28.59
C ASP A 292 1.66 4.85 -29.24
N LEU A 293 0.70 5.36 -28.47
CA LEU A 293 -0.58 5.78 -29.03
C LEU A 293 -0.47 7.13 -29.73
N TYR A 294 0.47 7.98 -29.31
CA TYR A 294 0.66 9.26 -29.98
C TYR A 294 1.14 9.07 -31.42
N ALA A 295 2.04 8.11 -31.64
CA ALA A 295 2.64 7.92 -32.96
C ALA A 295 1.78 7.10 -33.90
N ASN A 296 0.66 6.55 -33.43
CA ASN A 296 -0.22 5.72 -34.25
C ASN A 296 -1.66 6.22 -34.08
N ASN A 297 -2.04 7.18 -34.90
CA ASN A 297 -3.42 7.68 -34.96
C ASN A 297 -4.02 7.19 -36.27
N VAL A 298 -4.82 6.14 -36.19
CA VAL A 298 -5.41 5.54 -37.39
C VAL A 298 -6.75 6.18 -37.67
N MET A 299 -7.06 6.37 -38.94
CA MET A 299 -8.32 6.95 -39.38
C MET A 299 -9.23 5.86 -39.93
N SER A 300 -10.54 6.08 -39.81
CA SER A 300 -11.53 5.14 -40.31
C SER A 300 -12.80 5.91 -40.69
N GLY A 301 -13.62 5.27 -41.52
CA GLY A 301 -14.88 5.84 -41.94
C GLY A 301 -14.73 6.91 -43.00
N GLY A 302 -15.84 7.22 -43.64
CA GLY A 302 -15.87 8.23 -44.69
C GLY A 302 -15.99 9.66 -44.23
N THR A 303 -16.31 9.87 -42.95
CA THR A 303 -16.36 11.22 -42.41
C THR A 303 -14.97 11.83 -42.26
N THR A 304 -13.91 11.05 -42.45
CA THR A 304 -12.54 11.53 -42.38
C THR A 304 -11.89 11.64 -43.76
N MET A 305 -12.69 11.75 -44.82
CA MET A 305 -12.18 11.93 -46.17
C MET A 305 -12.10 13.40 -46.58
N TYR A 306 -12.40 14.32 -45.69
CA TYR A 306 -12.27 15.73 -46.01
C TYR A 306 -10.80 16.05 -46.22
N PRO A 307 -10.43 16.69 -47.33
CA PRO A 307 -9.03 17.06 -47.54
C PRO A 307 -8.52 17.94 -46.42
N GLY A 308 -7.30 17.68 -45.98
CA GLY A 308 -6.67 18.45 -44.92
C GLY A 308 -7.07 18.06 -43.51
N ILE A 309 -7.89 17.03 -43.34
CA ILE A 309 -8.27 16.62 -41.99
C ILE A 309 -7.09 15.99 -41.27
N ALA A 310 -6.24 15.25 -41.99
CA ALA A 310 -5.06 14.65 -41.36
C ALA A 310 -4.07 15.71 -40.94
N ASP A 311 -3.90 16.76 -41.75
CA ASP A 311 -2.97 17.83 -41.39
C ASP A 311 -3.53 18.71 -40.30
N ARG A 312 -4.85 18.91 -40.27
CA ARG A 312 -5.46 19.78 -39.28
C ARG A 312 -5.35 19.19 -37.88
N MET A 313 -5.70 17.91 -37.72
CA MET A 313 -5.70 17.31 -36.39
C MET A 313 -4.30 17.06 -35.86
N GLN A 314 -3.30 16.93 -36.74
CA GLN A 314 -1.93 16.82 -36.28
C GLN A 314 -1.50 18.09 -35.55
N LYS A 315 -1.90 19.25 -36.06
CA LYS A 315 -1.58 20.51 -35.39
C LYS A 315 -2.37 20.67 -34.10
N GLU A 316 -3.63 20.22 -34.09
CA GLU A 316 -4.48 20.41 -32.92
C GLU A 316 -4.00 19.56 -31.75
N ILE A 317 -3.70 18.28 -32.01
CA ILE A 317 -3.23 17.41 -30.93
C ILE A 317 -1.83 17.82 -30.47
N THR A 318 -1.00 18.34 -31.38
CA THR A 318 0.36 18.75 -31.01
C THR A 318 0.33 19.83 -29.93
N ALA A 319 -0.60 20.78 -30.04
CA ALA A 319 -0.72 21.81 -29.01
C ALA A 319 -1.16 21.25 -27.67
N LEU A 320 -1.78 20.06 -27.66
CA LEU A 320 -2.21 19.43 -26.42
C LEU A 320 -1.15 18.50 -25.84
N ALA A 321 -0.54 17.68 -26.69
CA ALA A 321 0.45 16.71 -26.23
C ALA A 321 1.73 17.42 -25.81
N PRO A 322 2.55 16.78 -24.98
CA PRO A 322 3.84 17.38 -24.58
C PRO A 322 4.75 17.58 -25.78
N SER A 323 5.63 18.58 -25.66
CA SER A 323 6.48 18.97 -26.78
C SER A 323 7.41 17.84 -27.22
N THR A 324 7.88 17.04 -26.25
CA THR A 324 8.79 15.95 -26.58
C THR A 324 8.10 14.87 -27.41
N MET A 325 6.84 14.59 -27.12
CA MET A 325 6.13 13.51 -27.79
C MET A 325 6.00 13.77 -29.28
N LYS A 326 6.00 12.69 -30.06
CA LYS A 326 5.89 12.75 -31.51
C LYS A 326 4.50 12.28 -31.93
N ILE A 327 3.84 13.06 -32.78
CA ILE A 327 2.47 12.81 -33.20
C ILE A 327 2.47 12.46 -34.68
N LYS A 328 1.83 11.35 -35.03
CA LYS A 328 1.66 10.93 -36.41
C LYS A 328 0.20 10.58 -36.65
N ILE A 329 -0.38 11.15 -37.70
CA ILE A 329 -1.75 10.87 -38.09
C ILE A 329 -1.71 9.98 -39.32
N ILE A 330 -2.11 8.72 -39.16
CA ILE A 330 -2.13 7.76 -40.25
C ILE A 330 -3.53 7.80 -40.87
N ALA A 331 -3.60 8.27 -42.13
CA ALA A 331 -4.85 8.39 -42.86
C ALA A 331 -4.70 7.70 -44.21
N PRO A 332 -4.94 6.39 -44.28
CA PRO A 332 -4.84 5.70 -45.57
C PRO A 332 -5.90 6.22 -46.53
N PRO A 333 -5.59 6.26 -47.83
CA PRO A 333 -6.56 6.79 -48.81
C PRO A 333 -7.83 5.95 -48.94
N GLU A 334 -7.86 4.71 -48.48
CA GLU A 334 -9.08 3.90 -48.46
C GLU A 334 -9.63 3.78 -47.05
N ARG A 335 -9.54 4.85 -46.26
CA ARG A 335 -10.03 4.80 -44.88
C ARG A 335 -11.55 4.69 -44.81
N LYS A 336 -12.26 5.01 -45.89
CA LYS A 336 -13.71 4.88 -45.89
C LYS A 336 -14.14 3.42 -45.76
N TYR A 337 -13.40 2.51 -46.41
CA TYR A 337 -13.71 1.09 -46.41
C TYR A 337 -12.71 0.30 -45.59
N SER A 338 -12.09 0.94 -44.60
CA SER A 338 -11.05 0.27 -43.82
C SER A 338 -11.60 -0.89 -43.01
N VAL A 339 -12.80 -0.72 -42.43
CA VAL A 339 -13.36 -1.78 -41.60
C VAL A 339 -13.63 -3.03 -42.41
N TRP A 340 -14.21 -2.87 -43.61
CA TRP A 340 -14.46 -4.04 -44.46
C TRP A 340 -13.15 -4.63 -44.98
N ILE A 341 -12.20 -3.79 -45.33
CA ILE A 341 -10.91 -4.29 -45.81
C ILE A 341 -10.22 -5.11 -44.73
N GLY A 342 -10.24 -4.61 -43.49
CA GLY A 342 -9.66 -5.37 -42.39
C GLY A 342 -10.38 -6.69 -42.15
N GLY A 343 -11.70 -6.70 -42.36
CA GLY A 343 -12.44 -7.95 -42.25
C GLY A 343 -12.08 -8.94 -43.34
N SER A 344 -11.90 -8.45 -44.56
CA SER A 344 -11.52 -9.33 -45.66
C SER A 344 -10.14 -9.94 -45.44
N ILE A 345 -9.19 -9.14 -44.95
CA ILE A 345 -7.85 -9.63 -44.68
C ILE A 345 -7.89 -10.68 -43.56
N LEU A 346 -8.64 -10.38 -42.49
CA LEU A 346 -8.69 -11.28 -41.34
C LEU A 346 -9.34 -12.61 -41.70
N ALA A 347 -10.39 -12.58 -42.52
CA ALA A 347 -11.08 -13.80 -42.88
C ALA A 347 -10.27 -14.71 -43.79
N SER A 348 -9.16 -14.22 -44.34
CA SER A 348 -8.32 -15.01 -45.24
C SER A 348 -7.09 -15.59 -44.56
N LEU A 349 -6.72 -15.08 -43.39
CA LEU A 349 -5.54 -15.61 -42.69
C LEU A 349 -5.79 -17.03 -42.21
N SER A 350 -4.75 -17.86 -42.28
CA SER A 350 -4.88 -19.26 -41.85
C SER A 350 -5.05 -19.36 -40.34
N THR A 351 -4.51 -18.40 -39.58
CA THR A 351 -4.69 -18.42 -38.14
C THR A 351 -6.16 -18.28 -37.75
N PHE A 352 -6.88 -17.40 -38.44
CA PHE A 352 -8.30 -17.20 -38.16
C PHE A 352 -9.16 -18.37 -38.63
N GLN A 353 -8.62 -19.24 -39.49
CA GLN A 353 -9.41 -20.33 -40.04
C GLN A 353 -9.92 -21.29 -38.96
N GLN A 354 -9.18 -21.42 -37.86
CA GLN A 354 -9.58 -22.30 -36.78
C GLN A 354 -10.41 -21.60 -35.71
N MET A 355 -10.61 -20.29 -35.82
CA MET A 355 -11.41 -19.56 -34.85
C MET A 355 -12.88 -19.44 -35.23
N TRP A 356 -13.27 -19.96 -36.39
CA TRP A 356 -14.66 -19.91 -36.81
C TRP A 356 -15.52 -20.70 -35.84
N ILE A 357 -16.67 -20.14 -35.48
CA ILE A 357 -17.61 -20.78 -34.56
C ILE A 357 -18.46 -21.74 -35.38
N THR A 358 -18.17 -23.03 -35.26
CA THR A 358 -18.92 -24.04 -36.01
C THR A 358 -20.31 -24.21 -35.40
N LYS A 359 -21.22 -24.77 -36.21
CA LYS A 359 -22.57 -25.03 -35.74
C LYS A 359 -22.60 -26.06 -34.61
N GLN A 360 -21.71 -27.04 -34.66
CA GLN A 360 -21.68 -28.06 -33.62
C GLN A 360 -21.32 -27.45 -32.26
N GLU A 361 -20.38 -26.50 -32.25
CA GLU A 361 -20.05 -25.82 -31.00
C GLU A 361 -21.24 -25.05 -30.45
N TYR A 362 -21.99 -24.39 -31.33
CA TYR A 362 -23.19 -23.67 -30.90
C TYR A 362 -24.23 -24.62 -30.30
N ASP A 363 -24.41 -25.78 -30.93
CA ASP A 363 -25.41 -26.74 -30.43
C ASP A 363 -25.03 -27.27 -29.06
N GLU A 364 -23.75 -27.57 -28.85
CA GLU A 364 -23.33 -28.20 -27.60
C GLU A 364 -23.40 -27.21 -26.43
N ALA A 365 -23.09 -25.95 -26.65
CA ALA A 365 -23.03 -24.96 -25.58
C ALA A 365 -24.17 -23.94 -25.63
N GLY A 366 -24.41 -23.34 -26.79
CA GLY A 366 -25.41 -22.31 -26.92
C GLY A 366 -24.82 -21.03 -27.46
N PRO A 367 -25.51 -19.90 -27.26
CA PRO A 367 -24.98 -18.62 -27.73
C PRO A 367 -23.75 -18.14 -26.98
N SER A 368 -23.36 -18.80 -25.90
CA SER A 368 -22.26 -18.36 -25.07
C SER A 368 -20.89 -18.62 -25.68
N ILE A 369 -20.82 -19.35 -26.79
CA ILE A 369 -19.53 -19.62 -27.42
C ILE A 369 -18.91 -18.34 -27.95
N VAL A 370 -19.75 -17.42 -28.45
CA VAL A 370 -19.27 -16.19 -29.07
C VAL A 370 -18.48 -15.31 -28.11
N HIS A 371 -18.54 -15.58 -26.80
CA HIS A 371 -17.80 -14.79 -25.83
C HIS A 371 -16.32 -15.18 -25.83
N ARG A 372 -15.66 -14.82 -26.92
CA ARG A 372 -14.23 -15.08 -27.07
C ARG A 372 -13.48 -13.79 -27.37
N THR B 6 -20.88 33.73 18.32
CA THR B 6 -20.77 32.40 17.75
C THR B 6 -19.63 32.34 16.75
N ALA B 7 -19.24 31.13 16.37
CA ALA B 7 -18.12 30.90 15.46
C ALA B 7 -18.57 30.10 14.24
N LEU B 8 -18.14 30.53 13.07
CA LEU B 8 -18.49 29.84 11.84
C LEU B 8 -17.73 28.52 11.75
N VAL B 9 -18.32 27.58 11.00
CA VAL B 9 -17.71 26.27 10.75
C VAL B 9 -17.75 26.02 9.25
N CYS B 10 -16.61 25.66 8.67
CA CYS B 10 -16.52 25.36 7.26
C CYS B 10 -16.09 23.91 7.05
N ASP B 11 -16.54 23.32 5.94
CA ASP B 11 -16.31 21.92 5.62
C ASP B 11 -15.87 21.78 4.17
N ASN B 12 -14.83 22.54 3.78
CA ASN B 12 -14.26 22.50 2.44
C ASN B 12 -14.13 21.08 1.93
N GLY B 13 -14.79 20.78 0.81
CA GLY B 13 -14.83 19.43 0.29
C GLY B 13 -14.42 19.41 -1.18
N SER B 14 -14.21 18.18 -1.67
CA SER B 14 -13.79 18.01 -3.05
C SER B 14 -14.90 18.35 -4.03
N GLY B 15 -16.15 18.13 -3.66
CA GLY B 15 -17.26 18.39 -4.56
C GLY B 15 -18.43 19.10 -3.93
N LEU B 16 -18.35 19.35 -2.62
CA LEU B 16 -19.44 20.01 -1.90
C LEU B 16 -18.88 20.62 -0.63
N VAL B 17 -19.12 21.91 -0.43
CA VAL B 17 -18.75 22.58 0.81
C VAL B 17 -19.99 22.83 1.65
N LYS B 18 -19.83 22.68 2.96
CA LYS B 18 -20.93 22.82 3.91
C LYS B 18 -20.51 23.81 4.98
N ALA B 19 -21.26 24.89 5.12
CA ALA B 19 -20.97 25.93 6.10
C ALA B 19 -22.16 26.13 7.03
N GLY B 20 -21.93 26.90 8.08
CA GLY B 20 -22.97 27.15 9.06
C GLY B 20 -22.39 27.74 10.33
N PHE B 21 -23.14 27.59 11.41
CA PHE B 21 -22.77 28.11 12.71
C PHE B 21 -22.68 26.97 13.72
N ALA B 22 -21.74 27.08 14.64
CA ALA B 22 -21.60 26.07 15.68
C ALA B 22 -22.81 26.07 16.61
N GLY B 23 -23.25 24.88 17.01
CA GLY B 23 -24.41 24.72 17.86
C GLY B 23 -25.66 24.27 17.13
N ASP B 24 -25.69 24.40 15.81
CA ASP B 24 -26.83 23.95 15.02
C ASP B 24 -26.74 22.43 14.83
N ASP B 25 -27.66 21.88 14.04
CA ASP B 25 -27.68 20.45 13.76
C ASP B 25 -27.45 20.10 12.29
N ALA B 26 -27.40 21.09 11.41
CA ALA B 26 -27.19 20.85 9.98
C ALA B 26 -26.52 22.06 9.38
N PRO B 27 -25.74 21.89 8.31
CA PRO B 27 -25.13 23.06 7.65
C PRO B 27 -26.19 24.02 7.12
N ARG B 28 -25.92 25.32 7.26
CA ARG B 28 -26.87 26.32 6.80
C ARG B 28 -26.86 26.43 5.28
N ALA B 29 -25.69 26.41 4.66
CA ALA B 29 -25.56 26.56 3.21
C ALA B 29 -24.66 25.46 2.66
N VAL B 30 -25.14 24.76 1.63
CA VAL B 30 -24.39 23.70 0.97
C VAL B 30 -24.42 23.99 -0.53
N PHE B 31 -23.26 24.22 -1.13
CA PHE B 31 -23.15 24.48 -2.55
C PHE B 31 -21.89 23.84 -3.10
N PRO B 32 -21.87 23.48 -4.38
CA PRO B 32 -20.68 22.84 -4.96
C PRO B 32 -19.48 23.78 -4.98
N SER B 33 -18.29 23.19 -4.84
CA SER B 33 -17.04 23.94 -4.81
C SER B 33 -16.43 23.99 -6.21
N ILE B 34 -17.12 24.72 -7.09
CA ILE B 34 -16.72 24.88 -8.48
C ILE B 34 -16.60 26.37 -8.77
N VAL B 35 -15.47 26.78 -9.36
CA VAL B 35 -15.25 28.14 -9.79
C VAL B 35 -15.01 28.13 -11.29
N GLY B 36 -15.79 28.91 -12.02
CA GLY B 36 -15.68 28.93 -13.47
C GLY B 36 -15.31 30.30 -14.02
N ARG B 37 -14.35 30.33 -14.94
CA ARG B 37 -13.91 31.54 -15.62
C ARG B 37 -14.45 31.57 -17.04
N PRO B 38 -14.72 32.76 -17.58
CA PRO B 38 -15.29 32.85 -18.93
C PRO B 38 -14.38 32.22 -19.97
N ARG B 39 -15.01 31.59 -20.96
CA ARG B 39 -14.28 30.93 -22.05
C ARG B 39 -14.52 31.65 -23.37
N LYS B 50 -18.42 40.00 -12.72
CA LYS B 50 -18.53 39.03 -13.81
C LYS B 50 -17.20 38.34 -14.06
N ASP B 51 -16.22 38.60 -13.19
CA ASP B 51 -14.90 37.98 -13.34
C ASP B 51 -15.00 36.47 -13.20
N SER B 52 -15.75 35.98 -12.21
CA SER B 52 -15.87 34.56 -11.96
C SER B 52 -17.20 34.26 -11.30
N TYR B 53 -17.60 33.00 -11.38
CA TYR B 53 -18.84 32.53 -10.77
C TYR B 53 -18.54 31.33 -9.88
N VAL B 54 -19.18 31.29 -8.72
CA VAL B 54 -18.91 30.28 -7.70
C VAL B 54 -20.20 29.55 -7.36
N GLY B 55 -20.09 28.22 -7.20
CA GLY B 55 -21.20 27.43 -6.72
C GLY B 55 -22.23 27.08 -7.77
N ASP B 56 -23.52 27.18 -7.40
CA ASP B 56 -24.58 26.85 -8.33
C ASP B 56 -24.73 27.87 -9.45
N GLU B 57 -24.30 29.12 -9.22
CA GLU B 57 -24.35 30.12 -10.27
C GLU B 57 -23.42 29.76 -11.42
N ALA B 58 -22.23 29.25 -11.10
CA ALA B 58 -21.33 28.79 -12.15
C ALA B 58 -21.89 27.59 -12.89
N GLN B 59 -22.61 26.71 -12.17
CA GLN B 59 -23.24 25.57 -12.80
C GLN B 59 -24.35 26.00 -13.75
N SER B 60 -25.04 27.10 -13.45
CA SER B 60 -26.10 27.58 -14.32
C SER B 60 -25.54 28.12 -15.64
N LYS B 61 -24.38 28.78 -15.59
CA LYS B 61 -23.73 29.34 -16.77
C LYS B 61 -22.57 28.49 -17.23
N ARG B 62 -22.72 27.17 -17.14
CA ARG B 62 -21.64 26.24 -17.49
C ARG B 62 -21.23 26.38 -18.95
N GLY B 63 -22.16 26.75 -19.83
CA GLY B 63 -21.88 26.80 -21.26
C GLY B 63 -20.91 27.89 -21.67
N ILE B 64 -20.75 28.93 -20.85
CA ILE B 64 -19.87 30.04 -21.17
C ILE B 64 -18.72 30.17 -20.18
N LEU B 65 -18.54 29.19 -19.30
CA LEU B 65 -17.47 29.22 -18.31
C LEU B 65 -16.74 27.88 -18.32
N THR B 66 -15.44 27.94 -18.00
CA THR B 66 -14.62 26.75 -17.86
C THR B 66 -14.70 26.27 -16.41
N LEU B 67 -15.45 25.19 -16.18
CA LEU B 67 -15.72 24.71 -14.83
C LEU B 67 -14.54 23.87 -14.36
N LYS B 68 -13.71 24.44 -13.49
CA LYS B 68 -12.57 23.74 -12.90
C LYS B 68 -12.67 23.79 -11.39
N TYR B 69 -12.33 22.67 -10.73
CA TYR B 69 -12.46 22.52 -9.29
C TYR B 69 -11.12 22.77 -8.62
N PRO B 70 -11.05 23.64 -7.61
CA PRO B 70 -9.80 23.80 -6.86
C PRO B 70 -9.42 22.51 -6.16
N ILE B 71 -10.31 21.97 -5.33
CA ILE B 71 -10.15 20.64 -4.77
C ILE B 71 -10.89 19.63 -5.64
N GLU B 72 -10.20 18.57 -6.01
CA GLU B 72 -10.83 17.47 -6.72
C GLU B 72 -10.33 16.16 -6.12
N HIC B 73 -9.36 16.28 -5.22
CA HIC B 73 -8.74 15.11 -4.60
C HIC B 73 -8.29 15.41 -3.17
O HIC B 73 -7.29 14.85 -2.71
CB HIC B 73 -7.55 14.65 -5.44
CG HIC B 73 -7.98 13.92 -6.67
ND1 HIC B 73 -8.64 12.73 -6.61
CD2 HIC B 73 -7.81 14.28 -7.98
CE1 HIC B 73 -8.86 12.38 -7.85
NE2 HIC B 73 -8.38 13.28 -8.72
CZ HIC B 73 -8.45 13.22 -10.16
N GLY B 74 -9.03 16.26 -2.48
CA GLY B 74 -8.77 16.53 -1.07
C GLY B 74 -7.84 17.70 -0.78
N ILE B 75 -6.92 17.98 -1.71
CA ILE B 75 -5.88 18.97 -1.52
C ILE B 75 -6.25 20.24 -2.27
N ILE B 76 -5.99 21.39 -1.65
CA ILE B 76 -6.42 22.68 -2.20
C ILE B 76 -5.86 22.87 -3.61
N THR B 77 -4.52 22.91 -3.72
CA THR B 77 -3.75 22.99 -4.97
C THR B 77 -4.21 24.13 -5.88
N ASN B 78 -5.02 25.04 -5.35
CA ASN B 78 -5.44 26.23 -6.11
C ASN B 78 -5.85 27.29 -5.09
N TRP B 79 -4.96 28.25 -4.85
CA TRP B 79 -5.18 29.24 -3.81
C TRP B 79 -5.88 30.49 -4.33
N ASP B 80 -6.05 30.63 -5.64
CA ASP B 80 -6.79 31.75 -6.20
C ASP B 80 -8.28 31.50 -6.27
N ASP B 81 -8.71 30.24 -6.37
CA ASP B 81 -10.13 29.94 -6.38
C ASP B 81 -10.74 29.87 -4.99
N MET B 82 -9.93 29.56 -3.97
CA MET B 82 -10.48 29.47 -2.61
C MET B 82 -10.58 30.82 -1.93
N GLU B 83 -9.90 31.84 -2.46
CA GLU B 83 -10.26 33.20 -2.04
C GLU B 83 -11.57 33.63 -2.65
N LYS B 84 -12.09 32.87 -3.62
CA LYS B 84 -13.40 33.14 -4.19
C LYS B 84 -14.48 32.28 -3.54
N ILE B 85 -14.17 31.02 -3.24
CA ILE B 85 -15.15 30.14 -2.61
C ILE B 85 -15.39 30.57 -1.17
N TRP B 86 -14.33 30.88 -0.43
CA TRP B 86 -14.51 31.38 0.93
C TRP B 86 -15.24 32.71 0.93
N HIS B 87 -14.94 33.57 -0.05
CA HIS B 87 -15.67 34.83 -0.18
C HIS B 87 -17.14 34.58 -0.49
N HIS B 88 -17.43 33.60 -1.35
CA HIS B 88 -18.82 33.30 -1.69
C HIS B 88 -19.59 32.74 -0.52
N THR B 89 -18.90 32.08 0.41
CA THR B 89 -19.60 31.48 1.56
C THR B 89 -19.97 32.53 2.59
N PHE B 90 -18.99 33.30 3.07
CA PHE B 90 -19.26 34.25 4.14
C PHE B 90 -20.11 35.42 3.66
N TYR B 91 -19.81 35.95 2.48
CA TYR B 91 -20.46 37.19 2.04
C TYR B 91 -21.81 36.94 1.36
N ASN B 92 -21.99 35.77 0.75
CA ASN B 92 -23.22 35.50 0.01
C ASN B 92 -24.06 34.38 0.62
N GLU B 93 -23.45 33.23 0.90
CA GLU B 93 -24.23 32.10 1.39
C GLU B 93 -24.70 32.31 2.83
N LEU B 94 -23.83 32.82 3.70
CA LEU B 94 -24.17 33.01 5.10
C LEU B 94 -24.56 34.45 5.44
N ARG B 95 -24.22 35.41 4.58
CA ARG B 95 -24.55 36.81 4.78
C ARG B 95 -24.05 37.32 6.13
N VAL B 96 -22.78 37.04 6.41
CA VAL B 96 -22.14 37.46 7.66
C VAL B 96 -20.75 37.98 7.35
N ALA B 97 -20.39 39.08 7.99
CA ALA B 97 -19.04 39.64 7.84
C ALA B 97 -18.05 38.75 8.59
N PRO B 98 -17.02 38.23 7.92
CA PRO B 98 -16.10 37.30 8.60
C PRO B 98 -15.26 37.94 9.68
N GLU B 99 -15.12 39.26 9.69
CA GLU B 99 -14.23 39.94 10.64
C GLU B 99 -14.75 39.95 12.07
N GLU B 100 -15.83 39.24 12.40
CA GLU B 100 -16.35 39.23 13.76
C GLU B 100 -16.39 37.84 14.39
N HIS B 101 -16.60 36.78 13.59
CA HIS B 101 -16.69 35.43 14.13
C HIS B 101 -15.47 34.61 13.73
N PRO B 102 -14.86 33.89 14.66
CA PRO B 102 -13.81 32.93 14.28
C PRO B 102 -14.37 31.82 13.41
N THR B 103 -13.53 31.32 12.50
CA THR B 103 -13.92 30.28 11.57
C THR B 103 -13.12 29.02 11.85
N LEU B 104 -13.78 27.87 11.71
CA LEU B 104 -13.14 26.56 11.90
C LEU B 104 -13.20 25.83 10.56
N LEU B 105 -12.07 25.76 9.87
CA LEU B 105 -11.97 25.07 8.59
C LEU B 105 -11.34 23.70 8.78
N THR B 106 -11.68 22.77 7.88
CA THR B 106 -11.19 21.41 7.93
C THR B 106 -10.27 21.13 6.76
N GLU B 107 -9.49 20.06 6.88
CA GLU B 107 -8.56 19.68 5.83
C GLU B 107 -8.44 18.16 5.80
N ALA B 108 -8.10 17.64 4.61
CA ALA B 108 -8.03 16.21 4.39
C ALA B 108 -6.82 15.60 5.09
N PRO B 109 -6.84 14.29 5.32
CA PRO B 109 -5.66 13.63 5.91
C PRO B 109 -4.48 13.63 4.97
N LEU B 110 -3.30 13.45 5.56
CA LEU B 110 -2.02 13.47 4.83
C LEU B 110 -1.82 14.79 4.09
N ASN B 111 -2.28 15.86 4.71
CA ASN B 111 -2.14 17.19 4.12
C ASN B 111 -0.75 17.73 4.38
N PRO B 112 -0.10 18.33 3.38
CA PRO B 112 1.23 18.93 3.62
C PRO B 112 1.15 20.05 4.65
N LYS B 113 2.23 20.19 5.42
CA LYS B 113 2.28 21.23 6.44
C LYS B 113 2.20 22.62 5.83
N ALA B 114 2.62 22.77 4.57
CA ALA B 114 2.53 24.06 3.90
C ALA B 114 1.08 24.41 3.57
N ASN B 115 0.26 23.41 3.22
CA ASN B 115 -1.13 23.69 2.90
C ASN B 115 -1.89 24.20 4.12
N ARG B 116 -1.67 23.58 5.28
CA ARG B 116 -2.31 24.04 6.50
C ARG B 116 -1.74 25.38 6.97
N GLU B 117 -0.48 25.66 6.62
CA GLU B 117 0.11 26.94 6.97
C GLU B 117 -0.43 28.07 6.09
N LYS B 118 -0.83 27.76 4.86
CA LYS B 118 -1.32 28.80 3.95
C LYS B 118 -2.73 29.24 4.29
N MET B 119 -3.57 28.35 4.84
CA MET B 119 -4.91 28.75 5.25
C MET B 119 -4.85 29.78 6.36
N THR B 120 -3.93 29.61 7.31
CA THR B 120 -3.76 30.59 8.37
C THR B 120 -3.34 31.94 7.82
N GLN B 121 -2.48 31.94 6.80
CA GLN B 121 -2.02 33.19 6.21
C GLN B 121 -3.17 33.94 5.53
N ILE B 122 -4.02 33.21 4.80
CA ILE B 122 -5.10 33.85 4.06
C ILE B 122 -6.16 34.38 5.03
N MET B 123 -6.55 33.56 6.01
CA MET B 123 -7.66 33.93 6.88
C MET B 123 -7.36 35.18 7.70
N PHE B 124 -6.15 35.28 8.23
CA PHE B 124 -5.82 36.38 9.13
C PHE B 124 -5.52 37.69 8.42
N GLU B 125 -5.29 37.66 7.11
CA GLU B 125 -5.00 38.88 6.36
C GLU B 125 -6.07 39.22 5.34
N THR B 126 -6.42 38.28 4.45
CA THR B 126 -7.44 38.57 3.45
C THR B 126 -8.82 38.76 4.08
N PHE B 127 -9.14 37.95 5.09
CA PHE B 127 -10.45 38.00 5.73
C PHE B 127 -10.43 38.62 7.12
N ASN B 128 -9.27 38.68 7.77
CA ASN B 128 -9.12 39.31 9.09
C ASN B 128 -10.08 38.71 10.12
N VAL B 129 -10.12 37.38 10.15
CA VAL B 129 -10.99 36.67 11.09
C VAL B 129 -10.43 36.81 12.50
N PRO B 130 -11.29 36.90 13.52
CA PRO B 130 -10.80 36.92 14.90
C PRO B 130 -10.50 35.51 15.40
N ALA B 131 -9.29 35.02 15.13
CA ALA B 131 -8.84 33.68 15.50
C ALA B 131 -9.51 32.61 14.64
N MET B 132 -8.89 31.44 14.54
CA MET B 132 -9.39 30.37 13.69
C MET B 132 -8.80 29.05 14.18
N TYR B 133 -9.15 27.96 13.47
CA TYR B 133 -8.69 26.64 13.82
C TYR B 133 -8.77 25.75 12.59
N VAL B 134 -7.80 24.85 12.45
CA VAL B 134 -7.76 23.88 11.36
C VAL B 134 -7.74 22.49 11.96
N ALA B 135 -8.69 21.65 11.56
CA ALA B 135 -8.84 20.31 12.10
C ALA B 135 -8.95 19.30 10.96
N ILE B 136 -8.50 18.08 11.24
CA ILE B 136 -8.55 17.02 10.23
C ILE B 136 -9.98 16.54 10.07
N GLN B 137 -10.38 16.29 8.81
CA GLN B 137 -11.74 15.84 8.54
C GLN B 137 -12.02 14.50 9.19
N ALA B 138 -11.05 13.58 9.18
CA ALA B 138 -11.26 12.26 9.76
C ALA B 138 -11.41 12.35 11.28
N VAL B 139 -10.68 13.26 11.92
CA VAL B 139 -10.80 13.42 13.37
C VAL B 139 -12.20 13.90 13.73
N LEU B 140 -12.73 14.87 12.99
CA LEU B 140 -14.05 15.41 13.30
C LEU B 140 -15.15 14.37 13.10
N SER B 141 -14.95 13.41 12.19
CA SER B 141 -15.93 12.35 12.01
C SER B 141 -15.99 11.43 13.23
N LEU B 142 -14.88 11.32 13.98
CA LEU B 142 -14.89 10.55 15.21
C LEU B 142 -15.55 11.30 16.35
N TYR B 143 -15.41 12.63 16.39
CA TYR B 143 -16.05 13.43 17.44
C TYR B 143 -17.56 13.34 17.34
N ALA B 144 -18.10 13.18 16.13
CA ALA B 144 -19.54 13.13 15.96
C ALA B 144 -20.14 11.91 16.67
N SER B 145 -19.46 10.78 16.60
CA SER B 145 -19.94 9.55 17.24
C SER B 145 -19.49 9.44 18.69
N GLY B 146 -18.77 10.43 19.22
CA GLY B 146 -18.32 10.40 20.59
C GLY B 146 -17.31 9.31 20.88
N ARG B 147 -16.34 9.15 19.98
CA ARG B 147 -15.33 8.12 20.09
C ARG B 147 -13.95 8.73 20.02
N THR B 148 -12.96 7.98 20.51
CA THR B 148 -11.56 8.36 20.41
C THR B 148 -10.69 7.28 19.78
N THR B 149 -11.23 6.07 19.56
CA THR B 149 -10.49 4.97 18.97
C THR B 149 -11.32 4.37 17.85
N GLY B 150 -10.73 4.26 16.67
CA GLY B 150 -11.42 3.66 15.54
C GLY B 150 -10.74 4.02 14.24
N ILE B 151 -11.25 3.42 13.17
CA ILE B 151 -10.77 3.68 11.82
C ILE B 151 -11.91 4.21 10.99
N VAL B 152 -11.69 5.35 10.34
CA VAL B 152 -12.75 6.10 9.67
C VAL B 152 -12.62 5.89 8.17
N LEU B 153 -13.70 5.44 7.54
CA LEU B 153 -13.78 5.31 6.08
C LEU B 153 -14.57 6.51 5.57
N ASP B 154 -13.86 7.58 5.20
CA ASP B 154 -14.47 8.83 4.79
C ASP B 154 -14.53 8.87 3.26
N SER B 155 -15.47 8.11 2.70
CA SER B 155 -15.70 8.13 1.26
C SER B 155 -16.53 9.35 0.88
N GLY B 156 -16.06 10.11 -0.10
CA GLY B 156 -16.73 11.33 -0.47
C GLY B 156 -16.97 11.51 -1.95
N ASP B 157 -16.57 12.66 -2.49
CA ASP B 157 -16.80 12.99 -3.89
C ASP B 157 -15.56 12.88 -4.76
N GLY B 158 -14.37 13.06 -4.20
CA GLY B 158 -13.17 13.00 -5.01
C GLY B 158 -12.15 11.97 -4.54
N VAL B 159 -12.18 11.62 -3.26
CA VAL B 159 -11.22 10.71 -2.66
C VAL B 159 -11.92 9.82 -1.66
N THR B 160 -11.19 8.81 -1.18
CA THR B 160 -11.67 7.89 -0.15
C THR B 160 -10.48 7.54 0.74
N HIS B 161 -10.64 7.73 2.04
CA HIS B 161 -9.55 7.55 2.99
C HIS B 161 -9.92 6.53 4.05
N ASN B 162 -8.89 5.90 4.62
CA ASN B 162 -9.03 4.98 5.76
C ASN B 162 -8.05 5.46 6.82
N VAL B 163 -8.54 6.21 7.81
CA VAL B 163 -7.70 6.89 8.78
C VAL B 163 -7.84 6.16 10.12
N PRO B 164 -6.81 5.45 10.59
CA PRO B 164 -6.90 4.79 11.89
C PRO B 164 -6.44 5.68 13.03
N ILE B 165 -7.27 5.79 14.07
CA ILE B 165 -6.98 6.61 15.24
C ILE B 165 -7.12 5.75 16.48
N TYR B 166 -6.16 5.87 17.40
CA TYR B 166 -6.14 5.07 18.63
C TYR B 166 -5.87 5.99 19.82
N GLU B 167 -6.88 6.18 20.67
CA GLU B 167 -6.77 6.98 21.89
C GLU B 167 -6.29 8.40 21.59
N GLY B 168 -6.71 8.94 20.46
CA GLY B 168 -6.34 10.29 20.09
C GLY B 168 -5.01 10.44 19.40
N TYR B 169 -4.32 9.34 19.11
CA TYR B 169 -3.03 9.36 18.43
C TYR B 169 -3.21 8.74 17.06
N ALA B 170 -3.06 9.56 16.01
CA ALA B 170 -3.21 9.07 14.65
C ALA B 170 -1.96 8.31 14.22
N LEU B 171 -2.11 7.53 13.15
CA LEU B 171 -1.02 6.73 12.58
C LEU B 171 -0.88 7.09 11.11
N PRO B 172 -0.15 8.16 10.78
CA PRO B 172 -0.08 8.60 9.38
C PRO B 172 0.56 7.60 8.45
N HIS B 173 1.34 6.65 8.96
CA HIS B 173 1.96 5.65 8.10
C HIS B 173 0.98 4.57 7.65
N ALA B 174 -0.20 4.51 8.25
CA ALA B 174 -1.20 3.50 7.91
C ALA B 174 -2.43 4.09 7.25
N ILE B 175 -2.42 5.39 6.95
CA ILE B 175 -3.56 6.04 6.32
C ILE B 175 -3.52 5.73 4.83
N MET B 176 -4.59 5.12 4.33
CA MET B 176 -4.71 4.82 2.91
C MET B 176 -5.45 5.95 2.20
N ARG B 177 -5.46 5.88 0.87
CA ARG B 177 -6.08 6.91 0.05
C ARG B 177 -6.49 6.31 -1.28
N LEU B 178 -7.78 6.32 -1.57
CA LEU B 178 -8.31 5.82 -2.83
C LEU B 178 -8.93 6.98 -3.59
N ASP B 179 -8.58 7.11 -4.88
CA ASP B 179 -9.08 8.18 -5.72
C ASP B 179 -10.38 7.82 -6.43
N LEU B 180 -11.12 6.86 -5.91
CA LEU B 180 -12.42 6.47 -6.44
C LEU B 180 -13.49 6.88 -5.43
N ALA B 181 -14.46 7.67 -5.89
CA ALA B 181 -15.46 8.24 -4.99
C ALA B 181 -16.76 8.40 -5.77
N GLY B 182 -17.68 9.20 -5.23
CA GLY B 182 -18.99 9.33 -5.83
C GLY B 182 -18.98 9.92 -7.23
N ARG B 183 -18.02 10.80 -7.51
CA ARG B 183 -17.92 11.39 -8.85
C ARG B 183 -17.64 10.32 -9.90
N ASP B 184 -16.78 9.35 -9.57
CA ASP B 184 -16.48 8.29 -10.52
C ASP B 184 -17.63 7.30 -10.63
N LEU B 185 -18.45 7.16 -9.58
CA LEU B 185 -19.59 6.25 -9.65
C LEU B 185 -20.67 6.80 -10.56
N THR B 186 -20.86 8.13 -10.57
CA THR B 186 -21.86 8.71 -11.46
C THR B 186 -21.48 8.51 -12.92
N ASP B 187 -20.20 8.66 -13.24
CA ASP B 187 -19.76 8.46 -14.62
C ASP B 187 -19.94 7.01 -15.06
N TYR B 188 -19.66 6.06 -14.17
CA TYR B 188 -19.86 4.66 -14.51
C TYR B 188 -21.34 4.34 -14.69
N LEU B 189 -22.20 4.96 -13.87
CA LEU B 189 -23.64 4.77 -14.05
C LEU B 189 -24.10 5.36 -15.38
N MET B 190 -23.50 6.47 -15.80
CA MET B 190 -23.83 7.05 -17.10
C MET B 190 -23.49 6.10 -18.23
N LYS B 191 -22.36 5.40 -18.11
CA LYS B 191 -21.94 4.49 -19.18
C LYS B 191 -22.85 3.27 -19.26
N ILE B 192 -23.13 2.63 -18.12
CA ILE B 192 -23.95 1.43 -18.13
C ILE B 192 -25.40 1.73 -18.45
N LEU B 193 -25.83 2.99 -18.35
CA LEU B 193 -27.17 3.37 -18.76
C LEU B 193 -27.28 3.52 -20.28
N THR B 194 -26.15 3.70 -20.98
CA THR B 194 -26.19 3.76 -22.43
C THR B 194 -26.43 2.38 -23.05
N GLU B 195 -26.10 1.32 -22.32
CA GLU B 195 -26.37 -0.03 -22.81
C GLU B 195 -27.86 -0.29 -22.96
N ARG B 196 -28.69 0.46 -22.23
CA ARG B 196 -30.13 0.36 -22.36
C ARG B 196 -30.71 1.33 -23.37
N GLY B 197 -29.87 2.08 -24.09
CA GLY B 197 -30.31 3.02 -25.09
C GLY B 197 -30.55 4.43 -24.59
N TYR B 198 -30.46 4.67 -23.29
CA TYR B 198 -30.66 6.02 -22.76
C TYR B 198 -29.45 6.89 -23.08
N SER B 199 -29.71 8.10 -23.58
CA SER B 199 -28.65 9.01 -24.00
C SER B 199 -28.46 10.07 -22.94
N PHE B 200 -27.60 9.76 -21.97
CA PHE B 200 -27.21 10.71 -20.92
C PHE B 200 -25.82 11.22 -21.26
N VAL B 201 -25.76 12.40 -21.86
CA VAL B 201 -24.49 12.93 -22.37
C VAL B 201 -24.18 14.28 -21.73
N THR B 202 -25.09 15.24 -21.88
CA THR B 202 -24.84 16.60 -21.43
C THR B 202 -24.75 16.66 -19.90
N THR B 203 -24.14 17.74 -19.41
CA THR B 203 -24.02 17.92 -17.97
C THR B 203 -25.36 18.13 -17.30
N ALA B 204 -26.35 18.64 -18.03
CA ALA B 204 -27.70 18.72 -17.49
C ALA B 204 -28.25 17.32 -17.22
N GLU B 205 -27.99 16.38 -18.12
CA GLU B 205 -28.41 14.99 -17.90
C GLU B 205 -27.56 14.31 -16.84
N ARG B 206 -26.37 14.84 -16.53
CA ARG B 206 -25.58 14.28 -15.44
C ARG B 206 -26.24 14.48 -14.10
N GLU B 207 -26.88 15.65 -13.90
CA GLU B 207 -27.62 15.88 -12.66
C GLU B 207 -28.79 14.92 -12.52
N ILE B 208 -29.45 14.61 -13.64
CA ILE B 208 -30.51 13.61 -13.62
C ILE B 208 -29.94 12.25 -13.25
N VAL B 209 -28.77 11.91 -13.79
CA VAL B 209 -28.13 10.64 -13.45
C VAL B 209 -27.72 10.62 -11.99
N ARG B 210 -27.29 11.77 -11.45
CA ARG B 210 -26.92 11.83 -10.05
C ARG B 210 -28.12 11.56 -9.16
N ASP B 211 -29.29 12.10 -9.51
CA ASP B 211 -30.50 11.83 -8.72
C ASP B 211 -30.93 10.38 -8.81
N ILE B 212 -30.70 9.73 -9.94
CA ILE B 212 -31.00 8.30 -10.07
C ILE B 212 -30.13 7.50 -9.11
N LYS B 213 -28.85 7.84 -9.04
CA LYS B 213 -27.93 7.12 -8.16
C LYS B 213 -28.29 7.30 -6.70
N GLU B 214 -28.69 8.52 -6.31
CA GLU B 214 -28.96 8.84 -4.92
C GLU B 214 -30.31 8.31 -4.43
N LYS B 215 -31.16 7.79 -5.32
CA LYS B 215 -32.49 7.35 -4.93
C LYS B 215 -32.83 5.94 -5.34
N LEU B 216 -32.03 5.29 -6.19
CA LEU B 216 -32.36 3.98 -6.70
C LEU B 216 -31.22 2.98 -6.68
N CYS B 217 -30.00 3.40 -6.37
CA CYS B 217 -28.84 2.52 -6.38
C CYS B 217 -28.54 2.05 -4.97
N TYR B 218 -28.29 0.75 -4.82
CA TYR B 218 -27.99 0.15 -3.53
C TYR B 218 -26.83 -0.83 -3.69
N VAL B 219 -26.39 -1.41 -2.58
CA VAL B 219 -25.29 -2.37 -2.57
C VAL B 219 -25.86 -3.75 -2.27
N ALA B 220 -25.59 -4.70 -3.16
CA ALA B 220 -26.03 -6.06 -2.96
C ALA B 220 -25.16 -6.78 -1.94
N LEU B 221 -25.77 -7.69 -1.19
CA LEU B 221 -25.01 -8.45 -0.20
C LEU B 221 -23.94 -9.32 -0.87
N ASP B 222 -24.29 -9.94 -1.99
CA ASP B 222 -23.32 -10.65 -2.81
C ASP B 222 -23.64 -10.39 -4.27
N PHE B 223 -22.58 -10.21 -5.07
CA PHE B 223 -22.76 -9.76 -6.45
C PHE B 223 -23.29 -10.88 -7.35
N GLU B 224 -22.81 -12.10 -7.15
CA GLU B 224 -23.13 -13.18 -8.09
C GLU B 224 -24.60 -13.58 -8.01
N ASN B 225 -25.11 -13.81 -6.80
CA ASN B 225 -26.50 -14.24 -6.66
C ASN B 225 -27.47 -13.13 -7.05
N GLU B 226 -27.11 -11.87 -6.79
CA GLU B 226 -27.96 -10.77 -7.23
C GLU B 226 -27.98 -10.65 -8.75
N MET B 227 -26.86 -10.95 -9.41
CA MET B 227 -26.82 -10.93 -10.87
C MET B 227 -27.76 -11.97 -11.46
N ALA B 228 -27.73 -13.19 -10.92
CA ALA B 228 -28.60 -14.25 -11.43
C ALA B 228 -30.07 -13.91 -11.17
N THR B 229 -30.37 -13.37 -9.99
CA THR B 229 -31.75 -13.00 -9.68
C THR B 229 -32.23 -11.86 -10.59
N ALA B 230 -31.38 -10.85 -10.81
CA ALA B 230 -31.77 -9.73 -11.65
C ALA B 230 -32.00 -10.17 -13.10
N ALA B 231 -31.16 -11.06 -13.61
CA ALA B 231 -31.27 -11.51 -14.98
C ALA B 231 -32.42 -12.48 -15.21
N SER B 232 -33.06 -12.99 -14.15
CA SER B 232 -34.13 -13.97 -14.27
C SER B 232 -35.48 -13.44 -13.79
N SER B 233 -35.54 -12.20 -13.32
CA SER B 233 -36.80 -11.64 -12.83
C SER B 233 -36.74 -10.12 -12.91
N SER B 234 -37.92 -9.50 -12.89
CA SER B 234 -38.04 -8.06 -12.95
C SER B 234 -38.37 -7.43 -11.60
N SER B 235 -38.23 -8.19 -10.51
CA SER B 235 -38.53 -7.66 -9.18
C SER B 235 -37.59 -6.54 -8.79
N LEU B 236 -36.33 -6.61 -9.23
CA LEU B 236 -35.35 -5.59 -8.90
C LEU B 236 -35.48 -4.33 -9.74
N GLU B 237 -36.27 -4.37 -10.82
CA GLU B 237 -36.38 -3.21 -11.69
C GLU B 237 -37.19 -2.11 -11.03
N LYS B 238 -36.73 -0.87 -11.21
CA LYS B 238 -37.41 0.31 -10.67
C LYS B 238 -37.50 1.37 -11.75
N SER B 239 -38.59 2.13 -11.73
CA SER B 239 -38.88 3.13 -12.73
C SER B 239 -38.62 4.52 -12.17
N TYR B 240 -37.87 5.33 -12.92
CA TYR B 240 -37.58 6.71 -12.55
C TYR B 240 -38.20 7.62 -13.60
N GLU B 241 -38.90 8.66 -13.15
CA GLU B 241 -39.59 9.59 -14.05
C GLU B 241 -38.67 10.75 -14.36
N LEU B 242 -38.37 10.93 -15.65
CA LEU B 242 -37.49 12.00 -16.08
C LEU B 242 -38.18 13.36 -15.92
N PRO B 243 -37.40 14.44 -15.85
CA PRO B 243 -38.01 15.77 -15.75
C PRO B 243 -38.87 16.14 -16.95
N ASP B 244 -38.68 15.49 -18.10
CA ASP B 244 -39.49 15.73 -19.29
C ASP B 244 -40.74 14.86 -19.32
N GLY B 245 -41.00 14.09 -18.27
CA GLY B 245 -42.14 13.19 -18.22
C GLY B 245 -41.88 11.79 -18.71
N GLN B 246 -40.70 11.53 -19.30
CA GLN B 246 -40.36 10.19 -19.74
C GLN B 246 -40.07 9.29 -18.55
N VAL B 247 -40.44 8.02 -18.69
CA VAL B 247 -40.25 7.02 -17.64
C VAL B 247 -39.16 6.07 -18.10
N ILE B 248 -38.09 5.95 -17.32
CA ILE B 248 -36.99 5.06 -17.61
C ILE B 248 -36.92 4.01 -16.52
N THR B 249 -36.44 2.82 -16.90
CA THR B 249 -36.36 1.67 -16.00
C THR B 249 -34.92 1.19 -15.91
N ILE B 250 -34.50 0.83 -14.70
CA ILE B 250 -33.15 0.33 -14.45
C ILE B 250 -33.27 -1.03 -13.76
N GLY B 251 -32.54 -2.02 -14.27
CA GLY B 251 -32.58 -3.35 -13.71
C GLY B 251 -31.40 -3.65 -12.82
N ASN B 252 -30.44 -4.43 -13.35
CA ASN B 252 -29.26 -4.76 -12.58
C ASN B 252 -28.29 -3.59 -12.44
N GLU B 253 -28.52 -2.48 -13.13
CA GLU B 253 -27.67 -1.32 -13.01
C GLU B 253 -27.76 -0.67 -11.63
N ARG B 254 -28.77 -1.04 -10.83
CA ARG B 254 -28.92 -0.43 -9.51
C ARG B 254 -27.75 -0.80 -8.59
N PHE B 255 -27.31 -2.06 -8.62
CA PHE B 255 -26.25 -2.51 -7.74
C PHE B 255 -24.91 -2.68 -8.47
N ARG B 256 -24.80 -2.22 -9.70
CA ARG B 256 -23.54 -2.25 -10.41
C ARG B 256 -22.73 -0.96 -10.23
N CYS B 257 -23.40 0.18 -10.15
CA CYS B 257 -22.69 1.42 -9.88
C CYS B 257 -22.02 1.43 -8.51
N PRO B 258 -22.68 1.06 -7.40
CA PRO B 258 -21.97 1.03 -6.11
C PRO B 258 -20.99 -0.12 -5.98
N GLU B 259 -21.09 -1.16 -6.82
CA GLU B 259 -20.16 -2.28 -6.74
C GLU B 259 -18.75 -1.88 -7.17
N THR B 260 -18.60 -0.78 -7.89
CA THR B 260 -17.27 -0.30 -8.25
C THR B 260 -16.44 0.03 -7.02
N LEU B 261 -17.10 0.34 -5.90
CA LEU B 261 -16.37 0.60 -4.66
C LEU B 261 -15.63 -0.65 -4.20
N PHE B 262 -16.27 -1.82 -4.30
CA PHE B 262 -15.66 -3.06 -3.86
C PHE B 262 -14.88 -3.76 -4.96
N GLN B 263 -15.12 -3.44 -6.22
CA GLN B 263 -14.42 -4.01 -7.36
C GLN B 263 -13.97 -2.88 -8.28
N PRO B 264 -12.89 -2.17 -7.91
CA PRO B 264 -12.47 -1.01 -8.71
C PRO B 264 -12.03 -1.36 -10.12
N SER B 265 -11.86 -2.65 -10.45
CA SER B 265 -11.50 -3.05 -11.80
C SER B 265 -12.62 -2.78 -12.80
N PHE B 266 -13.83 -2.46 -12.33
CA PHE B 266 -14.93 -2.17 -13.25
C PHE B 266 -14.65 -0.92 -14.07
N ILE B 267 -14.03 0.09 -13.45
CA ILE B 267 -13.69 1.33 -14.15
C ILE B 267 -12.22 1.33 -14.56
N GLY B 268 -11.58 0.16 -14.65
CA GLY B 268 -10.21 0.08 -15.09
C GLY B 268 -9.17 0.41 -14.05
N MET B 269 -9.55 0.49 -12.78
CA MET B 269 -8.61 0.81 -11.71
C MET B 269 -8.00 -0.48 -11.17
N GLU B 270 -6.70 -0.40 -10.84
CA GLU B 270 -5.96 -1.57 -10.39
C GLU B 270 -6.12 -1.85 -8.91
N SER B 271 -6.37 -0.83 -8.09
CA SER B 271 -6.36 -0.96 -6.65
C SER B 271 -7.48 -1.90 -6.17
N ALA B 272 -7.40 -2.27 -4.90
CA ALA B 272 -8.40 -3.13 -4.30
C ALA B 272 -9.58 -2.30 -3.80
N GLY B 273 -10.64 -3.00 -3.42
CA GLY B 273 -11.86 -2.34 -2.98
C GLY B 273 -11.70 -1.74 -1.59
N ILE B 274 -12.77 -1.06 -1.16
CA ILE B 274 -12.77 -0.43 0.16
C ILE B 274 -12.73 -1.46 1.26
N HIS B 275 -13.16 -2.70 1.00
CA HIS B 275 -13.13 -3.72 2.04
C HIS B 275 -11.72 -4.23 2.29
N GLU B 276 -10.91 -4.36 1.23
CA GLU B 276 -9.53 -4.79 1.39
C GLU B 276 -8.62 -3.64 1.78
N THR B 277 -8.96 -2.41 1.37
CA THR B 277 -8.17 -1.25 1.79
C THR B 277 -8.26 -1.05 3.29
N THR B 278 -9.45 -1.21 3.87
CA THR B 278 -9.60 -1.09 5.32
C THR B 278 -8.82 -2.16 6.05
N TYR B 279 -8.89 -3.41 5.57
CA TYR B 279 -8.14 -4.48 6.23
C TYR B 279 -6.64 -4.26 6.11
N ASN B 280 -6.18 -3.79 4.95
CA ASN B 280 -4.75 -3.50 4.79
C ASN B 280 -4.32 -2.37 5.72
N SER B 281 -5.17 -1.37 5.92
CA SER B 281 -4.83 -0.29 6.83
C SER B 281 -4.74 -0.79 8.27
N ILE B 282 -5.62 -1.71 8.66
CA ILE B 282 -5.57 -2.27 10.01
C ILE B 282 -4.28 -3.06 10.21
N MET B 283 -3.91 -3.88 9.23
CA MET B 283 -2.73 -4.74 9.35
C MET B 283 -1.42 -3.96 9.32
N LYS B 284 -1.45 -2.69 8.92
CA LYS B 284 -0.24 -1.86 8.94
C LYS B 284 -0.08 -1.12 10.26
N CYS B 285 -0.98 -1.33 11.22
CA CYS B 285 -0.88 -0.73 12.54
C CYS B 285 -0.23 -1.71 13.52
N ASP B 286 0.01 -1.22 14.73
CA ASP B 286 0.61 -2.05 15.77
C ASP B 286 -0.34 -3.19 16.14
N ILE B 287 0.23 -4.36 16.42
CA ILE B 287 -0.58 -5.54 16.70
C ILE B 287 -1.39 -5.38 17.99
N ASP B 288 -0.96 -4.50 18.89
CA ASP B 288 -1.64 -4.30 20.17
C ASP B 288 -2.84 -3.38 20.07
N ILE B 289 -3.09 -2.78 18.90
CA ILE B 289 -4.21 -1.87 18.71
C ILE B 289 -5.19 -2.36 17.65
N ARG B 290 -4.88 -3.47 16.97
CA ARG B 290 -5.76 -3.93 15.90
C ARG B 290 -7.11 -4.41 16.43
N LYS B 291 -7.13 -4.99 17.64
CA LYS B 291 -8.39 -5.49 18.18
C LYS B 291 -9.37 -4.36 18.42
N ASP B 292 -8.89 -3.20 18.86
CA ASP B 292 -9.78 -2.06 19.09
C ASP B 292 -10.21 -1.42 17.78
N LEU B 293 -9.36 -1.45 16.76
CA LEU B 293 -9.75 -0.89 15.47
C LEU B 293 -10.76 -1.76 14.74
N TYR B 294 -10.75 -3.07 15.01
CA TYR B 294 -11.69 -3.97 14.35
C TYR B 294 -13.13 -3.67 14.76
N ALA B 295 -13.35 -3.36 16.03
CA ALA B 295 -14.69 -3.17 16.56
C ALA B 295 -15.21 -1.74 16.40
N ASN B 296 -14.41 -0.82 15.87
CA ASN B 296 -14.80 0.56 15.67
C ASN B 296 -14.51 0.95 14.22
N ASN B 297 -15.45 0.69 13.33
CA ASN B 297 -15.35 1.06 11.92
C ASN B 297 -16.40 2.14 11.65
N VAL B 298 -15.97 3.39 11.64
CA VAL B 298 -16.87 4.53 11.50
C VAL B 298 -16.94 4.93 10.04
N MET B 299 -18.17 4.98 9.50
CA MET B 299 -18.40 5.42 8.14
C MET B 299 -18.80 6.90 8.14
N SER B 300 -18.41 7.60 7.08
CA SER B 300 -18.76 9.01 6.93
C SER B 300 -18.73 9.36 5.45
N GLY B 301 -19.20 10.55 5.14
CA GLY B 301 -19.23 11.02 3.77
C GLY B 301 -20.51 10.63 3.04
N GLY B 302 -20.75 11.31 1.93
CA GLY B 302 -21.97 11.07 1.17
C GLY B 302 -22.00 9.70 0.52
N THR B 303 -20.87 9.24 0.00
CA THR B 303 -20.85 8.01 -0.79
C THR B 303 -21.15 6.77 0.04
N THR B 304 -20.98 6.84 1.36
CA THR B 304 -21.25 5.71 2.24
C THR B 304 -22.72 5.61 2.65
N MET B 305 -23.62 6.27 1.92
CA MET B 305 -25.03 6.29 2.26
C MET B 305 -25.85 5.25 1.51
N TYR B 306 -25.21 4.39 0.73
CA TYR B 306 -25.94 3.39 -0.02
C TYR B 306 -26.64 2.41 0.92
N PRO B 307 -27.86 1.99 0.60
CA PRO B 307 -28.56 1.02 1.46
C PRO B 307 -27.92 -0.36 1.39
N GLY B 308 -27.28 -0.78 2.49
CA GLY B 308 -26.66 -2.09 2.57
C GLY B 308 -25.15 -2.09 2.51
N ILE B 309 -24.51 -0.91 2.47
CA ILE B 309 -23.05 -0.87 2.44
C ILE B 309 -22.49 -1.32 3.78
N ALA B 310 -23.16 -0.98 4.88
CA ALA B 310 -22.68 -1.40 6.20
C ALA B 310 -22.74 -2.91 6.38
N ASP B 311 -23.84 -3.53 5.94
CA ASP B 311 -23.94 -4.98 6.03
C ASP B 311 -22.94 -5.67 5.12
N ARG B 312 -22.73 -5.15 3.92
CA ARG B 312 -21.76 -5.72 3.01
C ARG B 312 -20.34 -5.59 3.55
N MET B 313 -20.02 -4.42 4.12
CA MET B 313 -18.66 -4.20 4.61
C MET B 313 -18.32 -5.14 5.76
N GLN B 314 -19.29 -5.41 6.64
CA GLN B 314 -19.03 -6.32 7.76
C GLN B 314 -18.73 -7.73 7.26
N LYS B 315 -19.46 -8.19 6.26
CA LYS B 315 -19.24 -9.53 5.72
C LYS B 315 -17.87 -9.66 5.07
N GLU B 316 -17.43 -8.62 4.35
CA GLU B 316 -16.16 -8.70 3.63
C GLU B 316 -14.98 -8.66 4.58
N ILE B 317 -15.00 -7.75 5.57
CA ILE B 317 -13.89 -7.64 6.51
C ILE B 317 -13.84 -8.86 7.41
N THR B 318 -14.99 -9.48 7.69
CA THR B 318 -15.01 -10.66 8.54
C THR B 318 -14.18 -11.80 7.95
N ALA B 319 -14.29 -12.00 6.63
CA ALA B 319 -13.54 -13.06 5.98
C ALA B 319 -12.04 -12.82 6.07
N LEU B 320 -11.60 -11.57 5.90
CA LEU B 320 -10.18 -11.26 5.94
C LEU B 320 -9.60 -11.26 7.35
N ALA B 321 -10.43 -11.15 8.36
CA ALA B 321 -9.98 -11.07 9.74
C ALA B 321 -10.05 -12.43 10.42
N PRO B 322 -9.26 -12.63 11.48
CA PRO B 322 -9.35 -13.90 12.22
C PRO B 322 -10.73 -14.10 12.83
N SER B 323 -11.10 -15.37 12.98
CA SER B 323 -12.46 -15.71 13.42
C SER B 323 -12.73 -15.19 14.83
N THR B 324 -11.73 -15.22 15.71
CA THR B 324 -11.93 -14.82 17.10
C THR B 324 -12.24 -13.33 17.24
N MET B 325 -11.86 -12.51 16.26
CA MET B 325 -12.11 -11.08 16.35
C MET B 325 -13.59 -10.77 16.11
N LYS B 326 -14.01 -9.60 16.58
CA LYS B 326 -15.36 -9.11 16.39
C LYS B 326 -15.32 -7.84 15.56
N ILE B 327 -16.13 -7.80 14.50
CA ILE B 327 -16.17 -6.66 13.58
C ILE B 327 -17.47 -5.93 13.78
N LYS B 328 -17.40 -4.60 13.92
CA LYS B 328 -18.59 -3.78 14.11
C LYS B 328 -18.46 -2.54 13.25
N ILE B 329 -19.42 -2.37 12.33
CA ILE B 329 -19.47 -1.20 11.46
C ILE B 329 -20.43 -0.18 12.09
N ILE B 330 -19.93 1.02 12.34
CA ILE B 330 -20.68 2.05 13.03
C ILE B 330 -21.02 3.13 12.01
N ALA B 331 -22.25 3.11 11.51
CA ALA B 331 -22.72 4.08 10.52
C ALA B 331 -23.87 4.88 11.08
N PRO B 332 -23.62 6.08 11.61
CA PRO B 332 -24.73 6.90 12.11
C PRO B 332 -25.64 7.32 10.97
N PRO B 333 -26.94 7.50 11.25
CA PRO B 333 -27.86 7.86 10.16
C PRO B 333 -27.51 9.16 9.45
N GLU B 334 -27.05 10.16 10.19
CA GLU B 334 -26.65 11.43 9.60
C GLU B 334 -25.12 11.48 9.43
N ARG B 335 -24.61 10.58 8.60
CA ARG B 335 -23.19 10.53 8.31
C ARG B 335 -22.80 11.39 7.11
N LYS B 336 -23.78 11.98 6.42
CA LYS B 336 -23.45 12.85 5.29
C LYS B 336 -22.83 14.16 5.76
N TYR B 337 -23.15 14.59 6.98
CA TYR B 337 -22.61 15.82 7.54
C TYR B 337 -21.83 15.56 8.83
N SER B 338 -21.25 14.37 8.96
CA SER B 338 -20.53 14.02 10.18
C SER B 338 -19.33 14.93 10.40
N VAL B 339 -18.59 15.24 9.34
CA VAL B 339 -17.41 16.09 9.48
C VAL B 339 -17.79 17.48 9.96
N TRP B 340 -18.86 18.05 9.42
CA TRP B 340 -19.31 19.36 9.88
C TRP B 340 -19.90 19.28 11.28
N ILE B 341 -20.67 18.23 11.57
CA ILE B 341 -21.29 18.09 12.88
C ILE B 341 -20.23 17.99 13.97
N GLY B 342 -19.16 17.24 13.70
CA GLY B 342 -18.06 17.18 14.65
C GLY B 342 -17.42 18.53 14.89
N GLY B 343 -17.26 19.32 13.82
CA GLY B 343 -16.76 20.68 13.98
C GLY B 343 -17.74 21.57 14.72
N SER B 344 -19.04 21.39 14.48
CA SER B 344 -20.05 22.14 15.21
C SER B 344 -20.02 21.80 16.70
N ILE B 345 -19.91 20.52 17.03
CA ILE B 345 -19.82 20.11 18.43
C ILE B 345 -18.52 20.63 19.06
N LEU B 346 -17.41 20.48 18.33
CA LEU B 346 -16.11 20.83 18.91
C LEU B 346 -16.01 22.32 19.21
N ALA B 347 -16.51 23.17 18.31
CA ALA B 347 -16.38 24.62 18.51
C ALA B 347 -17.20 25.09 19.70
N SER B 348 -18.38 24.50 19.92
CA SER B 348 -19.27 24.96 20.98
C SER B 348 -18.79 24.56 22.37
N LEU B 349 -17.97 23.52 22.50
CA LEU B 349 -17.53 23.07 23.81
C LEU B 349 -16.67 24.12 24.48
N SER B 350 -16.85 24.25 25.80
CA SER B 350 -16.08 25.24 26.57
C SER B 350 -14.63 24.85 26.70
N THR B 351 -14.33 23.55 26.65
CA THR B 351 -12.95 23.10 26.73
C THR B 351 -12.13 23.59 25.54
N PHE B 352 -12.73 23.54 24.34
CA PHE B 352 -12.05 23.98 23.13
C PHE B 352 -11.87 25.49 23.05
N GLN B 353 -12.54 26.26 23.90
CA GLN B 353 -12.48 27.71 23.82
C GLN B 353 -11.07 28.26 24.09
N GLN B 354 -10.19 27.46 24.69
CA GLN B 354 -8.85 27.90 25.01
C GLN B 354 -7.83 27.62 23.92
N MET B 355 -8.20 26.87 22.89
CA MET B 355 -7.26 26.47 21.85
C MET B 355 -7.43 27.21 20.54
N TRP B 356 -8.23 28.27 20.50
CA TRP B 356 -8.33 29.09 19.30
C TRP B 356 -6.99 29.76 19.01
N ILE B 357 -6.63 29.79 17.73
CA ILE B 357 -5.37 30.41 17.30
C ILE B 357 -5.65 31.90 17.20
N THR B 358 -5.45 32.61 18.31
CA THR B 358 -5.75 34.03 18.37
C THR B 358 -4.85 34.81 17.40
N LYS B 359 -5.41 35.85 16.80
CA LYS B 359 -4.66 36.65 15.83
C LYS B 359 -3.46 37.32 16.46
N GLN B 360 -3.48 37.54 17.78
CA GLN B 360 -2.34 38.15 18.44
C GLN B 360 -1.11 37.27 18.34
N GLU B 361 -1.30 35.95 18.43
CA GLU B 361 -0.18 35.03 18.22
C GLU B 361 0.37 35.14 16.81
N TYR B 362 -0.51 35.23 15.81
CA TYR B 362 -0.09 35.33 14.43
C TYR B 362 0.68 36.62 14.15
N ASP B 363 0.55 37.64 15.01
CA ASP B 363 1.28 38.87 14.81
C ASP B 363 2.67 38.84 15.47
N GLU B 364 2.77 38.26 16.66
CA GLU B 364 4.06 38.19 17.34
C GLU B 364 4.98 37.15 16.70
N ALA B 365 4.42 36.07 16.18
CA ALA B 365 5.20 35.00 15.56
C ALA B 365 4.66 34.74 14.16
N GLY B 366 5.27 33.75 13.49
CA GLY B 366 4.88 33.42 12.15
C GLY B 366 3.66 32.53 12.10
N PRO B 367 3.29 32.12 10.88
CA PRO B 367 2.15 31.21 10.73
C PRO B 367 2.42 29.78 11.17
N SER B 368 3.59 29.50 11.77
CA SER B 368 3.93 28.16 12.21
C SER B 368 3.16 27.71 13.43
N ILE B 369 2.40 28.60 14.06
CA ILE B 369 1.65 28.26 15.27
C ILE B 369 0.41 27.45 14.91
N VAL B 370 0.18 27.22 13.62
CA VAL B 370 -0.91 26.35 13.20
C VAL B 370 -0.65 24.91 13.61
N HIS B 371 0.59 24.57 13.97
CA HIS B 371 0.95 23.23 14.41
C HIS B 371 0.77 23.03 15.90
N ARG B 372 0.25 24.03 16.61
CA ARG B 372 0.01 23.94 18.04
C ARG B 372 -1.02 22.85 18.36
N THR C 6 31.34 -26.31 -15.52
CA THR C 6 31.48 -25.39 -14.40
C THR C 6 30.26 -25.45 -13.49
N ALA C 7 30.19 -24.53 -12.52
CA ALA C 7 29.11 -24.47 -11.57
C ALA C 7 28.40 -23.12 -11.68
N LEU C 8 27.07 -23.15 -11.73
CA LEU C 8 26.30 -21.92 -11.78
C LEU C 8 26.32 -21.24 -10.41
N VAL C 9 26.27 -19.90 -10.43
CA VAL C 9 26.22 -19.08 -9.23
C VAL C 9 25.03 -18.15 -9.38
N CYS C 10 23.88 -18.56 -8.86
CA CYS C 10 22.65 -17.79 -8.96
C CYS C 10 22.40 -17.04 -7.66
N ASP C 11 22.23 -15.72 -7.77
CA ASP C 11 21.95 -14.86 -6.62
C ASP C 11 20.54 -14.29 -6.83
N ASN C 12 19.54 -15.03 -6.37
CA ASN C 12 18.14 -14.65 -6.54
C ASN C 12 17.75 -13.66 -5.46
N GLY C 13 18.00 -12.38 -5.73
CA GLY C 13 17.64 -11.33 -4.80
C GLY C 13 16.17 -10.98 -4.84
N SER C 14 15.78 -10.06 -3.97
CA SER C 14 14.39 -9.64 -3.89
C SER C 14 14.00 -8.73 -5.05
N GLY C 15 14.96 -7.99 -5.61
CA GLY C 15 14.66 -7.06 -6.69
C GLY C 15 15.18 -7.49 -8.04
N LEU C 16 16.36 -8.12 -8.06
CA LEU C 16 17.00 -8.53 -9.29
C LEU C 16 17.52 -9.95 -9.16
N VAL C 17 17.63 -10.63 -10.30
CA VAL C 17 18.22 -11.96 -10.38
C VAL C 17 19.53 -11.85 -11.14
N LYS C 18 20.61 -12.35 -10.54
CA LYS C 18 21.94 -12.30 -11.13
C LYS C 18 22.48 -13.73 -11.24
N ALA C 19 22.53 -14.24 -12.47
CA ALA C 19 23.05 -15.56 -12.75
C ALA C 19 24.38 -15.46 -13.48
N GLY C 20 25.05 -16.60 -13.62
CA GLY C 20 26.34 -16.62 -14.28
C GLY C 20 27.04 -17.94 -14.04
N PHE C 21 28.34 -17.96 -14.32
CA PHE C 21 29.17 -19.14 -14.17
C PHE C 21 30.30 -18.85 -13.20
N ALA C 22 30.65 -19.85 -12.39
CA ALA C 22 31.76 -19.72 -11.46
C ALA C 22 33.07 -19.57 -12.22
N GLY C 23 33.90 -18.64 -11.77
CA GLY C 23 35.16 -18.34 -12.41
C GLY C 23 35.16 -17.07 -13.23
N ASP C 24 33.99 -16.53 -13.55
CA ASP C 24 33.90 -15.27 -14.30
C ASP C 24 34.04 -14.10 -13.34
N ASP C 25 33.79 -12.89 -13.85
CA ASP C 25 33.88 -11.68 -13.04
C ASP C 25 32.60 -10.84 -13.04
N ALA C 26 31.68 -11.09 -13.97
CA ALA C 26 30.43 -10.35 -14.04
C ALA C 26 29.29 -11.32 -14.29
N PRO C 27 28.08 -11.01 -13.81
CA PRO C 27 26.94 -11.88 -14.08
C PRO C 27 26.59 -11.89 -15.57
N ARG C 28 26.07 -13.02 -16.01
CA ARG C 28 25.64 -13.17 -17.41
C ARG C 28 24.23 -12.69 -17.65
N ALA C 29 23.35 -12.77 -16.64
CA ALA C 29 21.96 -12.37 -16.79
C ALA C 29 21.55 -11.57 -15.55
N VAL C 30 21.19 -10.31 -15.75
CA VAL C 30 20.72 -9.44 -14.68
C VAL C 30 19.38 -8.88 -15.14
N PHE C 31 18.29 -9.40 -14.61
CA PHE C 31 16.95 -8.99 -15.00
C PHE C 31 16.07 -8.89 -13.76
N PRO C 32 15.02 -8.06 -13.81
CA PRO C 32 14.14 -7.92 -12.64
C PRO C 32 13.44 -9.24 -12.31
N SER C 33 13.19 -9.43 -11.02
CA SER C 33 12.51 -10.62 -10.52
C SER C 33 11.02 -10.33 -10.34
N ILE C 34 10.33 -10.19 -11.48
CA ILE C 34 8.91 -9.91 -11.50
C ILE C 34 8.22 -10.85 -12.48
N VAL C 35 6.95 -11.12 -12.23
CA VAL C 35 6.10 -11.88 -13.13
C VAL C 35 4.84 -11.06 -13.37
N GLY C 36 4.54 -10.76 -14.63
CA GLY C 36 3.40 -9.94 -14.99
C GLY C 36 2.35 -10.75 -15.71
N ARG C 37 1.08 -10.40 -15.49
CA ARG C 37 -0.04 -11.02 -16.17
C ARG C 37 -0.97 -9.94 -16.69
N PRO C 38 -1.57 -10.14 -17.86
CA PRO C 38 -2.45 -9.11 -18.43
C PRO C 38 -3.67 -8.86 -17.55
N ARG C 39 -4.09 -7.60 -17.49
CA ARG C 39 -5.27 -7.21 -16.73
C ARG C 39 -6.40 -6.71 -17.61
N HIS C 40 -6.18 -6.62 -18.92
CA HIS C 40 -7.20 -6.20 -19.88
C HIS C 40 -7.60 -7.38 -20.76
N GLN C 41 -8.50 -7.12 -21.70
CA GLN C 41 -9.00 -8.15 -22.60
C GLN C 41 -8.32 -8.02 -23.96
N GLY C 42 -8.10 -9.18 -24.61
CA GLY C 42 -7.50 -9.23 -25.92
C GLY C 42 -8.54 -9.14 -27.00
N VAL C 43 -8.23 -8.38 -28.05
CA VAL C 43 -9.17 -8.18 -29.14
C VAL C 43 -8.64 -8.72 -30.48
N MET C 44 -7.36 -8.51 -30.79
CA MET C 44 -6.83 -8.97 -32.07
C MET C 44 -6.77 -10.49 -32.11
N VAL C 45 -6.83 -11.04 -33.32
CA VAL C 45 -7.04 -12.47 -33.52
C VAL C 45 -5.69 -13.16 -33.72
N GLY C 46 -5.46 -14.24 -32.97
CA GLY C 46 -4.33 -15.12 -33.19
C GLY C 46 -2.98 -14.45 -33.12
N MET C 47 -2.77 -13.62 -32.11
CA MET C 47 -1.54 -12.86 -31.97
C MET C 47 -0.50 -13.59 -31.13
N GLY C 48 -0.87 -14.71 -30.51
CA GLY C 48 0.04 -15.40 -29.62
C GLY C 48 0.35 -14.62 -28.36
N GLN C 49 -0.66 -13.97 -27.78
CA GLN C 49 -0.45 -13.16 -26.59
C GLN C 49 -0.18 -14.04 -25.38
N LYS C 50 0.96 -13.83 -24.74
CA LYS C 50 1.35 -14.61 -23.59
C LYS C 50 0.47 -14.30 -22.38
N ASP C 51 0.30 -15.30 -21.52
CA ASP C 51 -0.44 -15.12 -20.27
C ASP C 51 0.44 -14.78 -19.08
N SER C 52 1.76 -14.88 -19.22
CA SER C 52 2.68 -14.53 -18.14
C SER C 52 4.00 -14.07 -18.75
N TYR C 53 4.54 -12.99 -18.21
CA TYR C 53 5.81 -12.42 -18.65
C TYR C 53 6.78 -12.43 -17.48
N VAL C 54 7.97 -13.00 -17.70
CA VAL C 54 8.99 -13.13 -16.67
C VAL C 54 10.21 -12.32 -17.08
N GLY C 55 10.69 -11.48 -16.17
CA GLY C 55 11.92 -10.76 -16.40
C GLY C 55 11.77 -9.49 -17.20
N ASP C 56 12.67 -9.28 -18.18
CA ASP C 56 12.65 -8.06 -18.98
C ASP C 56 11.44 -7.98 -19.90
N GLU C 57 10.78 -9.10 -20.18
CA GLU C 57 9.57 -9.06 -20.98
C GLU C 57 8.46 -8.28 -20.28
N ALA C 58 8.31 -8.48 -18.96
CA ALA C 58 7.31 -7.76 -18.21
C ALA C 58 7.62 -6.27 -18.16
N GLN C 59 8.90 -5.91 -17.98
CA GLN C 59 9.27 -4.50 -17.88
C GLN C 59 9.06 -3.75 -19.18
N SER C 60 9.05 -4.43 -20.32
CA SER C 60 8.79 -3.78 -21.60
C SER C 60 7.30 -3.66 -21.89
N LYS C 61 6.48 -4.55 -21.35
CA LYS C 61 5.04 -4.53 -21.54
C LYS C 61 4.29 -4.16 -20.26
N ARG C 62 4.97 -3.44 -19.35
CA ARG C 62 4.41 -3.19 -18.03
C ARG C 62 3.17 -2.30 -18.04
N GLY C 63 2.87 -1.67 -19.17
CA GLY C 63 1.70 -0.80 -19.22
C GLY C 63 0.38 -1.53 -19.23
N ILE C 64 0.40 -2.84 -19.45
CA ILE C 64 -0.83 -3.62 -19.52
C ILE C 64 -0.73 -4.85 -18.62
N LEU C 65 0.11 -4.78 -17.60
CA LEU C 65 0.39 -5.93 -16.75
C LEU C 65 0.28 -5.55 -15.28
N THR C 66 0.14 -6.57 -14.45
CA THR C 66 0.16 -6.45 -13.00
C THR C 66 1.47 -7.06 -12.50
N LEU C 67 2.49 -6.23 -12.36
CA LEU C 67 3.81 -6.72 -11.97
C LEU C 67 3.80 -7.13 -10.50
N LYS C 68 4.27 -8.34 -10.22
CA LYS C 68 4.29 -8.88 -8.87
C LYS C 68 5.65 -9.52 -8.59
N TYR C 69 6.22 -9.20 -7.43
CA TYR C 69 7.49 -9.80 -7.02
C TYR C 69 7.22 -11.09 -6.27
N PRO C 70 7.76 -12.23 -6.72
CA PRO C 70 7.59 -13.47 -5.94
C PRO C 70 8.37 -13.51 -4.64
N ILE C 71 9.31 -12.59 -4.43
CA ILE C 71 10.11 -12.52 -3.21
C ILE C 71 9.86 -11.18 -2.55
N GLU C 72 9.45 -11.21 -1.28
CA GLU C 72 9.28 -10.00 -0.50
C GLU C 72 9.98 -10.12 0.85
N HIC C 73 10.81 -9.12 1.16
CA HIC C 73 11.59 -9.10 2.39
C HIC C 73 12.53 -10.29 2.50
O HIC C 73 12.78 -10.79 3.60
CB HIC C 73 10.69 -9.02 3.63
CG HIC C 73 9.98 -7.72 3.74
ND1 HIC C 73 10.65 -6.52 3.73
CD2 HIC C 73 8.63 -7.49 3.86
CE1 HIC C 73 9.72 -5.60 3.84
NE2 HIC C 73 8.49 -6.13 3.93
CZ HIC C 73 7.25 -5.40 4.06
N GLY C 74 13.05 -10.74 1.37
CA GLY C 74 14.02 -11.82 1.34
C GLY C 74 13.46 -13.21 1.54
N ILE C 75 12.14 -13.32 1.56
CA ILE C 75 11.44 -14.59 1.76
C ILE C 75 10.58 -14.86 0.54
N ILE C 76 10.70 -16.06 -0.01
CA ILE C 76 9.93 -16.46 -1.18
C ILE C 76 8.51 -16.79 -0.71
N THR C 77 7.56 -15.93 -1.06
CA THR C 77 6.17 -16.14 -0.66
C THR C 77 5.36 -16.87 -1.73
N ASN C 78 5.66 -16.63 -3.00
CA ASN C 78 5.01 -17.31 -4.11
C ASN C 78 5.99 -18.33 -4.69
N TRP C 79 5.62 -19.61 -4.60
CA TRP C 79 6.52 -20.67 -5.06
C TRP C 79 6.22 -21.13 -6.48
N ASP C 80 4.98 -20.95 -6.95
CA ASP C 80 4.69 -21.23 -8.34
C ASP C 80 5.37 -20.22 -9.25
N ASP C 81 5.42 -18.96 -8.84
CA ASP C 81 6.09 -17.94 -9.64
C ASP C 81 7.60 -18.08 -9.59
N MET C 82 8.14 -18.57 -8.48
CA MET C 82 9.59 -18.68 -8.34
C MET C 82 10.15 -19.75 -9.28
N GLU C 83 9.42 -20.84 -9.48
CA GLU C 83 9.86 -21.85 -10.44
C GLU C 83 9.87 -21.30 -11.86
N LYS C 84 8.97 -20.37 -12.17
CA LYS C 84 8.97 -19.74 -13.48
C LYS C 84 10.21 -18.86 -13.68
N ILE C 85 10.63 -18.16 -12.64
CA ILE C 85 11.80 -17.29 -12.76
C ILE C 85 13.07 -18.12 -12.88
N TRP C 86 13.17 -19.22 -12.13
CA TRP C 86 14.33 -20.10 -12.26
C TRP C 86 14.37 -20.77 -13.63
N HIS C 87 13.20 -21.14 -14.16
CA HIS C 87 13.14 -21.72 -15.50
C HIS C 87 13.59 -20.71 -16.55
N HIS C 88 13.22 -19.44 -16.38
CA HIS C 88 13.66 -18.40 -17.29
C HIS C 88 15.17 -18.20 -17.22
N THR C 89 15.75 -18.31 -16.02
CA THR C 89 17.19 -18.11 -15.85
C THR C 89 17.99 -19.26 -16.46
N PHE C 90 17.58 -20.50 -16.19
CA PHE C 90 18.37 -21.65 -16.63
C PHE C 90 18.28 -21.91 -18.12
N TYR C 91 17.17 -21.53 -18.76
CA TYR C 91 16.94 -21.88 -20.15
C TYR C 91 16.98 -20.70 -21.10
N ASN C 92 16.29 -19.61 -20.79
CA ASN C 92 16.19 -18.47 -21.70
C ASN C 92 17.29 -17.44 -21.51
N GLU C 93 18.04 -17.49 -20.42
CA GLU C 93 19.08 -16.51 -20.15
C GLU C 93 20.47 -17.12 -20.18
N LEU C 94 20.73 -18.16 -19.39
CA LEU C 94 22.02 -18.82 -19.42
C LEU C 94 22.11 -19.83 -20.56
N ARG C 95 20.98 -20.40 -20.96
CA ARG C 95 20.90 -21.39 -22.04
C ARG C 95 21.78 -22.60 -21.73
N VAL C 96 21.52 -23.19 -20.56
CA VAL C 96 22.25 -24.36 -20.09
C VAL C 96 21.24 -25.41 -19.63
N ALA C 97 21.73 -26.63 -19.50
CA ALA C 97 20.93 -27.71 -18.94
C ALA C 97 21.25 -27.84 -17.46
N PRO C 98 20.30 -27.58 -16.56
CA PRO C 98 20.62 -27.61 -15.12
C PRO C 98 21.05 -28.98 -14.62
N GLU C 99 20.77 -30.05 -15.37
CA GLU C 99 21.14 -31.38 -14.95
C GLU C 99 22.65 -31.62 -15.00
N GLU C 100 23.43 -30.71 -15.58
CA GLU C 100 24.86 -30.91 -15.76
C GLU C 100 25.71 -29.96 -14.93
N HIS C 101 25.13 -28.97 -14.26
CA HIS C 101 25.90 -28.00 -13.49
C HIS C 101 25.35 -27.92 -12.07
N PRO C 102 26.20 -28.04 -11.05
CA PRO C 102 25.77 -27.70 -9.69
C PRO C 102 25.48 -26.22 -9.57
N THR C 103 24.55 -25.88 -8.68
CA THR C 103 24.07 -24.52 -8.51
C THR C 103 24.39 -24.03 -7.11
N LEU C 104 24.91 -22.81 -7.01
CA LEU C 104 25.18 -22.16 -5.73
C LEU C 104 24.14 -21.06 -5.54
N LEU C 105 23.44 -21.10 -4.41
CA LEU C 105 22.38 -20.15 -4.10
C LEU C 105 22.73 -19.34 -2.86
N THR C 106 22.08 -18.20 -2.72
CA THR C 106 22.29 -17.30 -1.59
C THR C 106 20.98 -17.08 -0.86
N GLU C 107 21.09 -16.78 0.44
CA GLU C 107 19.93 -16.55 1.28
C GLU C 107 20.31 -15.62 2.42
N ALA C 108 19.43 -14.68 2.73
CA ALA C 108 19.70 -13.71 3.79
C ALA C 108 19.68 -14.38 5.16
N PRO C 109 20.48 -13.89 6.10
CA PRO C 109 20.50 -14.48 7.44
C PRO C 109 19.20 -14.23 8.19
N LEU C 110 18.96 -15.09 9.18
CA LEU C 110 17.76 -15.03 10.02
C LEU C 110 16.48 -15.13 9.18
N ASN C 111 16.39 -16.22 8.44
CA ASN C 111 15.29 -16.52 7.55
C ASN C 111 14.56 -17.77 8.04
N PRO C 112 13.29 -17.93 7.65
CA PRO C 112 12.56 -19.15 8.06
C PRO C 112 13.25 -20.41 7.57
N LYS C 113 13.18 -21.45 8.38
CA LYS C 113 13.86 -22.70 8.05
C LYS C 113 13.21 -23.42 6.88
N ALA C 114 11.96 -23.09 6.55
CA ALA C 114 11.29 -23.70 5.40
C ALA C 114 11.59 -22.97 4.10
N ASN C 115 12.07 -21.73 4.17
CA ASN C 115 12.49 -21.04 2.96
C ASN C 115 13.69 -21.72 2.33
N ARG C 116 14.67 -22.10 3.15
CA ARG C 116 15.87 -22.76 2.65
C ARG C 116 15.63 -24.22 2.30
N GLU C 117 14.74 -24.90 3.02
CA GLU C 117 14.46 -26.31 2.73
C GLU C 117 13.76 -26.48 1.40
N LYS C 118 12.81 -25.60 1.08
CA LYS C 118 12.05 -25.75 -0.16
C LYS C 118 12.92 -25.47 -1.38
N MET C 119 13.93 -24.62 -1.24
CA MET C 119 14.86 -24.40 -2.34
C MET C 119 15.64 -25.67 -2.67
N THR C 120 16.02 -26.44 -1.64
CA THR C 120 16.70 -27.70 -1.87
C THR C 120 15.80 -28.70 -2.59
N GLN C 121 14.52 -28.75 -2.20
CA GLN C 121 13.61 -29.72 -2.81
C GLN C 121 13.36 -29.40 -4.28
N ILE C 122 13.22 -28.12 -4.62
CA ILE C 122 12.94 -27.74 -6.00
C ILE C 122 14.18 -27.98 -6.89
N MET C 123 15.35 -27.59 -6.41
CA MET C 123 16.57 -27.77 -7.21
C MET C 123 16.89 -29.23 -7.44
N PHE C 124 16.53 -30.11 -6.51
CA PHE C 124 16.93 -31.50 -6.61
C PHE C 124 15.88 -32.40 -7.25
N GLU C 125 14.61 -32.00 -7.24
CA GLU C 125 13.54 -32.84 -7.77
C GLU C 125 12.92 -32.31 -9.06
N THR C 126 12.98 -31.01 -9.30
CA THR C 126 12.43 -30.42 -10.52
C THR C 126 13.50 -30.26 -11.60
N PHE C 127 14.58 -29.54 -11.27
CA PHE C 127 15.66 -29.32 -12.22
C PHE C 127 16.69 -30.44 -12.23
N ASN C 128 16.67 -31.32 -11.22
CA ASN C 128 17.53 -32.50 -11.17
C ASN C 128 19.02 -32.13 -11.29
N VAL C 129 19.43 -31.12 -10.54
CA VAL C 129 20.84 -30.72 -10.50
C VAL C 129 21.62 -31.82 -9.80
N PRO C 130 22.92 -31.99 -10.09
CA PRO C 130 23.68 -33.04 -9.39
C PRO C 130 24.20 -32.63 -8.03
N ALA C 131 24.33 -31.33 -7.76
CA ALA C 131 24.78 -30.85 -6.46
C ALA C 131 24.30 -29.43 -6.29
N MET C 132 24.34 -28.96 -5.04
CA MET C 132 23.90 -27.60 -4.74
C MET C 132 24.49 -27.17 -3.41
N TYR C 133 24.38 -25.86 -3.14
CA TYR C 133 24.86 -25.29 -1.89
C TYR C 133 24.18 -23.95 -1.69
N VAL C 134 23.83 -23.65 -0.44
CA VAL C 134 23.19 -22.39 -0.07
C VAL C 134 24.15 -21.63 0.84
N ALA C 135 24.47 -20.40 0.46
CA ALA C 135 25.42 -19.57 1.18
C ALA C 135 24.75 -18.33 1.73
N ILE C 136 25.40 -17.69 2.69
CA ILE C 136 24.92 -16.46 3.29
C ILE C 136 25.46 -15.29 2.49
N GLN C 137 24.58 -14.33 2.17
CA GLN C 137 24.97 -13.24 1.29
C GLN C 137 26.08 -12.38 1.90
N ALA C 138 26.01 -12.13 3.20
CA ALA C 138 27.01 -11.26 3.82
C ALA C 138 28.38 -11.93 3.86
N VAL C 139 28.43 -13.25 4.01
CA VAL C 139 29.72 -13.96 3.95
C VAL C 139 30.30 -13.87 2.56
N LEU C 140 29.47 -14.04 1.53
CA LEU C 140 29.96 -13.97 0.16
C LEU C 140 30.47 -12.58 -0.20
N SER C 141 29.90 -11.53 0.41
CA SER C 141 30.38 -10.19 0.16
C SER C 141 31.79 -9.96 0.69
N LEU C 142 32.21 -10.75 1.68
CA LEU C 142 33.57 -10.63 2.18
C LEU C 142 34.58 -11.28 1.25
N TYR C 143 34.18 -12.33 0.53
CA TYR C 143 35.08 -12.97 -0.43
C TYR C 143 35.47 -12.00 -1.54
N ALA C 144 34.51 -11.21 -2.04
CA ALA C 144 34.80 -10.30 -3.14
C ALA C 144 35.84 -9.26 -2.75
N SER C 145 35.75 -8.72 -1.54
CA SER C 145 36.71 -7.73 -1.07
C SER C 145 38.07 -8.33 -0.74
N GLY C 146 38.19 -9.65 -0.72
CA GLY C 146 39.46 -10.29 -0.43
C GLY C 146 39.97 -10.08 0.97
N ARG C 147 39.09 -10.12 1.97
CA ARG C 147 39.47 -9.97 3.36
C ARG C 147 38.76 -11.02 4.21
N THR C 148 39.32 -11.29 5.37
CA THR C 148 38.76 -12.26 6.30
C THR C 148 38.21 -11.65 7.58
N THR C 149 38.42 -10.37 7.82
CA THR C 149 37.97 -9.71 9.03
C THR C 149 37.22 -8.43 8.67
N GLY C 150 36.00 -8.29 9.17
CA GLY C 150 35.22 -7.11 8.92
C GLY C 150 33.76 -7.35 9.24
N ILE C 151 33.00 -6.27 9.12
CA ILE C 151 31.55 -6.29 9.33
C ILE C 151 30.87 -5.83 8.05
N VAL C 152 29.96 -6.64 7.54
CA VAL C 152 29.35 -6.42 6.23
C VAL C 152 27.95 -5.84 6.42
N LEU C 153 27.72 -4.68 5.83
CA LEU C 153 26.39 -4.06 5.80
C LEU C 153 25.83 -4.28 4.40
N ASP C 154 24.92 -5.26 4.28
CA ASP C 154 24.34 -5.64 3.00
C ASP C 154 22.91 -5.14 2.95
N SER C 155 22.68 -4.09 2.16
CA SER C 155 21.34 -3.51 1.98
C SER C 155 20.90 -3.76 0.54
N GLY C 156 19.78 -4.45 0.38
CA GLY C 156 19.30 -4.80 -0.95
C GLY C 156 17.95 -4.22 -1.27
N ASP C 157 16.95 -5.09 -1.47
CA ASP C 157 15.60 -4.66 -1.76
C ASP C 157 14.60 -5.00 -0.68
N GLY C 158 14.87 -6.00 0.15
CA GLY C 158 13.95 -6.33 1.22
C GLY C 158 14.57 -6.45 2.60
N VAL C 159 15.88 -6.62 2.68
CA VAL C 159 16.56 -6.89 3.94
C VAL C 159 17.82 -6.04 4.03
N THR C 160 18.07 -5.51 5.23
CA THR C 160 19.31 -4.78 5.55
C THR C 160 19.91 -5.45 6.79
N HIS C 161 20.94 -6.28 6.59
CA HIS C 161 21.50 -7.07 7.67
C HIS C 161 22.99 -6.76 7.85
N ASN C 162 23.45 -6.92 9.09
CA ASN C 162 24.85 -6.76 9.45
C ASN C 162 25.39 -8.09 9.93
N VAL C 163 26.57 -8.48 9.45
CA VAL C 163 27.21 -9.72 9.90
C VAL C 163 28.67 -9.43 10.25
N PRO C 164 29.06 -9.57 11.52
CA PRO C 164 30.48 -9.38 11.87
C PRO C 164 31.28 -10.67 11.77
N ILE C 165 32.41 -10.62 11.07
CA ILE C 165 33.27 -11.77 10.86
C ILE C 165 34.68 -11.38 11.28
N TYR C 166 35.33 -12.23 12.07
CA TYR C 166 36.69 -11.99 12.55
C TYR C 166 37.53 -13.22 12.26
N GLU C 167 38.53 -13.07 11.37
CA GLU C 167 39.46 -14.15 11.03
C GLU C 167 38.72 -15.40 10.55
N GLY C 168 37.67 -15.21 9.77
CA GLY C 168 36.92 -16.32 9.22
C GLY C 168 35.91 -16.95 10.16
N TYR C 169 35.73 -16.39 11.35
CA TYR C 169 34.78 -16.91 12.34
C TYR C 169 33.60 -15.96 12.44
N ALA C 170 32.40 -16.50 12.29
CA ALA C 170 31.18 -15.71 12.38
C ALA C 170 30.62 -15.77 13.79
N LEU C 171 29.99 -14.66 14.21
CA LEU C 171 29.37 -14.57 15.53
C LEU C 171 27.87 -14.47 15.36
N PRO C 172 27.13 -15.57 15.48
CA PRO C 172 25.68 -15.52 15.25
C PRO C 172 24.92 -14.64 16.23
N HIS C 173 25.45 -14.40 17.43
CA HIS C 173 24.74 -13.60 18.41
C HIS C 173 24.76 -12.11 18.10
N ALA C 174 25.70 -11.66 17.28
CA ALA C 174 25.82 -10.24 16.94
C ALA C 174 25.25 -9.91 15.57
N ILE C 175 24.58 -10.86 14.91
CA ILE C 175 24.01 -10.64 13.59
C ILE C 175 22.71 -9.88 13.73
N MET C 176 22.58 -8.78 13.00
CA MET C 176 21.36 -7.98 12.97
C MET C 176 20.63 -8.19 11.65
N ARG C 177 19.38 -7.75 11.61
CA ARG C 177 18.57 -7.86 10.39
C ARG C 177 17.47 -6.82 10.47
N LEU C 178 17.53 -5.83 9.57
CA LEU C 178 16.52 -4.78 9.49
C LEU C 178 15.74 -4.95 8.20
N ASP C 179 14.42 -4.96 8.30
CA ASP C 179 13.55 -5.18 7.15
C ASP C 179 13.22 -3.90 6.40
N LEU C 180 14.05 -2.87 6.54
CA LEU C 180 13.91 -1.63 5.78
C LEU C 180 14.98 -1.62 4.70
N ALA C 181 14.55 -1.52 3.45
CA ALA C 181 15.48 -1.65 2.33
C ALA C 181 14.97 -0.78 1.18
N GLY C 182 15.46 -1.06 -0.03
CA GLY C 182 15.18 -0.18 -1.16
C GLY C 182 13.71 -0.12 -1.54
N ARG C 183 13.00 -1.23 -1.41
CA ARG C 183 11.57 -1.24 -1.79
C ARG C 183 10.76 -0.33 -0.87
N ASP C 184 11.09 -0.29 0.41
CA ASP C 184 10.39 0.61 1.32
C ASP C 184 10.71 2.07 1.03
N LEU C 185 11.92 2.36 0.53
CA LEU C 185 12.24 3.72 0.12
C LEU C 185 11.46 4.12 -1.11
N THR C 186 11.22 3.18 -2.03
CA THR C 186 10.41 3.48 -3.21
C THR C 186 8.97 3.79 -2.82
N ASP C 187 8.40 3.02 -1.90
CA ASP C 187 7.04 3.27 -1.46
C ASP C 187 6.93 4.59 -0.71
N TYR C 188 7.92 4.91 0.12
CA TYR C 188 7.91 6.19 0.82
C TYR C 188 8.02 7.36 -0.15
N LEU C 189 8.87 7.23 -1.17
CA LEU C 189 8.97 8.30 -2.16
C LEU C 189 7.69 8.42 -2.99
N MET C 190 6.99 7.31 -3.20
CA MET C 190 5.69 7.36 -3.87
C MET C 190 4.68 8.16 -3.06
N LYS C 191 4.80 8.15 -1.74
CA LYS C 191 3.85 8.85 -0.88
C LYS C 191 4.16 10.33 -0.76
N ILE C 192 5.44 10.69 -0.62
CA ILE C 192 5.83 12.09 -0.49
C ILE C 192 5.84 12.83 -1.82
N LEU C 193 5.55 12.15 -2.92
CA LEU C 193 5.42 12.81 -4.21
C LEU C 193 4.02 13.36 -4.44
N THR C 194 2.99 12.75 -3.83
CA THR C 194 1.63 13.24 -3.98
C THR C 194 1.43 14.60 -3.31
N GLU C 195 2.32 15.00 -2.39
CA GLU C 195 2.23 16.32 -1.81
C GLU C 195 2.45 17.41 -2.84
N ARG C 196 3.29 17.15 -3.84
CA ARG C 196 3.50 18.09 -4.93
C ARG C 196 2.42 18.01 -6.01
N GLY C 197 1.61 16.95 -6.01
CA GLY C 197 0.54 16.79 -6.97
C GLY C 197 0.64 15.56 -7.85
N TYR C 198 1.82 14.98 -8.00
CA TYR C 198 2.00 13.83 -8.86
C TYR C 198 1.53 12.58 -8.14
N SER C 199 0.59 11.85 -8.74
CA SER C 199 -0.01 10.67 -8.14
C SER C 199 0.47 9.43 -8.88
N PHE C 200 1.33 8.65 -8.23
CA PHE C 200 1.80 7.37 -8.75
C PHE C 200 1.17 6.27 -7.91
N VAL C 201 0.38 5.40 -8.55
CA VAL C 201 -0.42 4.43 -7.81
C VAL C 201 -0.12 3.02 -8.28
N THR C 202 -0.28 2.78 -9.58
CA THR C 202 -0.24 1.42 -10.11
C THR C 202 1.15 0.80 -9.97
N THR C 203 1.19 -0.53 -10.08
CA THR C 203 2.46 -1.24 -10.01
C THR C 203 3.38 -0.84 -11.16
N ALA C 204 2.81 -0.52 -12.32
CA ALA C 204 3.61 -0.03 -13.43
C ALA C 204 4.29 1.29 -13.10
N GLU C 205 3.57 2.19 -12.42
CA GLU C 205 4.13 3.47 -12.02
C GLU C 205 5.08 3.38 -10.84
N ARG C 206 5.09 2.25 -10.12
CA ARG C 206 6.11 2.04 -9.10
C ARG C 206 7.49 1.92 -9.72
N GLU C 207 7.58 1.28 -10.89
CA GLU C 207 8.85 1.19 -11.59
C GLU C 207 9.35 2.56 -12.04
N ILE C 208 8.44 3.46 -12.37
CA ILE C 208 8.84 4.83 -12.74
C ILE C 208 9.45 5.54 -11.55
N VAL C 209 8.82 5.41 -10.37
CA VAL C 209 9.32 6.09 -9.18
C VAL C 209 10.67 5.50 -8.76
N ARG C 210 10.85 4.19 -8.95
CA ARG C 210 12.16 3.58 -8.69
C ARG C 210 13.22 4.18 -9.60
N ASP C 211 12.87 4.50 -10.84
CA ASP C 211 13.81 5.14 -11.74
C ASP C 211 14.19 6.54 -11.23
N ILE C 212 13.21 7.30 -10.73
CA ILE C 212 13.49 8.62 -10.18
C ILE C 212 14.42 8.50 -8.97
N LYS C 213 14.22 7.46 -8.16
CA LYS C 213 15.02 7.27 -6.96
C LYS C 213 16.49 7.06 -7.29
N GLU C 214 16.78 6.30 -8.34
CA GLU C 214 18.16 6.01 -8.67
C GLU C 214 18.87 7.23 -9.26
N LYS C 215 18.20 7.98 -10.12
CA LYS C 215 18.86 9.07 -10.83
C LYS C 215 19.08 10.29 -9.94
N LEU C 216 18.12 10.60 -9.07
CA LEU C 216 18.10 11.88 -8.38
C LEU C 216 18.36 11.80 -6.88
N CYS C 217 17.86 10.77 -6.20
CA CYS C 217 17.94 10.72 -4.75
C CYS C 217 19.39 10.60 -4.28
N TYR C 218 19.68 11.24 -3.15
CA TYR C 218 21.02 11.23 -2.57
C TYR C 218 20.90 11.43 -1.07
N VAL C 219 22.01 11.21 -0.37
CA VAL C 219 22.07 11.31 1.08
C VAL C 219 22.82 12.59 1.44
N ALA C 220 22.22 13.40 2.32
CA ALA C 220 22.82 14.65 2.74
C ALA C 220 23.67 14.43 3.99
N LEU C 221 24.82 15.10 4.04
CA LEU C 221 25.69 14.98 5.20
C LEU C 221 25.02 15.50 6.46
N ASP C 222 24.32 16.63 6.37
CA ASP C 222 23.59 17.22 7.49
C ASP C 222 22.15 17.45 7.05
N PHE C 223 21.23 16.65 7.59
CA PHE C 223 19.84 16.72 7.16
C PHE C 223 19.20 18.05 7.53
N GLU C 224 19.46 18.55 8.74
CA GLU C 224 18.82 19.79 9.18
C GLU C 224 19.31 20.99 8.37
N ASN C 225 20.61 21.06 8.10
CA ASN C 225 21.13 22.18 7.31
C ASN C 225 20.64 22.11 5.86
N GLU C 226 20.56 20.90 5.31
CA GLU C 226 20.11 20.75 3.93
C GLU C 226 18.65 21.17 3.77
N MET C 227 17.80 20.83 4.74
CA MET C 227 16.39 21.20 4.65
C MET C 227 16.21 22.71 4.67
N ALA C 228 17.00 23.41 5.48
CA ALA C 228 16.95 24.87 5.48
C ALA C 228 17.39 25.43 4.14
N THR C 229 18.42 24.85 3.54
CA THR C 229 18.89 25.31 2.23
C THR C 229 17.84 25.07 1.15
N ALA C 230 17.16 23.93 1.21
CA ALA C 230 16.18 23.61 0.17
C ALA C 230 15.04 24.61 0.14
N ALA C 231 14.54 25.01 1.32
CA ALA C 231 13.45 25.97 1.37
C ALA C 231 13.91 27.39 1.10
N SER C 232 15.19 27.69 1.39
CA SER C 232 15.69 29.05 1.21
C SER C 232 15.76 29.43 -0.27
N SER C 233 16.30 28.54 -1.10
CA SER C 233 16.50 28.83 -2.52
C SER C 233 16.22 27.59 -3.34
N SER C 234 15.95 27.79 -4.62
CA SER C 234 15.69 26.71 -5.55
C SER C 234 16.97 26.23 -6.24
N SER C 235 17.99 25.92 -5.45
CA SER C 235 19.26 25.41 -5.95
C SER C 235 19.37 23.90 -5.87
N LEU C 236 18.33 23.22 -5.41
CA LEU C 236 18.35 21.77 -5.27
C LEU C 236 17.29 21.09 -6.13
N GLU C 237 16.46 21.84 -6.84
CA GLU C 237 15.39 21.25 -7.63
C GLU C 237 15.95 20.54 -8.85
N LYS C 238 15.36 19.40 -9.19
CA LYS C 238 15.77 18.60 -10.34
C LYS C 238 14.55 18.23 -11.15
N SER C 239 14.70 18.21 -12.47
CA SER C 239 13.61 17.92 -13.39
C SER C 239 13.79 16.52 -13.97
N TYR C 240 12.73 15.72 -13.92
CA TYR C 240 12.72 14.37 -14.47
C TYR C 240 11.58 14.25 -15.47
N GLU C 241 11.85 13.67 -16.62
CA GLU C 241 10.88 13.54 -17.69
C GLU C 241 10.20 12.18 -17.63
N LEU C 242 8.87 12.19 -17.55
CA LEU C 242 8.10 10.97 -17.49
C LEU C 242 8.06 10.29 -18.86
N PRO C 243 7.72 9.00 -18.91
CA PRO C 243 7.68 8.30 -20.22
C PRO C 243 6.69 8.90 -21.20
N ASP C 244 5.65 9.59 -20.75
CA ASP C 244 4.64 10.17 -21.63
C ASP C 244 4.97 11.61 -22.01
N GLY C 245 6.15 12.10 -21.65
CA GLY C 245 6.57 13.45 -22.01
C GLY C 245 6.37 14.48 -20.93
N GLN C 246 5.64 14.18 -19.86
CA GLN C 246 5.45 15.12 -18.78
C GLN C 246 6.75 15.28 -17.97
N VAL C 247 6.97 16.50 -17.49
CA VAL C 247 8.17 16.84 -16.74
C VAL C 247 7.76 17.19 -15.32
N ILE C 248 8.34 16.49 -14.35
CA ILE C 248 8.08 16.73 -12.93
C ILE C 248 9.34 17.28 -12.29
N THR C 249 9.14 18.01 -11.19
CA THR C 249 10.23 18.65 -10.47
C THR C 249 10.16 18.30 -9.00
N ILE C 250 11.29 17.87 -8.43
CA ILE C 250 11.40 17.56 -7.02
C ILE C 250 12.57 18.34 -6.44
N GLY C 251 12.34 19.06 -5.35
CA GLY C 251 13.39 19.88 -4.76
C GLY C 251 14.01 19.34 -3.51
N ASN C 252 13.19 18.84 -2.58
CA ASN C 252 13.68 18.32 -1.31
C ASN C 252 13.29 16.87 -1.07
N GLU C 253 12.51 16.27 -1.96
CA GLU C 253 12.28 14.83 -1.88
C GLU C 253 13.51 14.03 -2.28
N ARG C 254 14.54 14.68 -2.81
CA ARG C 254 15.74 13.97 -3.21
C ARG C 254 16.47 13.37 -2.02
N PHE C 255 16.61 14.12 -0.93
CA PHE C 255 17.35 13.65 0.22
C PHE C 255 16.47 13.23 1.39
N ARG C 256 15.15 13.47 1.31
CA ARG C 256 14.26 12.98 2.35
C ARG C 256 13.98 11.49 2.21
N CYS C 257 13.93 10.98 0.98
CA CYS C 257 13.70 9.55 0.77
C CYS C 257 14.83 8.68 1.32
N PRO C 258 16.11 8.95 1.04
CA PRO C 258 17.17 8.11 1.63
C PRO C 258 17.36 8.32 3.12
N GLU C 259 16.82 9.40 3.69
CA GLU C 259 16.94 9.64 5.12
C GLU C 259 16.17 8.62 5.95
N THR C 260 15.25 7.88 5.32
CA THR C 260 14.53 6.83 6.04
C THR C 260 15.49 5.76 6.56
N LEU C 261 16.62 5.57 5.88
CA LEU C 261 17.61 4.59 6.34
C LEU C 261 18.17 4.98 7.70
N PHE C 262 18.44 6.27 7.90
CA PHE C 262 19.01 6.75 9.15
C PHE C 262 17.95 7.19 10.16
N GLN C 263 16.74 7.45 9.71
CA GLN C 263 15.62 7.82 10.59
C GLN C 263 14.42 6.97 10.21
N PRO C 264 14.39 5.71 10.66
CA PRO C 264 13.28 4.82 10.28
C PRO C 264 11.92 5.26 10.80
N SER C 265 11.85 6.30 11.63
CA SER C 265 10.57 6.80 12.10
C SER C 265 9.78 7.50 11.00
N PHE C 266 10.40 7.77 9.84
CA PHE C 266 9.68 8.40 8.74
C PHE C 266 8.59 7.48 8.21
N ILE C 267 8.87 6.18 8.12
CA ILE C 267 7.90 5.20 7.65
C ILE C 267 7.17 4.60 8.84
N GLY C 268 7.30 5.22 10.00
CA GLY C 268 6.63 4.77 11.20
C GLY C 268 7.30 3.63 11.94
N MET C 269 8.48 3.20 11.51
CA MET C 269 9.17 2.10 12.18
C MET C 269 9.81 2.59 13.48
N GLU C 270 9.95 1.65 14.42
CA GLU C 270 10.52 1.98 15.73
C GLU C 270 12.01 1.67 15.83
N SER C 271 12.55 0.85 14.92
CA SER C 271 13.94 0.45 15.02
C SER C 271 14.87 1.62 14.75
N ALA C 272 16.13 1.45 15.14
CA ALA C 272 17.14 2.48 14.95
C ALA C 272 17.67 2.45 13.53
N GLY C 273 18.42 3.49 13.18
CA GLY C 273 18.97 3.59 11.84
C GLY C 273 20.09 2.61 11.61
N ILE C 274 20.55 2.56 10.36
CA ILE C 274 21.62 1.63 9.99
C ILE C 274 22.93 2.03 10.67
N HIS C 275 23.12 3.33 10.94
CA HIS C 275 24.34 3.76 11.62
C HIS C 275 24.38 3.26 13.06
N GLU C 276 23.24 3.28 13.75
CA GLU C 276 23.19 2.77 15.11
C GLU C 276 23.16 1.25 15.15
N THR C 277 22.53 0.61 14.15
CA THR C 277 22.51 -0.85 14.11
C THR C 277 23.91 -1.41 13.93
N THR C 278 24.73 -0.76 13.09
CA THR C 278 26.11 -1.19 12.92
C THR C 278 26.90 -1.04 14.22
N TYR C 279 26.70 0.07 14.93
CA TYR C 279 27.38 0.27 16.19
C TYR C 279 26.95 -0.76 17.24
N ASN C 280 25.65 -1.08 17.27
CA ASN C 280 25.16 -2.08 18.21
C ASN C 280 25.76 -3.45 17.93
N SER C 281 25.89 -3.82 16.65
CA SER C 281 26.46 -5.11 16.31
C SER C 281 27.92 -5.22 16.73
N ILE C 282 28.67 -4.13 16.57
CA ILE C 282 30.07 -4.15 16.98
C ILE C 282 30.19 -4.29 18.50
N MET C 283 29.36 -3.58 19.24
CA MET C 283 29.44 -3.61 20.70
C MET C 283 29.08 -4.98 21.27
N LYS C 284 28.30 -5.77 20.53
CA LYS C 284 27.94 -7.11 21.00
C LYS C 284 29.11 -8.08 20.89
N CYS C 285 30.11 -7.78 20.08
CA CYS C 285 31.25 -8.66 19.91
C CYS C 285 32.24 -8.50 21.07
N ASP C 286 33.28 -9.31 21.07
CA ASP C 286 34.28 -9.27 22.13
C ASP C 286 35.06 -7.96 22.07
N ILE C 287 35.57 -7.53 23.22
CA ILE C 287 36.26 -6.26 23.31
C ILE C 287 37.57 -6.28 22.53
N ASP C 288 38.19 -7.45 22.38
CA ASP C 288 39.49 -7.55 21.73
C ASP C 288 39.40 -7.60 20.21
N ILE C 289 38.19 -7.67 19.65
CA ILE C 289 38.00 -7.72 18.21
C ILE C 289 37.27 -6.50 17.67
N ARG C 290 36.84 -5.59 18.54
CA ARG C 290 36.11 -4.41 18.07
C ARG C 290 36.99 -3.46 17.28
N LYS C 291 38.29 -3.42 17.58
CA LYS C 291 39.19 -2.51 16.88
C LYS C 291 39.29 -2.86 15.40
N ASP C 292 39.39 -4.15 15.08
CA ASP C 292 39.49 -4.56 13.68
C ASP C 292 38.16 -4.40 12.97
N LEU C 293 37.05 -4.63 13.66
CA LEU C 293 35.74 -4.45 13.05
C LEU C 293 35.44 -2.99 12.76
N TYR C 294 36.01 -2.07 13.55
CA TYR C 294 35.78 -0.65 13.31
C TYR C 294 36.39 -0.19 12.00
N ALA C 295 37.61 -0.65 11.70
CA ALA C 295 38.34 -0.20 10.52
C ALA C 295 37.97 -0.94 9.24
N ASN C 296 37.23 -2.05 9.35
CA ASN C 296 36.82 -2.84 8.19
C ASN C 296 35.29 -2.83 8.11
N ASN C 297 34.74 -1.81 7.47
CA ASN C 297 33.30 -1.69 7.26
C ASN C 297 33.01 -1.86 5.78
N VAL C 298 32.46 -3.01 5.41
CA VAL C 298 32.17 -3.35 4.03
C VAL C 298 30.69 -3.14 3.77
N MET C 299 30.36 -2.38 2.73
CA MET C 299 28.98 -2.18 2.30
C MET C 299 28.78 -2.81 0.94
N SER C 300 27.71 -3.61 0.81
CA SER C 300 27.36 -4.21 -0.47
C SER C 300 25.90 -3.89 -0.81
N GLY C 301 25.38 -4.52 -1.85
CA GLY C 301 24.00 -4.33 -2.24
C GLY C 301 23.79 -3.02 -2.99
N GLY C 302 22.60 -2.92 -3.60
CA GLY C 302 22.29 -1.76 -4.41
C GLY C 302 21.84 -0.56 -3.62
N THR C 303 21.24 -0.78 -2.45
CA THR C 303 20.73 0.34 -1.66
C THR C 303 21.84 1.17 -1.04
N THR C 304 23.06 0.65 -1.00
CA THR C 304 24.21 1.39 -0.51
C THR C 304 24.91 2.20 -1.60
N MET C 305 24.19 2.54 -2.67
CA MET C 305 24.77 3.24 -3.80
C MET C 305 24.35 4.71 -3.87
N TYR C 306 23.62 5.21 -2.88
CA TYR C 306 23.25 6.61 -2.88
C TYR C 306 24.49 7.48 -2.73
N PRO C 307 24.59 8.57 -3.51
CA PRO C 307 25.75 9.46 -3.36
C PRO C 307 25.80 10.06 -1.97
N GLY C 308 26.97 9.97 -1.35
CA GLY C 308 27.19 10.49 -0.02
C GLY C 308 26.86 9.55 1.12
N ILE C 309 26.40 8.32 0.83
CA ILE C 309 26.08 7.39 1.90
C ILE C 309 27.33 6.91 2.62
N ALA C 310 28.49 6.91 1.96
CA ALA C 310 29.72 6.51 2.62
C ALA C 310 30.22 7.59 3.57
N ASP C 311 30.11 8.86 3.16
CA ASP C 311 30.54 9.95 4.03
C ASP C 311 29.59 10.13 5.21
N ARG C 312 28.28 9.94 4.97
CA ARG C 312 27.32 10.05 6.06
C ARG C 312 27.52 8.96 7.09
N MET C 313 27.73 7.72 6.64
CA MET C 313 27.89 6.60 7.56
C MET C 313 29.16 6.74 8.39
N GLN C 314 30.23 7.26 7.79
CA GLN C 314 31.47 7.46 8.53
C GLN C 314 31.30 8.47 9.64
N LYS C 315 30.59 9.57 9.37
CA LYS C 315 30.45 10.63 10.35
C LYS C 315 29.58 10.19 11.52
N GLU C 316 28.51 9.45 11.25
CA GLU C 316 27.59 9.05 12.31
C GLU C 316 28.25 8.07 13.27
N ILE C 317 28.94 7.06 12.74
CA ILE C 317 29.59 6.06 13.60
C ILE C 317 30.76 6.69 14.35
N THR C 318 31.41 7.69 13.78
CA THR C 318 32.54 8.33 14.45
C THR C 318 32.10 8.98 15.75
N ALA C 319 30.93 9.61 15.77
CA ALA C 319 30.43 10.22 17.00
C ALA C 319 30.17 9.17 18.07
N LEU C 320 29.57 8.04 17.69
CA LEU C 320 29.27 7.00 18.67
C LEU C 320 30.54 6.34 19.19
N ALA C 321 31.48 6.04 18.30
CA ALA C 321 32.70 5.35 18.67
C ALA C 321 33.63 6.27 19.45
N PRO C 322 34.53 5.71 20.26
CA PRO C 322 35.51 6.55 20.96
C PRO C 322 36.42 7.28 19.98
N SER C 323 36.90 8.45 20.42
CA SER C 323 37.71 9.29 19.54
C SER C 323 39.03 8.63 19.17
N THR C 324 39.55 7.75 20.04
CA THR C 324 40.81 7.08 19.75
C THR C 324 40.68 6.14 18.57
N MET C 325 39.56 5.43 18.48
CA MET C 325 39.37 4.43 17.44
C MET C 325 39.31 5.08 16.05
N LYS C 326 39.74 4.33 15.05
CA LYS C 326 39.74 4.77 13.66
C LYS C 326 38.60 4.08 12.91
N ILE C 327 37.80 4.87 12.21
CA ILE C 327 36.64 4.37 11.47
C ILE C 327 36.94 4.49 9.98
N LYS C 328 36.79 3.38 9.26
CA LYS C 328 36.99 3.34 7.82
C LYS C 328 35.83 2.57 7.19
N ILE C 329 35.24 3.15 6.15
CA ILE C 329 34.14 2.53 5.42
C ILE C 329 34.66 2.11 4.06
N ILE C 330 34.52 0.82 3.75
CA ILE C 330 35.00 0.25 2.50
C ILE C 330 33.82 0.14 1.55
N ALA C 331 33.81 0.94 0.49
CA ALA C 331 32.73 0.98 -0.49
C ALA C 331 33.32 0.86 -1.88
N PRO C 332 33.57 -0.37 -2.34
CA PRO C 332 34.08 -0.54 -3.70
C PRO C 332 33.04 -0.13 -4.73
N PRO C 333 33.46 0.38 -5.88
CA PRO C 333 32.49 0.79 -6.90
C PRO C 333 31.64 -0.35 -7.45
N GLU C 334 32.09 -1.60 -7.32
CA GLU C 334 31.37 -2.76 -7.82
C GLU C 334 30.52 -3.41 -6.74
N ARG C 335 30.20 -2.69 -5.66
CA ARG C 335 29.53 -3.29 -4.52
C ARG C 335 28.13 -3.78 -4.84
N LYS C 336 27.55 -3.36 -5.97
CA LYS C 336 26.22 -3.85 -6.32
C LYS C 336 26.23 -5.35 -6.61
N TYR C 337 27.28 -5.84 -7.25
CA TYR C 337 27.41 -7.26 -7.59
C TYR C 337 28.41 -7.98 -6.69
N SER C 338 28.66 -7.46 -5.49
CA SER C 338 29.65 -8.07 -4.61
C SER C 338 29.21 -9.45 -4.13
N VAL C 339 27.91 -9.66 -3.94
CA VAL C 339 27.43 -10.96 -3.48
C VAL C 339 27.69 -12.02 -4.54
N TRP C 340 27.40 -11.70 -5.81
CA TRP C 340 27.63 -12.68 -6.87
C TRP C 340 29.12 -12.95 -7.08
N ILE C 341 29.94 -11.90 -7.05
CA ILE C 341 31.36 -12.08 -7.30
C ILE C 341 31.99 -12.98 -6.23
N GLY C 342 31.60 -12.78 -4.97
CA GLY C 342 32.06 -13.68 -3.92
C GLY C 342 31.59 -15.11 -4.13
N GLY C 343 30.38 -15.28 -4.68
CA GLY C 343 29.89 -16.62 -4.97
C GLY C 343 30.70 -17.32 -6.03
N SER C 344 31.10 -16.57 -7.07
CA SER C 344 31.95 -17.15 -8.11
C SER C 344 33.33 -17.51 -7.57
N ILE C 345 33.88 -16.68 -6.70
CA ILE C 345 35.18 -16.99 -6.09
C ILE C 345 35.08 -18.21 -5.19
N LEU C 346 34.03 -18.28 -4.36
CA LEU C 346 33.87 -19.42 -3.46
C LEU C 346 33.65 -20.72 -4.23
N ALA C 347 32.81 -20.68 -5.27
CA ALA C 347 32.55 -21.88 -6.05
C ALA C 347 33.72 -22.32 -6.91
N SER C 348 34.74 -21.47 -7.05
CA SER C 348 35.93 -21.80 -7.83
C SER C 348 37.13 -22.11 -6.94
N LEU C 349 36.87 -22.70 -5.77
CA LEU C 349 37.93 -23.05 -4.82
C LEU C 349 38.04 -24.56 -4.70
N SER C 350 39.27 -25.05 -4.61
CA SER C 350 39.50 -26.49 -4.48
C SER C 350 38.95 -27.02 -3.16
N THR C 351 39.11 -26.26 -2.08
CA THR C 351 38.63 -26.71 -0.77
C THR C 351 37.11 -26.83 -0.75
N PHE C 352 36.41 -25.91 -1.40
CA PHE C 352 34.95 -25.92 -1.40
C PHE C 352 34.38 -27.10 -2.17
N GLN C 353 35.17 -27.76 -3.01
CA GLN C 353 34.65 -28.81 -3.87
C GLN C 353 34.14 -30.01 -3.09
N GLN C 354 34.48 -30.13 -1.82
CA GLN C 354 34.00 -31.23 -0.98
C GLN C 354 32.83 -30.82 -0.09
N MET C 355 32.30 -29.61 -0.27
CA MET C 355 31.22 -29.11 0.58
C MET C 355 29.87 -29.10 -0.11
N TRP C 356 29.80 -29.48 -1.39
CA TRP C 356 28.52 -29.50 -2.09
C TRP C 356 27.61 -30.57 -1.50
N ILE C 357 26.30 -30.33 -1.59
CA ILE C 357 25.30 -31.31 -1.20
C ILE C 357 24.99 -32.16 -2.43
N THR C 358 25.40 -33.42 -2.40
CA THR C 358 25.24 -34.29 -3.55
C THR C 358 23.81 -34.85 -3.61
N LYS C 359 23.46 -35.39 -4.77
CA LYS C 359 22.16 -36.03 -4.94
C LYS C 359 22.03 -37.26 -4.06
N GLN C 360 23.13 -37.97 -3.81
CA GLN C 360 23.08 -39.15 -2.96
C GLN C 360 22.70 -38.78 -1.53
N GLU C 361 23.27 -37.69 -1.00
CA GLU C 361 22.92 -37.24 0.34
C GLU C 361 21.46 -36.82 0.42
N TYR C 362 20.97 -36.12 -0.60
CA TYR C 362 19.57 -35.73 -0.64
C TYR C 362 18.63 -36.93 -0.73
N ASP C 363 19.10 -38.05 -1.28
CA ASP C 363 18.27 -39.23 -1.43
C ASP C 363 18.18 -40.06 -0.15
N GLU C 364 18.92 -39.69 0.88
CA GLU C 364 18.91 -40.42 2.15
C GLU C 364 18.37 -39.59 3.31
N ALA C 365 18.68 -38.29 3.35
CA ALA C 365 18.24 -37.43 4.44
C ALA C 365 17.12 -36.48 4.06
N GLY C 366 16.74 -36.41 2.78
CA GLY C 366 15.69 -35.53 2.35
C GLY C 366 16.14 -34.08 2.33
N PRO C 367 15.18 -33.15 2.18
CA PRO C 367 15.54 -31.73 2.14
C PRO C 367 15.97 -31.15 3.48
N SER C 368 15.97 -31.96 4.55
CA SER C 368 16.40 -31.47 5.86
C SER C 368 17.91 -31.50 6.05
N ILE C 369 18.67 -32.01 5.07
CA ILE C 369 20.12 -32.04 5.18
C ILE C 369 20.75 -30.68 4.95
N VAL C 370 20.00 -29.74 4.36
CA VAL C 370 20.57 -28.43 4.04
C VAL C 370 20.93 -27.67 5.31
N HIS C 371 20.17 -27.86 6.40
CA HIS C 371 20.51 -27.18 7.65
C HIS C 371 21.76 -27.75 8.30
N ARG C 372 21.97 -29.06 8.21
CA ARG C 372 23.14 -29.67 8.81
C ARG C 372 24.41 -29.34 8.05
N LYS C 373 24.33 -29.25 6.71
CA LYS C 373 25.50 -29.01 5.89
C LYS C 373 25.83 -27.53 5.74
N CYS C 374 24.86 -26.74 5.27
CA CYS C 374 25.07 -25.31 5.07
C CYS C 374 25.12 -24.57 6.40
N THR D 6 4.00 0.90 60.81
CA THR D 6 4.69 -0.09 59.97
C THR D 6 5.71 0.59 59.06
N ALA D 7 6.72 -0.17 58.64
CA ALA D 7 7.77 0.34 57.77
C ALA D 7 7.60 -0.24 56.37
N LEU D 8 7.67 0.63 55.37
CA LEU D 8 7.51 0.21 53.98
C LEU D 8 8.69 -0.66 53.55
N VAL D 9 8.40 -1.66 52.73
CA VAL D 9 9.43 -2.48 52.11
C VAL D 9 9.22 -2.41 50.59
N CYS D 10 10.28 -2.10 49.86
CA CYS D 10 10.24 -1.95 48.42
C CYS D 10 11.30 -2.83 47.79
N ASP D 11 10.90 -3.66 46.83
CA ASP D 11 11.80 -4.57 46.13
C ASP D 11 11.92 -4.09 44.69
N ASN D 12 12.87 -3.18 44.46
CA ASN D 12 13.09 -2.60 43.14
C ASN D 12 13.83 -3.61 42.28
N GLY D 13 13.07 -4.40 41.52
CA GLY D 13 13.64 -5.38 40.63
C GLY D 13 13.89 -4.81 39.24
N SER D 14 14.47 -5.65 38.38
CA SER D 14 14.77 -5.24 37.02
C SER D 14 13.54 -5.23 36.13
N GLY D 15 12.59 -6.12 36.36
CA GLY D 15 11.42 -6.21 35.51
C GLY D 15 10.11 -6.01 36.23
N LEU D 16 10.09 -6.20 37.54
CA LEU D 16 8.90 -6.05 38.35
C LEU D 16 9.21 -5.23 39.59
N VAL D 17 8.19 -4.50 40.06
CA VAL D 17 8.28 -3.72 41.29
C VAL D 17 7.29 -4.30 42.29
N LYS D 18 7.79 -4.66 43.47
CA LYS D 18 6.97 -5.22 44.53
C LYS D 18 7.05 -4.31 45.75
N ALA D 19 5.89 -3.90 46.26
CA ALA D 19 5.82 -2.98 47.38
C ALA D 19 4.74 -3.46 48.36
N GLY D 20 4.85 -2.96 49.58
CA GLY D 20 3.90 -3.36 50.62
C GLY D 20 4.35 -2.83 51.96
N PHE D 21 3.78 -3.40 53.02
CA PHE D 21 4.07 -3.01 54.38
C PHE D 21 4.66 -4.19 55.15
N ALA D 22 5.50 -3.88 56.13
CA ALA D 22 6.06 -4.91 56.98
C ALA D 22 4.97 -5.55 57.83
N GLY D 23 4.99 -6.88 57.91
CA GLY D 23 4.01 -7.65 58.63
C GLY D 23 3.10 -8.48 57.74
N ASP D 24 2.77 -7.97 56.56
CA ASP D 24 1.94 -8.73 55.63
C ASP D 24 2.74 -9.86 55.00
N ASP D 25 2.01 -10.77 54.34
CA ASP D 25 2.61 -11.94 53.73
C ASP D 25 2.74 -11.84 52.21
N ALA D 26 2.05 -10.90 51.59
CA ALA D 26 2.09 -10.73 50.14
C ALA D 26 2.26 -9.26 49.80
N PRO D 27 2.92 -8.95 48.69
CA PRO D 27 3.06 -7.55 48.28
C PRO D 27 1.70 -6.91 48.01
N ARG D 28 1.58 -5.64 48.34
CA ARG D 28 0.31 -4.93 48.17
C ARG D 28 0.03 -4.67 46.70
N ALA D 29 1.02 -4.20 45.96
CA ALA D 29 0.85 -3.86 44.55
C ALA D 29 2.11 -4.24 43.78
N VAL D 30 1.95 -5.06 42.75
CA VAL D 30 3.04 -5.48 41.88
C VAL D 30 2.70 -5.05 40.46
N PHE D 31 3.63 -4.35 39.82
CA PHE D 31 3.40 -3.81 38.48
C PHE D 31 4.72 -3.80 37.72
N PRO D 32 4.67 -3.84 36.39
CA PRO D 32 5.91 -3.80 35.60
C PRO D 32 6.65 -2.48 35.81
N SER D 33 7.98 -2.57 35.75
CA SER D 33 8.85 -1.41 35.92
C SER D 33 9.22 -0.83 34.55
N ILE D 34 8.24 -0.19 33.92
CA ILE D 34 8.42 0.43 32.61
C ILE D 34 7.89 1.86 32.65
N VAL D 35 8.43 2.70 31.79
CA VAL D 35 8.00 4.08 31.64
C VAL D 35 7.85 4.33 30.14
N GLY D 36 6.63 4.25 29.63
CA GLY D 36 6.38 4.44 28.22
C GLY D 36 6.02 5.88 27.88
N ARG D 37 6.44 6.31 26.70
CA ARG D 37 6.15 7.65 26.20
C ARG D 37 5.61 7.57 24.79
N PRO D 38 4.70 8.48 24.41
CA PRO D 38 4.09 8.41 23.08
C PRO D 38 5.13 8.62 21.98
N ARG D 39 4.91 7.92 20.87
CA ARG D 39 5.75 8.08 19.68
C ARG D 39 4.98 8.62 18.49
N HIS D 40 3.65 8.56 18.49
CA HIS D 40 2.85 9.07 17.39
C HIS D 40 2.44 10.51 17.65
N GLN D 41 1.53 11.04 16.84
CA GLN D 41 1.11 12.43 16.93
C GLN D 41 -0.33 12.50 17.44
N GLY D 42 -0.58 13.40 18.39
CA GLY D 42 -1.93 13.62 18.88
C GLY D 42 -2.71 14.52 17.94
N VAL D 43 -3.97 14.15 17.69
CA VAL D 43 -4.80 14.85 16.73
C VAL D 43 -6.12 15.32 17.32
N MET D 44 -6.49 14.82 18.50
CA MET D 44 -7.78 15.10 19.10
C MET D 44 -7.66 16.23 20.10
N VAL D 45 -8.72 17.03 20.20
CA VAL D 45 -8.73 18.16 21.12
C VAL D 45 -8.88 17.66 22.56
N GLY D 46 -8.05 18.21 23.44
CA GLY D 46 -8.17 17.87 24.85
C GLY D 46 -7.62 16.49 25.11
N MET D 47 -8.53 15.57 25.45
CA MET D 47 -8.21 14.16 25.70
C MET D 47 -7.39 14.01 26.97
N GLY D 48 -7.28 12.78 27.48
CA GLY D 48 -6.48 12.51 28.66
C GLY D 48 -5.03 12.19 28.33
N GLN D 49 -4.58 12.61 27.16
CA GLN D 49 -3.22 12.36 26.72
C GLN D 49 -2.22 12.95 27.72
N LYS D 50 -1.22 12.15 28.07
CA LYS D 50 -0.20 12.53 29.03
C LYS D 50 1.16 12.52 28.34
N ASP D 51 2.21 12.78 29.12
CA ASP D 51 3.57 12.80 28.60
C ASP D 51 4.28 11.47 28.81
N SER D 52 3.97 10.77 29.90
CA SER D 52 4.60 9.49 30.19
C SER D 52 3.65 8.65 31.05
N TYR D 53 3.59 7.36 30.75
CA TYR D 53 2.76 6.42 31.48
C TYR D 53 3.67 5.44 32.22
N VAL D 54 3.40 5.23 33.50
CA VAL D 54 4.24 4.42 34.37
C VAL D 54 3.42 3.25 34.89
N GLY D 55 3.92 2.03 34.71
CA GLY D 55 3.28 0.86 35.28
C GLY D 55 2.26 0.20 34.39
N ASP D 56 1.12 -0.19 34.97
CA ASP D 56 0.09 -0.91 34.21
C ASP D 56 -0.54 -0.03 33.14
N GLU D 57 -0.63 1.28 33.37
CA GLU D 57 -1.17 2.17 32.35
C GLU D 57 -0.28 2.25 31.12
N ALA D 58 1.00 1.91 31.24
CA ALA D 58 1.88 1.81 30.10
C ALA D 58 1.78 0.46 29.40
N GLN D 59 1.52 -0.61 30.16
CA GLN D 59 1.32 -1.93 29.56
C GLN D 59 -0.01 -2.03 28.83
N SER D 60 -1.01 -1.24 29.23
CA SER D 60 -2.30 -1.25 28.56
C SER D 60 -2.33 -0.39 27.31
N LYS D 61 -1.44 0.60 27.22
CA LYS D 61 -1.34 1.46 26.05
C LYS D 61 -0.05 1.25 25.28
N ARG D 62 0.55 0.06 25.39
CA ARG D 62 1.87 -0.19 24.81
C ARG D 62 1.87 -0.13 23.29
N GLY D 63 0.71 -0.14 22.65
CA GLY D 63 0.69 -0.08 21.19
C GLY D 63 1.25 1.21 20.63
N ILE D 64 1.10 2.32 21.36
CA ILE D 64 1.50 3.63 20.88
C ILE D 64 2.59 4.24 21.76
N LEU D 65 3.35 3.43 22.50
CA LEU D 65 4.36 3.92 23.41
C LEU D 65 5.68 3.19 23.18
N THR D 66 6.75 3.84 23.59
CA THR D 66 8.10 3.28 23.55
C THR D 66 8.48 2.88 24.97
N LEU D 67 8.27 1.62 25.32
CA LEU D 67 8.57 1.14 26.66
C LEU D 67 10.07 1.12 26.89
N LYS D 68 10.48 1.50 28.10
CA LYS D 68 11.90 1.58 28.44
C LYS D 68 12.08 1.21 29.90
N TYR D 69 12.83 0.16 30.16
CA TYR D 69 13.10 -0.27 31.53
C TYR D 69 14.19 0.61 32.13
N PRO D 70 13.94 1.29 33.26
CA PRO D 70 15.00 2.11 33.87
C PRO D 70 16.12 1.29 34.47
N ILE D 71 15.86 0.05 34.88
CA ILE D 71 16.87 -0.81 35.50
C ILE D 71 17.26 -1.90 34.53
N GLU D 72 18.56 -2.01 34.26
CA GLU D 72 19.07 -3.08 33.40
C GLU D 72 20.28 -3.76 34.05
N HIC D 73 20.22 -5.09 34.11
CA HIC D 73 21.27 -5.89 34.75
C HIC D 73 21.49 -5.50 36.19
O HIC D 73 22.62 -5.49 36.68
CB HIC D 73 22.58 -5.79 33.96
CG HIC D 73 22.51 -6.41 32.61
ND1 HIC D 73 22.08 -7.69 32.42
CD2 HIC D 73 22.82 -5.85 31.40
CE1 HIC D 73 22.13 -7.91 31.14
NE2 HIC D 73 22.58 -6.83 30.46
CZ HIC D 73 22.77 -6.72 29.04
N GLY D 74 20.40 -5.17 36.89
CA GLY D 74 20.47 -4.82 38.30
C GLY D 74 21.12 -3.47 38.58
N ILE D 75 21.28 -2.67 37.53
CA ILE D 75 21.87 -1.33 37.63
C ILE D 75 20.88 -0.34 37.05
N ILE D 76 20.66 0.76 37.77
CA ILE D 76 19.73 1.80 37.33
C ILE D 76 20.46 2.68 36.32
N THR D 77 20.01 2.64 35.07
CA THR D 77 20.66 3.43 34.02
C THR D 77 20.13 4.85 33.96
N ASN D 78 18.81 5.01 33.94
CA ASN D 78 18.17 6.31 33.91
C ASN D 78 17.66 6.65 35.30
N TRP D 79 18.13 7.76 35.85
CA TRP D 79 17.77 8.16 37.21
C TRP D 79 16.58 9.11 37.26
N ASP D 80 16.02 9.49 36.11
CA ASP D 80 14.80 10.29 36.06
C ASP D 80 13.55 9.43 35.92
N ASP D 81 13.63 8.34 35.15
CA ASP D 81 12.50 7.43 35.06
C ASP D 81 12.34 6.60 36.32
N MET D 82 13.42 6.39 37.07
CA MET D 82 13.31 5.67 38.33
C MET D 82 12.56 6.49 39.38
N GLU D 83 12.73 7.81 39.37
CA GLU D 83 11.98 8.65 40.28
C GLU D 83 10.49 8.60 39.97
N LYS D 84 10.14 8.49 38.69
CA LYS D 84 8.74 8.37 38.32
C LYS D 84 8.13 7.08 38.88
N ILE D 85 8.88 5.99 38.83
CA ILE D 85 8.36 4.72 39.35
C ILE D 85 8.25 4.75 40.86
N TRP D 86 9.24 5.34 41.54
CA TRP D 86 9.16 5.48 42.99
C TRP D 86 8.01 6.40 43.38
N HIS D 87 7.84 7.50 42.65
CA HIS D 87 6.71 8.39 42.90
C HIS D 87 5.38 7.68 42.65
N HIS D 88 5.32 6.87 41.59
CA HIS D 88 4.11 6.10 41.31
C HIS D 88 3.80 5.12 42.43
N THR D 89 4.84 4.47 42.95
CA THR D 89 4.62 3.48 44.02
C THR D 89 4.13 4.15 45.29
N PHE D 90 4.74 5.27 45.69
CA PHE D 90 4.41 5.88 46.97
C PHE D 90 3.05 6.54 46.96
N TYR D 91 2.72 7.27 45.90
CA TYR D 91 1.52 8.10 45.88
C TYR D 91 0.35 7.46 45.15
N ASN D 92 0.60 6.74 44.06
CA ASN D 92 -0.47 6.21 43.23
C ASN D 92 -0.82 4.75 43.53
N GLU D 93 0.15 3.95 43.97
CA GLU D 93 -0.09 2.53 44.24
C GLU D 93 -0.29 2.27 45.73
N LEU D 94 0.69 2.64 46.55
CA LEU D 94 0.55 2.47 47.99
C LEU D 94 -0.35 3.53 48.60
N ARG D 95 -0.42 4.72 47.99
CA ARG D 95 -1.26 5.82 48.45
C ARG D 95 -0.96 6.19 49.90
N VAL D 96 0.34 6.27 50.23
CA VAL D 96 0.79 6.64 51.56
C VAL D 96 1.83 7.75 51.44
N ALA D 97 2.07 8.44 52.55
CA ALA D 97 3.07 9.49 52.60
C ALA D 97 4.36 8.90 53.14
N PRO D 98 5.45 8.89 52.36
CA PRO D 98 6.70 8.33 52.87
C PRO D 98 7.28 9.10 54.06
N GLU D 99 6.82 10.33 54.30
CA GLU D 99 7.31 11.13 55.42
C GLU D 99 7.09 10.45 56.76
N GLU D 100 6.10 9.56 56.87
CA GLU D 100 5.66 9.03 58.15
C GLU D 100 6.25 7.67 58.49
N HIS D 101 7.03 7.06 57.60
CA HIS D 101 7.60 5.75 57.90
C HIS D 101 8.81 5.50 57.01
N PRO D 102 9.81 4.77 57.49
CA PRO D 102 10.98 4.48 56.65
C PRO D 102 10.67 3.42 55.61
N THR D 103 11.63 3.22 54.71
CA THR D 103 11.50 2.29 53.60
C THR D 103 12.68 1.32 53.59
N LEU D 104 12.42 0.07 53.24
CA LEU D 104 13.44 -0.95 53.10
C LEU D 104 13.66 -1.24 51.61
N LEU D 105 14.91 -1.21 51.18
CA LEU D 105 15.26 -1.40 49.78
C LEU D 105 16.15 -2.64 49.62
N THR D 106 16.19 -3.15 48.39
CA THR D 106 16.98 -4.33 48.06
C THR D 106 17.92 -4.01 46.91
N GLU D 107 19.02 -4.76 46.84
CA GLU D 107 20.00 -4.59 45.78
C GLU D 107 20.72 -5.91 45.55
N ALA D 108 21.13 -6.13 44.30
CA ALA D 108 21.86 -7.33 43.93
C ALA D 108 23.30 -7.25 44.44
N PRO D 109 23.90 -8.39 44.78
CA PRO D 109 25.30 -8.39 45.22
C PRO D 109 26.25 -8.06 44.09
N LEU D 110 27.42 -7.54 44.49
CA LEU D 110 28.47 -7.12 43.55
C LEU D 110 27.94 -6.09 42.56
N ASN D 111 27.35 -5.03 43.09
CA ASN D 111 26.79 -3.94 42.32
C ASN D 111 27.65 -2.70 42.44
N PRO D 112 27.56 -1.76 41.48
CA PRO D 112 28.34 -0.53 41.58
C PRO D 112 28.02 0.23 42.87
N LYS D 113 29.05 0.84 43.45
CA LYS D 113 28.87 1.57 44.70
C LYS D 113 28.06 2.85 44.52
N ALA D 114 27.95 3.36 43.28
CA ALA D 114 27.12 4.53 43.04
C ALA D 114 25.64 4.19 43.03
N ASN D 115 25.30 2.92 42.81
CA ASN D 115 23.89 2.51 42.85
C ASN D 115 23.31 2.68 44.25
N ARG D 116 24.07 2.31 45.28
CA ARG D 116 23.59 2.46 46.64
C ARG D 116 23.57 3.91 47.08
N GLU D 117 24.61 4.68 46.72
CA GLU D 117 24.71 6.06 47.18
C GLU D 117 23.62 6.94 46.57
N LYS D 118 23.33 6.75 45.29
CA LYS D 118 22.31 7.57 44.66
C LYS D 118 20.90 7.20 45.12
N MET D 119 20.67 5.92 45.43
CA MET D 119 19.38 5.54 46.01
C MET D 119 19.18 6.17 47.38
N THR D 120 20.22 6.21 48.20
CA THR D 120 20.13 6.83 49.51
C THR D 120 19.84 8.32 49.39
N GLN D 121 20.49 9.00 48.45
CA GLN D 121 20.31 10.44 48.30
C GLN D 121 18.88 10.78 47.89
N ILE D 122 18.30 9.99 46.98
CA ILE D 122 16.94 10.27 46.51
C ILE D 122 15.93 10.08 47.63
N MET D 123 16.04 8.98 48.38
CA MET D 123 15.07 8.69 49.43
C MET D 123 15.10 9.75 50.53
N PHE D 124 16.29 10.21 50.91
CA PHE D 124 16.41 11.16 52.00
C PHE D 124 16.12 12.60 51.58
N GLU D 125 16.07 12.90 50.29
CA GLU D 125 15.84 14.26 49.83
C GLU D 125 14.57 14.40 49.01
N THR D 126 14.39 13.59 47.97
CA THR D 126 13.20 13.71 47.14
C THR D 126 11.95 13.30 47.93
N PHE D 127 12.03 12.20 48.66
CA PHE D 127 10.89 11.72 49.44
C PHE D 127 11.04 11.96 50.93
N ASN D 128 12.24 12.30 51.40
CA ASN D 128 12.48 12.71 52.78
C ASN D 128 12.02 11.66 53.79
N VAL D 129 12.29 10.39 53.49
CA VAL D 129 11.92 9.30 54.38
C VAL D 129 12.70 9.45 55.69
N PRO D 130 12.09 9.14 56.83
CA PRO D 130 12.82 9.29 58.10
C PRO D 130 14.04 8.39 58.21
N ALA D 131 14.00 7.21 57.59
CA ALA D 131 15.12 6.27 57.68
C ALA D 131 15.10 5.38 56.45
N MET D 132 16.19 4.64 56.27
CA MET D 132 16.32 3.74 55.12
C MET D 132 17.29 2.62 55.46
N TYR D 133 17.21 1.55 54.67
CA TYR D 133 18.11 0.41 54.80
C TYR D 133 18.09 -0.36 53.48
N VAL D 134 19.27 -0.84 53.08
CA VAL D 134 19.43 -1.62 51.86
C VAL D 134 19.86 -3.02 52.26
N ALA D 135 19.11 -4.03 51.83
CA ALA D 135 19.36 -5.42 52.18
C ALA D 135 19.63 -6.23 50.93
N ILE D 136 20.53 -7.21 51.05
CA ILE D 136 20.85 -8.09 49.93
C ILE D 136 19.68 -9.01 49.65
N GLN D 137 19.34 -9.16 48.37
CA GLN D 137 18.18 -9.96 48.00
C GLN D 137 18.35 -11.42 48.40
N ALA D 138 19.56 -11.96 48.23
CA ALA D 138 19.79 -13.35 48.56
C ALA D 138 19.65 -13.61 50.06
N VAL D 139 20.07 -12.66 50.88
CA VAL D 139 19.92 -12.81 52.33
C VAL D 139 18.44 -12.83 52.71
N LEU D 140 17.65 -11.95 52.11
CA LEU D 140 16.22 -11.91 52.42
C LEU D 140 15.52 -13.19 52.01
N SER D 141 15.94 -13.77 50.87
CA SER D 141 15.32 -15.01 50.41
C SER D 141 15.54 -16.16 51.38
N LEU D 142 16.58 -16.10 52.20
CA LEU D 142 16.78 -17.12 53.23
C LEU D 142 15.85 -16.92 54.42
N TYR D 143 15.49 -15.67 54.71
CA TYR D 143 14.55 -15.41 55.80
C TYR D 143 13.20 -16.02 55.53
N ALA D 144 12.71 -15.93 54.29
CA ALA D 144 11.38 -16.43 53.95
C ALA D 144 11.31 -17.95 54.12
N SER D 145 12.44 -18.64 53.97
CA SER D 145 12.48 -20.09 54.15
C SER D 145 12.68 -20.50 55.59
N GLY D 146 12.90 -19.54 56.49
CA GLY D 146 13.14 -19.88 57.89
C GLY D 146 14.40 -20.68 58.12
N ARG D 147 15.49 -20.31 57.44
CA ARG D 147 16.76 -21.01 57.53
C ARG D 147 17.88 -20.02 57.77
N THR D 148 18.94 -20.50 58.43
CA THR D 148 20.15 -19.72 58.62
C THR D 148 21.35 -20.27 57.86
N THR D 149 21.25 -21.47 57.31
CA THR D 149 22.32 -22.09 56.55
C THR D 149 21.79 -22.54 55.20
N GLY D 150 22.47 -22.13 54.13
CA GLY D 150 22.08 -22.53 52.80
C GLY D 150 22.71 -21.67 51.75
N ILE D 151 22.49 -22.06 50.50
CA ILE D 151 22.97 -21.33 49.33
C ILE D 151 21.77 -20.99 48.46
N VAL D 152 21.67 -19.72 48.07
CA VAL D 152 20.51 -19.22 47.36
C VAL D 152 20.84 -19.11 45.87
N LEU D 153 19.81 -19.21 45.04
CA LEU D 153 19.91 -19.11 43.59
C LEU D 153 18.91 -18.10 43.05
N ASP D 154 18.90 -16.91 43.65
CA ASP D 154 17.98 -15.87 43.23
C ASP D 154 18.24 -15.50 41.77
N SER D 155 17.30 -15.88 40.90
CA SER D 155 17.39 -15.60 39.46
C SER D 155 16.25 -14.67 39.10
N GLY D 156 16.57 -13.42 38.81
CA GLY D 156 15.59 -12.40 38.51
C GLY D 156 15.41 -12.19 37.03
N ASP D 157 15.25 -10.92 36.65
CA ASP D 157 15.08 -10.55 35.24
C ASP D 157 16.35 -9.97 34.63
N GLY D 158 17.31 -9.54 35.44
CA GLY D 158 18.55 -9.00 34.91
C GLY D 158 19.81 -9.67 35.41
N VAL D 159 19.76 -10.28 36.59
CA VAL D 159 20.94 -10.82 37.25
C VAL D 159 20.60 -12.14 37.92
N THR D 160 21.49 -13.12 37.77
CA THR D 160 21.42 -14.38 38.50
C THR D 160 22.66 -14.47 39.39
N HIS D 161 22.44 -14.78 40.67
CA HIS D 161 23.55 -14.77 41.62
C HIS D 161 23.35 -15.86 42.67
N ASN D 162 24.47 -16.33 43.22
CA ASN D 162 24.48 -17.30 44.30
C ASN D 162 25.19 -16.68 45.51
N VAL D 163 24.61 -16.85 46.68
CA VAL D 163 25.22 -16.39 47.92
C VAL D 163 25.16 -17.49 48.97
N PRO D 164 26.29 -18.10 49.33
CA PRO D 164 26.27 -19.14 50.37
C PRO D 164 26.29 -18.54 51.77
N ILE D 165 25.38 -19.02 52.62
CA ILE D 165 25.26 -18.56 54.00
C ILE D 165 25.32 -19.76 54.91
N TYR D 166 26.12 -19.69 55.97
CA TYR D 166 26.28 -20.78 56.92
C TYR D 166 26.07 -20.24 58.32
N GLU D 167 24.99 -20.66 58.97
CA GLU D 167 24.68 -20.26 60.35
C GLU D 167 24.69 -18.74 60.52
N GLY D 168 24.07 -18.04 59.57
CA GLY D 168 23.99 -16.60 59.62
C GLY D 168 25.26 -15.88 59.21
N TYR D 169 26.26 -16.59 58.70
CA TYR D 169 27.51 -15.99 58.24
C TYR D 169 27.60 -16.13 56.73
N ALA D 170 27.83 -15.01 56.04
CA ALA D 170 27.94 -15.00 54.59
C ALA D 170 29.41 -15.03 54.19
N LEU D 171 29.71 -15.83 53.17
CA LEU D 171 31.07 -15.96 52.66
C LEU D 171 31.23 -15.08 51.43
N PRO D 172 31.83 -13.89 51.55
CA PRO D 172 31.92 -12.99 50.38
C PRO D 172 32.73 -13.57 49.23
N HIS D 173 33.74 -14.40 49.51
CA HIS D 173 34.62 -14.89 48.44
C HIS D 173 33.88 -15.84 47.50
N ALA D 174 32.90 -16.58 48.00
CA ALA D 174 32.18 -17.55 47.20
C ALA D 174 30.94 -16.97 46.52
N ILE D 175 30.69 -15.67 46.68
CA ILE D 175 29.52 -15.05 46.06
C ILE D 175 29.72 -14.98 44.55
N MET D 176 28.74 -15.46 43.79
CA MET D 176 28.77 -15.44 42.35
C MET D 176 27.80 -14.40 41.81
N ARG D 177 27.90 -14.17 40.50
CA ARG D 177 26.98 -13.27 39.81
C ARG D 177 27.04 -13.58 38.33
N LEU D 178 25.87 -13.79 37.73
CA LEU D 178 25.76 -14.08 36.31
C LEU D 178 24.78 -13.09 35.70
N ASP D 179 25.18 -12.48 34.58
CA ASP D 179 24.36 -11.49 33.90
C ASP D 179 23.39 -12.11 32.91
N LEU D 180 23.07 -13.39 33.08
CA LEU D 180 22.09 -14.08 32.26
C LEU D 180 20.84 -14.32 33.10
N ALA D 181 19.71 -13.80 32.64
CA ALA D 181 18.47 -13.87 33.42
C ALA D 181 17.30 -13.93 32.45
N GLY D 182 16.10 -13.64 32.96
CA GLY D 182 14.89 -13.81 32.18
C GLY D 182 14.82 -12.93 30.94
N ARG D 183 15.39 -11.72 31.02
CA ARG D 183 15.35 -10.82 29.87
C ARG D 183 16.16 -11.38 28.71
N ASP D 184 17.32 -11.98 29.00
CA ASP D 184 18.12 -12.58 27.95
C ASP D 184 17.44 -13.79 27.33
N LEU D 185 16.68 -14.55 28.13
CA LEU D 185 15.92 -15.67 27.59
C LEU D 185 14.82 -15.19 26.67
N THR D 186 14.19 -14.05 26.99
CA THR D 186 13.15 -13.50 26.13
C THR D 186 13.73 -13.08 24.78
N ASP D 187 14.91 -12.45 24.79
CA ASP D 187 15.54 -12.05 23.54
C ASP D 187 15.96 -13.26 22.72
N TYR D 188 16.46 -14.31 23.38
CA TYR D 188 16.83 -15.54 22.68
C TYR D 188 15.61 -16.19 22.04
N LEU D 189 14.49 -16.26 22.77
CA LEU D 189 13.27 -16.79 22.20
C LEU D 189 12.75 -15.88 21.08
N MET D 190 13.02 -14.59 21.18
CA MET D 190 12.62 -13.67 20.11
C MET D 190 13.34 -13.99 18.81
N LYS D 191 14.63 -14.38 18.89
CA LYS D 191 15.40 -14.68 17.69
C LYS D 191 15.01 -16.03 17.10
N ILE D 192 14.83 -17.05 17.95
CA ILE D 192 14.53 -18.39 17.45
C ILE D 192 13.08 -18.54 16.99
N LEU D 193 12.24 -17.54 17.22
CA LEU D 193 10.92 -17.53 16.62
C LEU D 193 10.94 -17.06 15.18
N THR D 194 12.02 -16.41 14.74
CA THR D 194 12.15 -16.01 13.35
C THR D 194 12.39 -17.19 12.42
N GLU D 195 12.86 -18.32 12.95
CA GLU D 195 13.05 -19.51 12.15
C GLU D 195 11.75 -20.17 11.74
N ARG D 196 10.62 -19.74 12.31
CA ARG D 196 9.31 -20.23 11.92
C ARG D 196 8.49 -19.20 11.17
N GLY D 197 9.03 -18.00 10.95
CA GLY D 197 8.34 -16.97 10.20
C GLY D 197 7.67 -15.90 11.02
N TYR D 198 7.82 -15.92 12.35
CA TYR D 198 7.22 -14.92 13.23
C TYR D 198 8.25 -13.84 13.51
N SER D 199 7.90 -12.59 13.21
CA SER D 199 8.81 -11.46 13.36
C SER D 199 8.26 -10.52 14.43
N PHE D 200 8.94 -10.48 15.57
CA PHE D 200 8.66 -9.54 16.64
C PHE D 200 9.83 -8.57 16.73
N VAL D 201 9.54 -7.28 16.64
CA VAL D 201 10.60 -6.27 16.54
C VAL D 201 10.46 -5.21 17.63
N THR D 202 9.30 -4.58 17.69
CA THR D 202 9.13 -3.42 18.57
C THR D 202 9.16 -3.84 20.04
N THR D 203 9.36 -2.84 20.90
CA THR D 203 9.39 -3.08 22.34
C THR D 203 8.04 -3.57 22.84
N ALA D 204 6.94 -3.13 22.21
CA ALA D 204 5.62 -3.62 22.59
C ALA D 204 5.48 -5.11 22.29
N GLU D 205 6.02 -5.56 21.15
CA GLU D 205 5.95 -6.98 20.79
C GLU D 205 6.87 -7.84 21.65
N ARG D 206 7.84 -7.23 22.33
CA ARG D 206 8.67 -7.99 23.27
C ARG D 206 7.85 -8.48 24.44
N GLU D 207 6.89 -7.68 24.90
CA GLU D 207 6.02 -8.11 25.99
C GLU D 207 5.16 -9.30 25.58
N ILE D 208 4.74 -9.34 24.31
CA ILE D 208 3.98 -10.49 23.82
C ILE D 208 4.83 -11.76 23.89
N VAL D 209 6.10 -11.66 23.49
CA VAL D 209 7.01 -12.81 23.56
C VAL D 209 7.20 -13.23 25.00
N ARG D 210 7.27 -12.27 25.93
CA ARG D 210 7.44 -12.60 27.33
C ARG D 210 6.28 -13.42 27.86
N ASP D 211 5.06 -13.14 27.38
CA ASP D 211 3.90 -13.92 27.80
C ASP D 211 3.97 -15.35 27.27
N ILE D 212 4.48 -15.52 26.04
CA ILE D 212 4.64 -16.87 25.49
C ILE D 212 5.63 -17.66 26.32
N LYS D 213 6.72 -17.02 26.74
CA LYS D 213 7.76 -17.72 27.49
C LYS D 213 7.23 -18.24 28.82
N GLU D 214 6.43 -17.44 29.52
CA GLU D 214 5.95 -17.82 30.83
C GLU D 214 4.87 -18.90 30.77
N LYS D 215 4.18 -19.04 29.65
CA LYS D 215 3.07 -19.97 29.53
C LYS D 215 3.43 -21.27 28.83
N LEU D 216 4.43 -21.26 27.95
CA LEU D 216 4.74 -22.43 27.15
C LEU D 216 6.12 -23.01 27.43
N CYS D 217 7.14 -22.19 27.59
CA CYS D 217 8.50 -22.69 27.75
C CYS D 217 8.65 -23.46 29.05
N TYR D 218 9.49 -24.50 28.99
CA TYR D 218 9.78 -25.33 30.16
C TYR D 218 11.19 -25.91 30.00
N VAL D 219 11.64 -26.61 31.04
CA VAL D 219 12.98 -27.17 31.09
C VAL D 219 12.88 -28.68 30.90
N ALA D 220 13.67 -29.21 29.97
CA ALA D 220 13.68 -30.63 29.68
C ALA D 220 14.71 -31.34 30.54
N LEU D 221 14.35 -32.55 31.00
CA LEU D 221 15.28 -33.31 31.84
C LEU D 221 16.56 -33.67 31.09
N ASP D 222 16.43 -34.09 29.84
CA ASP D 222 17.58 -34.39 28.99
C ASP D 222 17.41 -33.65 27.67
N PHE D 223 18.35 -32.76 27.37
CA PHE D 223 18.22 -31.93 26.16
C PHE D 223 18.34 -32.77 24.90
N GLU D 224 19.28 -33.73 24.87
CA GLU D 224 19.47 -34.54 23.67
C GLU D 224 18.27 -35.43 23.41
N ASN D 225 17.72 -36.05 24.46
CA ASN D 225 16.57 -36.93 24.28
C ASN D 225 15.34 -36.15 23.84
N GLU D 226 15.14 -34.95 24.38
CA GLU D 226 13.96 -34.17 24.04
C GLU D 226 14.02 -33.66 22.61
N MET D 227 15.21 -33.34 22.12
CA MET D 227 15.36 -32.87 20.74
C MET D 227 14.94 -33.94 19.74
N ALA D 228 15.33 -35.20 20.00
CA ALA D 228 14.95 -36.28 19.11
C ALA D 228 13.45 -36.52 19.12
N THR D 229 12.82 -36.37 20.29
CA THR D 229 11.38 -36.57 20.39
C THR D 229 10.62 -35.56 19.53
N ALA D 230 11.08 -34.32 19.51
CA ALA D 230 10.42 -33.28 18.72
C ALA D 230 10.45 -33.63 17.23
N ALA D 231 11.58 -34.15 16.74
CA ALA D 231 11.69 -34.48 15.33
C ALA D 231 10.91 -35.75 14.99
N SER D 232 10.78 -36.67 15.95
CA SER D 232 10.11 -37.94 15.67
C SER D 232 8.62 -37.74 15.42
N SER D 233 7.96 -36.93 16.25
CA SER D 233 6.52 -36.71 16.12
C SER D 233 6.17 -35.36 16.72
N SER D 234 4.98 -34.88 16.35
CA SER D 234 4.50 -33.58 16.81
C SER D 234 3.63 -33.74 18.05
N SER D 235 4.22 -34.32 19.09
CA SER D 235 3.56 -34.51 20.37
C SER D 235 3.96 -33.47 21.41
N LEU D 236 4.70 -32.43 20.99
CA LEU D 236 5.18 -31.40 21.90
C LEU D 236 4.85 -30.00 21.39
N GLU D 237 3.83 -29.87 20.54
CA GLU D 237 3.48 -28.58 19.93
C GLU D 237 2.29 -27.97 20.67
N LYS D 238 2.42 -26.69 21.01
CA LYS D 238 1.37 -25.95 21.68
C LYS D 238 1.08 -24.67 20.90
N SER D 239 -0.20 -24.30 20.85
CA SER D 239 -0.64 -23.13 20.12
C SER D 239 -0.89 -21.96 21.06
N TYR D 240 -0.61 -20.76 20.57
CA TYR D 240 -0.78 -19.54 21.35
C TYR D 240 -1.51 -18.51 20.49
N GLU D 241 -2.49 -17.84 21.07
CA GLU D 241 -3.31 -16.87 20.35
C GLU D 241 -2.81 -15.46 20.64
N LEU D 242 -2.42 -14.74 19.60
CA LEU D 242 -1.93 -13.38 19.74
C LEU D 242 -3.08 -12.42 20.01
N PRO D 243 -2.77 -11.20 20.47
CA PRO D 243 -3.85 -10.20 20.63
C PRO D 243 -4.57 -9.89 19.34
N ASP D 244 -3.92 -10.00 18.19
CA ASP D 244 -4.57 -9.83 16.89
C ASP D 244 -5.58 -10.94 16.61
N GLY D 245 -5.44 -12.09 17.25
CA GLY D 245 -6.25 -13.25 16.93
C GLY D 245 -5.54 -14.31 16.11
N GLN D 246 -4.34 -14.01 15.63
CA GLN D 246 -3.57 -15.01 14.89
C GLN D 246 -3.04 -16.08 15.84
N VAL D 247 -2.99 -17.32 15.36
CA VAL D 247 -2.54 -18.46 16.15
C VAL D 247 -1.14 -18.84 15.70
N ILE D 248 -0.22 -18.91 16.64
CA ILE D 248 1.15 -19.34 16.38
C ILE D 248 1.37 -20.70 17.03
N THR D 249 2.31 -21.47 16.49
CA THR D 249 2.60 -22.81 16.97
C THR D 249 4.10 -22.96 17.18
N ILE D 250 4.49 -23.41 18.37
CA ILE D 250 5.88 -23.72 18.68
C ILE D 250 5.92 -25.07 19.38
N GLY D 251 6.78 -25.97 18.89
CA GLY D 251 6.88 -27.28 19.48
C GLY D 251 8.26 -27.63 20.00
N ASN D 252 9.28 -27.05 19.38
CA ASN D 252 10.67 -27.33 19.73
C ASN D 252 11.35 -26.18 20.46
N GLU D 253 10.91 -24.94 20.25
CA GLU D 253 11.48 -23.79 20.95
C GLU D 253 11.08 -23.73 22.42
N ARG D 254 10.14 -24.58 22.86
CA ARG D 254 9.67 -24.52 24.23
C ARG D 254 10.78 -24.87 25.22
N PHE D 255 11.55 -25.92 24.95
CA PHE D 255 12.58 -26.38 25.88
C PHE D 255 13.97 -25.92 25.48
N ARG D 256 14.10 -25.08 24.45
CA ARG D 256 15.39 -24.55 24.03
C ARG D 256 15.69 -23.19 24.62
N CYS D 257 14.67 -22.34 24.78
CA CYS D 257 14.88 -21.04 25.42
C CYS D 257 15.33 -21.17 26.88
N PRO D 258 14.70 -21.98 27.73
CA PRO D 258 15.20 -22.12 29.10
C PRO D 258 16.53 -22.87 29.19
N GLU D 259 16.94 -23.59 28.15
CA GLU D 259 18.21 -24.29 28.17
C GLU D 259 19.41 -23.35 28.11
N THR D 260 19.19 -22.08 27.79
CA THR D 260 20.29 -21.12 27.78
C THR D 260 20.88 -20.95 29.17
N LEU D 261 20.06 -21.13 30.21
CA LEU D 261 20.57 -21.03 31.58
C LEU D 261 21.60 -22.12 31.86
N PHE D 262 21.34 -23.35 31.39
CA PHE D 262 22.26 -24.45 31.62
C PHE D 262 23.39 -24.49 30.58
N GLN D 263 23.15 -23.92 29.40
CA GLN D 263 24.15 -23.87 28.32
C GLN D 263 24.24 -22.43 27.85
N PRO D 264 25.00 -21.58 28.56
CA PRO D 264 25.07 -20.16 28.19
C PRO D 264 25.65 -19.92 26.81
N SER D 265 26.29 -20.91 26.20
CA SER D 265 26.87 -20.74 24.87
C SER D 265 25.82 -20.56 23.78
N PHE D 266 24.54 -20.80 24.09
CA PHE D 266 23.49 -20.60 23.10
C PHE D 266 23.42 -19.14 22.67
N ILE D 267 23.55 -18.22 23.62
CA ILE D 267 23.54 -16.79 23.32
C ILE D 267 24.95 -16.24 23.18
N GLY D 268 25.95 -17.11 23.03
CA GLY D 268 27.32 -16.68 22.85
C GLY D 268 27.94 -16.11 24.11
N MET D 269 28.07 -16.93 25.14
CA MET D 269 28.68 -16.52 26.40
C MET D 269 29.68 -17.58 26.83
N GLU D 270 30.77 -17.14 27.45
CA GLU D 270 31.83 -18.03 27.90
C GLU D 270 31.62 -18.54 29.32
N SER D 271 30.60 -18.05 30.02
CA SER D 271 30.36 -18.46 31.39
C SER D 271 29.76 -19.86 31.43
N ALA D 272 29.85 -20.50 32.60
CA ALA D 272 29.29 -21.82 32.81
C ALA D 272 27.81 -21.72 33.17
N GLY D 273 27.16 -22.88 33.20
CA GLY D 273 25.74 -22.93 33.53
C GLY D 273 25.48 -22.67 35.00
N ILE D 274 24.19 -22.52 35.32
CA ILE D 274 23.81 -22.26 36.70
C ILE D 274 24.13 -23.46 37.59
N HIS D 275 23.98 -24.68 37.05
CA HIS D 275 24.33 -25.86 37.82
C HIS D 275 25.84 -25.92 38.08
N GLU D 276 26.65 -25.55 37.08
CA GLU D 276 28.10 -25.55 37.28
C GLU D 276 28.52 -24.40 38.18
N THR D 277 27.87 -23.24 38.06
CA THR D 277 28.19 -22.11 38.94
C THR D 277 27.84 -22.43 40.38
N THR D 278 26.74 -23.15 40.60
CA THR D 278 26.38 -23.56 41.95
C THR D 278 27.42 -24.49 42.55
N TYR D 279 27.93 -25.43 41.76
CA TYR D 279 28.96 -26.34 42.24
C TYR D 279 30.25 -25.59 42.56
N ASN D 280 30.61 -24.61 41.73
CA ASN D 280 31.84 -23.86 41.96
C ASN D 280 31.77 -23.05 43.25
N SER D 281 30.61 -22.47 43.54
CA SER D 281 30.46 -21.67 44.75
C SER D 281 30.61 -22.54 46.00
N ILE D 282 30.05 -23.75 45.97
CA ILE D 282 30.17 -24.65 47.12
C ILE D 282 31.62 -25.08 47.30
N MET D 283 32.33 -25.33 46.20
CA MET D 283 33.69 -25.83 46.28
C MET D 283 34.62 -24.81 46.93
N LYS D 284 34.43 -23.53 46.61
CA LYS D 284 35.29 -22.49 47.19
C LYS D 284 35.04 -22.27 48.67
N CYS D 285 33.98 -22.83 49.23
CA CYS D 285 33.74 -22.74 50.66
C CYS D 285 34.56 -23.79 51.40
N ASP D 286 34.50 -23.74 52.73
CA ASP D 286 35.23 -24.68 53.56
C ASP D 286 34.70 -26.10 53.38
N ILE D 287 35.59 -27.07 53.52
CA ILE D 287 35.22 -28.47 53.29
C ILE D 287 34.22 -28.95 54.33
N ASP D 288 34.35 -28.47 55.57
CA ASP D 288 33.48 -28.93 56.64
C ASP D 288 32.03 -28.54 56.39
N ILE D 289 31.81 -27.34 55.82
CA ILE D 289 30.46 -26.82 55.65
C ILE D 289 29.86 -27.19 54.29
N ARG D 290 30.59 -27.89 53.44
CA ARG D 290 30.06 -28.26 52.13
C ARG D 290 28.92 -29.26 52.23
N LYS D 291 28.93 -30.11 53.26
CA LYS D 291 27.86 -31.08 53.42
C LYS D 291 26.52 -30.40 53.67
N ASP D 292 26.52 -29.34 54.49
CA ASP D 292 25.28 -28.64 54.81
C ASP D 292 24.75 -27.87 53.60
N LEU D 293 25.64 -27.24 52.83
CA LEU D 293 25.20 -26.47 51.67
C LEU D 293 24.62 -27.35 50.58
N TYR D 294 25.03 -28.62 50.52
CA TYR D 294 24.55 -29.49 49.46
C TYR D 294 23.06 -29.72 49.55
N ALA D 295 22.54 -29.89 50.77
CA ALA D 295 21.13 -30.21 50.99
C ALA D 295 20.27 -28.99 51.27
N ASN D 296 20.82 -27.78 51.11
CA ASN D 296 20.11 -26.55 51.41
C ASN D 296 20.18 -25.58 50.24
N ASN D 297 19.92 -26.08 49.03
CA ASN D 297 19.90 -25.26 47.83
C ASN D 297 18.56 -24.55 47.75
N VAL D 298 18.48 -23.38 48.38
CA VAL D 298 17.25 -22.59 48.41
C VAL D 298 17.13 -21.87 47.06
N MET D 299 16.16 -22.29 46.25
CA MET D 299 15.96 -21.70 44.93
C MET D 299 14.82 -20.70 44.99
N SER D 300 15.05 -19.51 44.44
CA SER D 300 14.04 -18.46 44.43
C SER D 300 14.24 -17.58 43.21
N GLY D 301 13.25 -16.77 42.92
CA GLY D 301 13.30 -15.87 41.79
C GLY D 301 12.27 -16.22 40.74
N GLY D 302 11.90 -15.23 39.93
CA GLY D 302 10.91 -15.46 38.89
C GLY D 302 11.39 -16.39 37.80
N THR D 303 12.66 -16.28 37.42
CA THR D 303 13.18 -17.10 36.33
C THR D 303 13.24 -18.58 36.70
N THR D 304 13.25 -18.90 37.99
CA THR D 304 13.30 -20.28 38.45
C THR D 304 11.92 -20.93 38.53
N MET D 305 10.92 -20.36 37.84
CA MET D 305 9.56 -20.88 37.88
C MET D 305 9.25 -21.80 36.71
N TYR D 306 10.24 -22.11 35.87
CA TYR D 306 10.02 -23.04 34.78
C TYR D 306 9.68 -24.42 35.33
N PRO D 307 8.71 -25.12 34.76
CA PRO D 307 8.42 -26.49 35.19
C PRO D 307 9.60 -27.41 34.93
N GLY D 308 9.93 -28.23 35.93
CA GLY D 308 11.01 -29.18 35.81
C GLY D 308 12.40 -28.63 36.03
N ILE D 309 12.54 -27.34 36.38
CA ILE D 309 13.88 -26.79 36.59
C ILE D 309 14.50 -27.35 37.87
N ALA D 310 13.68 -27.63 38.89
CA ALA D 310 14.21 -28.20 40.13
C ALA D 310 14.75 -29.61 39.90
N ASP D 311 14.03 -30.43 39.11
CA ASP D 311 14.50 -31.77 38.81
C ASP D 311 15.78 -31.73 37.98
N ARG D 312 15.85 -30.83 37.00
CA ARG D 312 17.05 -30.72 36.17
C ARG D 312 18.26 -30.30 37.01
N MET D 313 18.07 -29.33 37.91
CA MET D 313 19.17 -28.91 38.77
C MET D 313 19.59 -30.03 39.71
N GLN D 314 18.62 -30.82 40.19
CA GLN D 314 18.95 -31.95 41.06
C GLN D 314 19.81 -32.98 40.34
N LYS D 315 19.47 -33.29 39.08
CA LYS D 315 20.23 -34.28 38.34
C LYS D 315 21.63 -33.78 37.99
N GLU D 316 21.75 -32.50 37.62
CA GLU D 316 23.04 -31.97 37.20
C GLU D 316 24.02 -31.91 38.37
N ILE D 317 23.57 -31.35 39.50
CA ILE D 317 24.47 -31.21 40.66
C ILE D 317 24.85 -32.56 41.22
N THR D 318 23.93 -33.53 41.18
CA THR D 318 24.24 -34.87 41.70
C THR D 318 25.39 -35.51 40.94
N ALA D 319 25.43 -35.34 39.62
CA ALA D 319 26.51 -35.91 38.83
C ALA D 319 27.86 -35.31 39.22
N LEU D 320 27.92 -34.00 39.42
CA LEU D 320 29.16 -33.34 39.79
C LEU D 320 29.58 -33.64 41.22
N ALA D 321 28.63 -33.84 42.14
CA ALA D 321 28.90 -34.09 43.54
C ALA D 321 29.22 -35.56 43.78
N PRO D 322 29.96 -35.87 44.84
CA PRO D 322 30.20 -37.28 45.18
C PRO D 322 28.91 -37.99 45.51
N SER D 323 28.89 -39.30 45.23
CA SER D 323 27.68 -40.09 45.42
C SER D 323 27.24 -40.13 46.87
N THR D 324 28.19 -40.08 47.81
CA THR D 324 27.85 -40.14 49.22
C THR D 324 27.01 -38.94 49.64
N MET D 325 27.37 -37.76 49.17
CA MET D 325 26.63 -36.55 49.53
C MET D 325 25.22 -36.58 48.93
N LYS D 326 24.27 -36.05 49.68
CA LYS D 326 22.87 -36.00 49.26
C LYS D 326 22.52 -34.58 48.83
N ILE D 327 21.93 -34.44 47.65
CA ILE D 327 21.57 -33.16 47.07
C ILE D 327 20.07 -32.98 47.21
N LYS D 328 19.66 -31.85 47.80
CA LYS D 328 18.26 -31.51 47.97
C LYS D 328 18.02 -30.10 47.43
N ILE D 329 16.98 -29.95 46.61
CA ILE D 329 16.63 -28.67 46.03
C ILE D 329 15.39 -28.16 46.74
N ILE D 330 15.50 -26.99 47.37
CA ILE D 330 14.41 -26.37 48.10
C ILE D 330 13.82 -25.30 47.19
N ALA D 331 12.63 -25.58 46.65
CA ALA D 331 11.92 -24.67 45.75
C ALA D 331 10.52 -24.43 46.31
N PRO D 332 10.33 -23.43 47.17
CA PRO D 332 9.01 -23.17 47.72
C PRO D 332 8.06 -22.72 46.62
N PRO D 333 6.77 -23.04 46.75
CA PRO D 333 5.81 -22.62 45.72
C PRO D 333 5.66 -21.10 45.60
N GLU D 334 6.02 -20.35 46.64
CA GLU D 334 5.90 -18.89 46.63
C GLU D 334 7.25 -18.22 46.42
N ARG D 335 8.18 -18.88 45.72
CA ARG D 335 9.52 -18.34 45.53
C ARG D 335 9.54 -17.09 44.67
N LYS D 336 8.45 -16.79 43.96
CA LYS D 336 8.43 -15.58 43.14
C LYS D 336 8.50 -14.31 43.97
N TYR D 337 8.07 -14.35 45.24
CA TYR D 337 8.10 -13.19 46.12
C TYR D 337 8.89 -13.47 47.39
N SER D 338 9.82 -14.43 47.35
CA SER D 338 10.59 -14.76 48.55
C SER D 338 11.46 -13.61 49.02
N VAL D 339 11.97 -12.80 48.07
CA VAL D 339 12.77 -11.64 48.45
C VAL D 339 11.92 -10.64 49.23
N TRP D 340 10.70 -10.39 48.76
CA TRP D 340 9.83 -9.46 49.47
C TRP D 340 9.39 -10.01 50.82
N ILE D 341 9.04 -11.29 50.89
CA ILE D 341 8.57 -11.87 52.14
C ILE D 341 9.67 -11.83 53.19
N GLY D 342 10.91 -12.11 52.79
CA GLY D 342 12.02 -11.99 53.72
C GLY D 342 12.19 -10.58 54.24
N GLY D 343 12.00 -9.59 53.37
CA GLY D 343 12.06 -8.20 53.81
C GLY D 343 10.94 -7.85 54.78
N SER D 344 9.76 -8.44 54.58
CA SER D 344 8.67 -8.24 55.53
C SER D 344 9.02 -8.81 56.89
N ILE D 345 9.63 -9.99 56.93
CA ILE D 345 9.99 -10.61 58.21
C ILE D 345 11.12 -9.85 58.87
N LEU D 346 12.12 -9.43 58.09
CA LEU D 346 13.27 -8.74 58.66
C LEU D 346 12.86 -7.39 59.27
N ALA D 347 11.99 -6.65 58.58
CA ALA D 347 11.58 -5.34 59.08
C ALA D 347 10.69 -5.43 60.30
N SER D 348 10.13 -6.60 60.60
CA SER D 348 9.26 -6.79 61.74
C SER D 348 10.00 -7.35 62.96
N LEU D 349 11.29 -7.10 63.05
CA LEU D 349 12.12 -7.59 64.14
C LEU D 349 12.52 -6.45 65.06
N SER D 350 12.39 -6.67 66.37
CA SER D 350 12.78 -5.65 67.34
C SER D 350 14.29 -5.41 67.33
N THR D 351 15.07 -6.45 67.03
CA THR D 351 16.52 -6.29 66.98
C THR D 351 16.97 -5.50 65.75
N PHE D 352 16.13 -5.41 64.72
CA PHE D 352 16.50 -4.72 63.49
C PHE D 352 16.36 -3.20 63.59
N GLN D 353 15.67 -2.70 64.61
CA GLN D 353 15.39 -1.26 64.67
C GLN D 353 16.67 -0.43 64.83
N GLN D 354 17.72 -1.02 65.39
CA GLN D 354 18.99 -0.30 65.52
C GLN D 354 19.75 -0.23 64.20
N MET D 355 19.41 -1.08 63.24
CA MET D 355 20.12 -1.10 61.95
C MET D 355 19.60 -0.05 60.97
N TRP D 356 18.49 0.60 61.27
CA TRP D 356 17.96 1.63 60.37
C TRP D 356 18.91 2.81 60.30
N ILE D 357 19.00 3.42 59.11
CA ILE D 357 19.83 4.60 58.89
C ILE D 357 18.94 5.82 59.08
N THR D 358 19.06 6.47 60.23
CA THR D 358 18.23 7.62 60.51
C THR D 358 18.65 8.81 59.67
N LYS D 359 17.72 9.77 59.53
CA LYS D 359 18.01 10.97 58.74
C LYS D 359 19.11 11.81 59.37
N GLN D 360 19.17 11.87 60.70
CA GLN D 360 20.21 12.62 61.37
C GLN D 360 21.59 12.07 61.05
N GLU D 361 21.72 10.74 61.00
CA GLU D 361 23.01 10.13 60.66
C GLU D 361 23.41 10.47 59.22
N TYR D 362 22.45 10.48 58.31
CA TYR D 362 22.76 10.78 56.91
C TYR D 362 23.25 12.22 56.75
N ASP D 363 22.63 13.16 57.48
CA ASP D 363 23.00 14.56 57.34
C ASP D 363 24.43 14.82 57.79
N GLU D 364 24.93 14.05 58.76
CA GLU D 364 26.29 14.18 59.25
C GLU D 364 27.26 13.21 58.57
N ALA D 365 26.78 12.39 57.62
CA ALA D 365 27.64 11.44 56.93
C ALA D 365 27.46 11.42 55.42
N GLY D 366 26.41 12.04 54.89
CA GLY D 366 26.19 12.06 53.46
C GLY D 366 25.63 10.75 52.94
N PRO D 367 25.51 10.65 51.61
CA PRO D 367 24.97 9.41 51.02
C PRO D 367 25.88 8.20 51.14
N SER D 368 27.14 8.40 51.56
CA SER D 368 28.07 7.29 51.69
C SER D 368 27.78 6.40 52.89
N ILE D 369 26.84 6.79 53.76
CA ILE D 369 26.54 6.00 54.95
C ILE D 369 25.91 4.65 54.63
N VAL D 370 25.52 4.43 53.38
CA VAL D 370 24.97 3.14 53.00
C VAL D 370 26.02 2.03 53.15
N HIS D 371 27.30 2.38 53.04
CA HIS D 371 28.36 1.39 53.11
C HIS D 371 28.82 1.06 54.52
N ARG D 372 28.88 2.04 55.42
CA ARG D 372 29.41 1.76 56.75
C ARG D 372 28.48 0.87 57.57
N LYS D 373 27.17 0.95 57.35
CA LYS D 373 26.23 0.13 58.11
C LYS D 373 25.50 -0.90 57.26
N CYS D 374 24.83 -0.48 56.19
CA CYS D 374 24.08 -1.42 55.37
C CYS D 374 25.01 -2.32 54.56
PB ADP E . -20.82 4.15 -41.99
O1B ADP E . -21.80 4.15 -43.12
O2B ADP E . -20.70 2.83 -41.27
O3B ADP E . -20.91 5.32 -41.04
PA ADP E . -19.05 5.31 -43.91
O1A ADP E . -19.04 4.51 -45.19
O2A ADP E . -17.82 6.08 -43.50
O3A ADP E . -19.39 4.30 -42.71
O5' ADP E . -20.25 6.38 -44.01
C5' ADP E . -20.26 7.50 -43.10
C4' ADP E . -20.69 8.79 -43.77
O4' ADP E . -19.58 9.44 -44.39
C3' ADP E . -21.74 8.62 -44.86
O3' ADP E . -23.04 8.96 -44.35
C2' ADP E . -21.35 9.60 -45.95
O2' ADP E . -22.36 10.60 -46.08
C1' ADP E . -20.05 10.24 -45.47
N9 ADP E . -19.06 10.30 -46.58
C8 ADP E . -18.77 9.31 -47.44
N7 ADP E . -17.82 9.69 -48.33
C5 ADP E . -17.49 10.96 -48.03
C6 ADP E . -16.55 11.96 -48.59
N6 ADP E . -15.76 11.68 -49.64
N1 ADP E . -16.51 13.18 -47.98
C2 ADP E . -17.30 13.47 -46.93
N3 ADP E . -18.17 12.60 -46.38
C4 ADP E . -18.31 11.35 -46.89
MG MG F . -18.48 1.83 -39.61
PB ADP G . -17.77 15.86 -0.54
O1B ADP G . -17.82 16.65 -1.82
O2B ADP G . -16.95 16.50 0.56
O3B ADP G . -17.48 14.40 -0.75
PA ADP G . -20.02 14.63 0.67
O1A ADP G . -21.25 15.16 1.36
O2A ADP G . -18.99 13.88 1.46
O3A ADP G . -19.28 15.91 0.01
O5' ADP G . -20.50 13.71 -0.56
C5' ADP G . -20.74 14.21 -1.87
C4' ADP G . -21.11 13.03 -2.77
O4' ADP G . -21.90 12.08 -2.05
C3' ADP G . -21.94 13.45 -3.97
O3' ADP G . -21.13 13.43 -5.15
C2' ADP G . -23.03 12.41 -4.09
O2' ADP G . -22.91 11.73 -5.34
C1' ADP G . -22.82 11.44 -2.95
N9 ADP G . -24.10 11.11 -2.28
C8 ADP G . -24.84 11.94 -1.53
N7 ADP G . -25.96 11.33 -1.07
C5 ADP G . -25.94 10.07 -1.53
C6 ADP G . -26.82 8.88 -1.43
N6 ADP G . -27.97 8.93 -0.70
N1 ADP G . -26.45 7.76 -2.06
C2 ADP G . -25.31 7.71 -2.78
N3 ADP G . -24.47 8.73 -2.92
C4 ADP G . -24.72 9.93 -2.33
MG MG H . -15.84 15.30 3.12
PB ADP I . 18.85 -7.14 -4.52
O1B ADP I . 18.21 -6.11 -3.64
O2B ADP I . 17.87 -8.08 -5.18
O3B ADP I . 20.03 -7.84 -3.89
PA ADP I . 20.55 -5.13 -5.48
O1A ADP I . 21.60 -5.22 -6.56
O2A ADP I . 20.98 -5.22 -4.03
O3A ADP I . 19.48 -6.30 -5.73
O5' ADP I . 19.73 -3.77 -5.70
C5' ADP I . 18.31 -3.74 -5.73
C4' ADP I . 17.82 -2.38 -5.26
O4' ADP I . 18.88 -1.43 -5.22
C3' ADP I . 16.77 -1.80 -6.20
O3' ADP I . 15.47 -1.94 -5.62
C2' ADP I . 17.11 -0.33 -6.34
O2' ADP I . 16.07 0.46 -5.78
C1' ADP I . 18.38 -0.14 -5.53
N9 ADP I . 19.38 0.65 -6.31
C8 ADP I . 20.12 0.19 -7.33
N7 ADP I . 20.94 1.15 -7.82
C5 ADP I . 20.73 2.25 -7.09
C6 ADP I . 21.27 3.64 -7.07
N6 ADP I . 22.21 4.03 -7.95
N1 ADP I . 20.79 4.49 -6.14
C2 ADP I . 19.84 4.10 -5.25
N3 ADP I . 19.31 2.88 -5.22
C4 ADP I . 19.70 1.92 -6.09
MG MG J . 21.51 -8.66 -2.11
PB ADP K . 12.22 -9.28 38.91
O1B ADP K . 11.88 -9.02 37.47
O2B ADP K . 12.25 -8.03 39.77
O3B ADP K . 13.40 -10.18 39.13
PA ADP K . 10.72 -11.68 39.26
O1A ADP K . 9.38 -12.00 39.86
O2A ADP K . 11.94 -12.44 39.72
O3A ADP K . 10.97 -10.10 39.49
O5' ADP K . 10.58 -11.86 37.66
C5' ADP K . 11.74 -12.11 36.87
C4' ADP K . 11.37 -12.69 35.50
O4' ADP K . 10.85 -14.02 35.62
C3' ADP K . 10.30 -11.88 34.79
O3' ADP K . 10.90 -11.01 33.82
C2' ADP K . 9.44 -12.91 34.08
O2' ADP K . 9.60 -12.77 32.66
C1' ADP K . 9.98 -14.27 34.52
N9 ADP K . 8.86 -15.16 34.90
C8 ADP K . 7.85 -14.85 35.73
N7 ADP K . 6.98 -15.89 35.86
C5 ADP K . 7.45 -16.90 35.11
C6 ADP K . 7.03 -18.29 34.79
N6 ADP K . 5.91 -18.82 35.34
N1 ADP K . 7.80 -19.00 33.95
C2 ADP K . 8.92 -18.49 33.41
N3 ADP K . 9.37 -17.24 33.64
C4 ADP K . 8.69 -16.41 34.47
MG MG L . 14.86 -10.05 42.27
#